data_2LXU
#
_entry.id   2LXU
#
_entity_poly.entity_id   1
_entity_poly.type   'polypeptide(L)'
_entity_poly.pdbx_seq_one_letter_code
;SHMGGEGFVVKVRGLPWSCSADEVQRFFSDCKIQNGAQGIRFIYTREGRPSGEAFVELESEDEVKLALKKDRETMGHRYV
EVFKSNNVEMDWVLKHTGPNSPDTANDG
;
_entity_poly.pdbx_strand_id   A
#
# COMPACT_ATOMS: atom_id res chain seq x y z
N SER A 1 10.75 2.93 -12.73
CA SER A 1 10.59 3.76 -11.51
C SER A 1 9.15 4.28 -11.42
N HIS A 2 8.52 4.13 -10.23
CA HIS A 2 7.12 4.54 -9.98
C HIS A 2 6.99 5.11 -8.55
N MET A 3 6.35 6.28 -8.42
CA MET A 3 6.00 6.90 -7.12
C MET A 3 4.56 7.41 -7.22
N GLY A 4 3.75 7.07 -6.22
CA GLY A 4 2.39 7.61 -6.07
C GLY A 4 2.41 9.03 -5.54
N GLY A 5 3.23 9.24 -4.50
CA GLY A 5 3.43 10.56 -3.93
C GLY A 5 4.17 10.51 -2.61
N GLU A 6 4.63 11.68 -2.13
CA GLU A 6 5.29 11.82 -0.83
C GLU A 6 4.24 11.63 0.27
N GLY A 7 4.27 10.47 0.91
CA GLY A 7 3.40 10.15 2.01
C GLY A 7 4.01 9.09 2.91
N PHE A 8 3.36 8.87 4.05
CA PHE A 8 3.75 7.84 5.03
C PHE A 8 3.06 6.50 4.73
N VAL A 9 2.38 6.43 3.58
CA VAL A 9 1.68 5.21 3.12
C VAL A 9 2.53 4.53 2.04
N VAL A 10 2.54 3.19 2.02
CA VAL A 10 2.97 2.40 0.84
C VAL A 10 1.78 1.70 0.17
N LYS A 11 1.97 1.31 -1.10
CA LYS A 11 0.95 0.60 -1.88
C LYS A 11 1.40 -0.85 -2.07
N VAL A 12 0.59 -1.78 -1.61
CA VAL A 12 0.93 -3.20 -1.57
C VAL A 12 0.12 -3.92 -2.65
N ARG A 13 0.80 -4.41 -3.68
CA ARG A 13 0.17 -5.02 -4.87
C ARG A 13 0.70 -6.45 -4.99
N GLY A 14 -0.15 -7.41 -5.37
CA GLY A 14 0.26 -8.83 -5.46
C GLY A 14 -0.09 -9.64 -4.23
N LEU A 15 -1.02 -9.11 -3.43
CA LEU A 15 -1.54 -9.78 -2.24
C LEU A 15 -2.57 -10.85 -2.64
N PRO A 16 -2.55 -12.06 -2.01
CA PRO A 16 -3.58 -13.09 -2.23
C PRO A 16 -4.97 -12.61 -1.73
N TRP A 17 -6.01 -13.05 -2.44
CA TRP A 17 -7.42 -12.80 -2.10
C TRP A 17 -7.78 -13.47 -0.75
N SER A 18 -6.96 -14.46 -0.35
CA SER A 18 -7.16 -15.27 0.86
C SER A 18 -6.47 -14.69 2.11
N CYS A 19 -5.85 -13.49 2.01
CA CYS A 19 -5.12 -12.87 3.15
C CYS A 19 -5.93 -11.74 3.78
N SER A 20 -5.79 -11.60 5.10
CA SER A 20 -6.33 -10.49 5.89
C SER A 20 -5.17 -9.56 6.29
N ALA A 21 -5.52 -8.46 7.01
CA ALA A 21 -4.55 -7.43 7.44
C ALA A 21 -3.38 -8.03 8.28
N ASP A 22 -3.67 -9.12 9.03
CA ASP A 22 -2.65 -9.87 9.83
C ASP A 22 -1.44 -10.31 9.00
N GLU A 23 -1.70 -10.89 7.81
CA GLU A 23 -0.64 -11.41 6.92
C GLU A 23 0.18 -10.26 6.29
N VAL A 24 -0.50 -9.16 5.94
CA VAL A 24 0.13 -7.97 5.33
C VAL A 24 0.99 -7.22 6.37
N GLN A 25 0.51 -7.23 7.62
CA GLN A 25 1.22 -6.61 8.76
C GLN A 25 2.47 -7.43 9.08
N ARG A 26 2.32 -8.75 9.02
CA ARG A 26 3.43 -9.70 9.16
C ARG A 26 4.46 -9.54 8.03
N PHE A 27 3.98 -9.24 6.80
CA PHE A 27 4.87 -8.97 5.64
C PHE A 27 5.74 -7.74 5.91
N PHE A 28 5.12 -6.68 6.45
CA PHE A 28 5.84 -5.45 6.84
C PHE A 28 6.22 -5.48 8.34
N SER A 29 6.64 -6.67 8.83
CA SER A 29 7.07 -6.85 10.24
C SER A 29 8.28 -5.96 10.57
N ASP A 30 9.15 -5.73 9.57
CA ASP A 30 10.36 -4.88 9.69
C ASP A 30 10.04 -3.37 9.59
N CYS A 31 8.74 -3.01 9.53
CA CYS A 31 8.26 -1.63 9.39
C CYS A 31 7.23 -1.31 10.49
N LYS A 32 7.37 -0.12 11.09
CA LYS A 32 6.46 0.39 12.13
C LYS A 32 5.21 0.95 11.43
N ILE A 33 4.16 0.12 11.41
CA ILE A 33 2.90 0.44 10.75
C ILE A 33 2.05 1.34 11.67
N GLN A 34 1.69 2.52 11.13
CA GLN A 34 0.82 3.50 11.83
C GLN A 34 -0.54 2.86 12.15
N ASN A 35 -0.91 2.94 13.44
CA ASN A 35 -2.24 2.54 13.95
C ASN A 35 -2.49 1.02 13.76
N GLY A 36 -1.39 0.25 13.52
CA GLY A 36 -1.45 -1.20 13.32
C GLY A 36 -2.28 -1.61 12.10
N ALA A 37 -3.11 -2.64 12.27
CA ALA A 37 -4.04 -3.14 11.22
C ALA A 37 -5.06 -2.09 10.73
N GLN A 38 -5.26 -1.03 11.53
CA GLN A 38 -6.18 0.08 11.17
C GLN A 38 -5.51 1.02 10.15
N GLY A 39 -4.16 0.98 10.08
CA GLY A 39 -3.40 1.64 9.03
C GLY A 39 -3.45 0.90 7.69
N ILE A 40 -3.78 -0.41 7.75
CA ILE A 40 -3.90 -1.27 6.56
C ILE A 40 -5.36 -1.25 6.05
N ARG A 41 -5.51 -0.97 4.75
CA ARG A 41 -6.83 -0.96 4.05
C ARG A 41 -6.67 -1.54 2.64
N PHE A 42 -7.24 -2.74 2.44
CA PHE A 42 -7.32 -3.37 1.10
C PHE A 42 -8.23 -2.54 0.20
N ILE A 43 -7.86 -2.37 -1.07
CA ILE A 43 -8.72 -1.70 -2.06
C ILE A 43 -9.89 -2.65 -2.40
N TYR A 44 -10.98 -2.54 -1.61
CA TYR A 44 -12.20 -3.33 -1.83
C TYR A 44 -13.05 -2.64 -2.90
N THR A 45 -13.57 -3.44 -3.82
CA THR A 45 -14.42 -2.98 -4.92
C THR A 45 -15.89 -2.84 -4.46
N ARG A 46 -16.79 -2.46 -5.39
CA ARG A 46 -18.25 -2.41 -5.13
C ARG A 46 -18.79 -3.86 -4.94
N GLU A 47 -17.99 -4.87 -5.36
CA GLU A 47 -18.36 -6.29 -5.28
C GLU A 47 -18.03 -6.86 -3.87
N GLY A 48 -17.51 -6.00 -2.97
CA GLY A 48 -17.15 -6.41 -1.60
C GLY A 48 -15.93 -7.33 -1.52
N ARG A 49 -15.11 -7.32 -2.57
CA ARG A 49 -13.92 -8.20 -2.68
C ARG A 49 -12.68 -7.35 -2.98
N PRO A 50 -11.49 -7.68 -2.38
CA PRO A 50 -10.25 -6.89 -2.58
C PRO A 50 -9.65 -7.13 -3.98
N SER A 51 -9.00 -6.10 -4.52
CA SER A 51 -8.36 -6.15 -5.86
C SER A 51 -7.01 -6.95 -5.82
N GLY A 52 -6.65 -7.44 -4.60
CA GLY A 52 -5.34 -8.03 -4.35
C GLY A 52 -4.31 -6.94 -4.01
N GLU A 53 -4.82 -5.71 -3.81
CA GLU A 53 -4.05 -4.53 -3.44
C GLU A 53 -4.52 -3.97 -2.08
N ALA A 54 -3.61 -3.26 -1.40
CA ALA A 54 -3.88 -2.55 -0.13
C ALA A 54 -3.01 -1.29 -0.03
N PHE A 55 -3.36 -0.43 0.93
CA PHE A 55 -2.54 0.69 1.37
C PHE A 55 -2.22 0.54 2.86
N VAL A 56 -0.93 0.46 3.20
CA VAL A 56 -0.43 0.36 4.58
C VAL A 56 0.18 1.70 4.99
N GLU A 57 -0.31 2.29 6.09
CA GLU A 57 0.28 3.50 6.68
C GLU A 57 1.47 3.12 7.56
N LEU A 58 2.43 4.04 7.68
CA LEU A 58 3.67 3.84 8.46
C LEU A 58 3.95 5.10 9.27
N GLU A 59 4.64 4.92 10.41
CA GLU A 59 4.93 5.99 11.38
C GLU A 59 5.88 7.06 10.78
N SER A 60 6.78 6.63 9.89
CA SER A 60 7.86 7.51 9.38
C SER A 60 8.18 7.20 7.90
N GLU A 61 8.73 8.21 7.20
CA GLU A 61 9.16 8.09 5.79
C GLU A 61 10.33 7.08 5.66
N ASP A 62 11.12 6.96 6.74
CA ASP A 62 12.21 5.98 6.82
C ASP A 62 11.64 4.55 6.78
N GLU A 63 10.61 4.34 7.62
CA GLU A 63 9.79 3.10 7.60
C GLU A 63 9.21 2.79 6.21
N VAL A 64 8.78 3.84 5.47
CA VAL A 64 8.27 3.71 4.09
C VAL A 64 9.36 3.10 3.18
N LYS A 65 10.58 3.64 3.30
CA LYS A 65 11.77 3.13 2.58
C LYS A 65 12.11 1.65 2.95
N LEU A 66 11.92 1.29 4.23
CA LEU A 66 12.09 -0.11 4.72
C LEU A 66 11.03 -1.06 4.12
N ALA A 67 9.84 -0.51 3.86
CA ALA A 67 8.78 -1.20 3.11
C ALA A 67 9.18 -1.35 1.63
N LEU A 68 9.73 -0.27 1.05
CA LEU A 68 10.19 -0.20 -0.37
C LEU A 68 11.37 -1.14 -0.65
N LYS A 69 12.20 -1.46 0.38
CA LYS A 69 13.38 -2.34 0.18
C LYS A 69 12.93 -3.81 0.10
N LYS A 70 11.68 -4.07 0.55
CA LYS A 70 11.04 -5.41 0.50
C LYS A 70 10.16 -5.56 -0.77
N ASP A 71 10.12 -4.48 -1.58
CA ASP A 71 9.53 -4.51 -2.94
C ASP A 71 10.27 -5.56 -3.82
N ARG A 72 9.62 -6.74 -3.96
CA ARG A 72 10.09 -7.94 -4.74
C ARG A 72 9.51 -9.20 -4.09
N GLU A 73 9.59 -9.22 -2.75
CA GLU A 73 9.37 -10.41 -1.90
C GLU A 73 7.98 -11.06 -2.14
N THR A 74 7.97 -12.40 -1.99
CA THR A 74 6.79 -13.24 -2.22
C THR A 74 5.96 -13.38 -0.93
N MET A 75 4.69 -12.94 -1.01
CA MET A 75 3.72 -12.99 0.09
C MET A 75 2.48 -13.74 -0.39
N GLY A 76 2.10 -14.80 0.34
CA GLY A 76 0.94 -15.63 0.03
C GLY A 76 1.28 -16.72 -0.98
N HIS A 77 1.91 -16.31 -2.08
CA HIS A 77 2.34 -17.20 -3.17
C HIS A 77 3.05 -16.35 -4.24
N ARG A 78 2.49 -15.16 -4.50
CA ARG A 78 2.91 -14.27 -5.58
C ARG A 78 3.97 -13.26 -5.12
N TYR A 79 4.59 -12.61 -6.11
CA TYR A 79 5.56 -11.52 -5.89
C TYR A 79 4.77 -10.26 -5.56
N VAL A 80 5.25 -9.45 -4.60
CA VAL A 80 4.54 -8.24 -4.15
C VAL A 80 5.33 -6.98 -4.55
N GLU A 81 4.61 -6.05 -5.19
CA GLU A 81 5.12 -4.72 -5.54
C GLU A 81 4.70 -3.71 -4.46
N VAL A 82 5.70 -3.07 -3.86
CA VAL A 82 5.52 -2.07 -2.82
C VAL A 82 5.92 -0.70 -3.43
N PHE A 83 4.92 0.18 -3.59
CA PHE A 83 5.12 1.54 -4.12
C PHE A 83 5.08 2.52 -2.93
N LYS A 84 5.28 3.81 -3.21
CA LYS A 84 5.17 4.86 -2.18
C LYS A 84 3.92 5.69 -2.48
N SER A 85 3.01 5.72 -1.51
CA SER A 85 1.71 6.36 -1.65
C SER A 85 1.60 7.61 -0.78
N ASN A 86 0.84 8.57 -1.29
CA ASN A 86 0.52 9.81 -0.57
C ASN A 86 -0.78 9.57 0.21
N ASN A 87 -1.01 10.34 1.30
CA ASN A 87 -2.29 10.31 2.06
C ASN A 87 -3.47 10.63 1.12
N VAL A 88 -3.20 11.54 0.16
CA VAL A 88 -4.17 11.99 -0.84
C VAL A 88 -4.53 10.83 -1.80
N GLU A 89 -3.50 10.11 -2.29
CA GLU A 89 -3.69 8.99 -3.25
C GLU A 89 -4.43 7.83 -2.56
N MET A 90 -3.90 7.43 -1.39
CA MET A 90 -4.45 6.34 -0.56
C MET A 90 -5.96 6.52 -0.31
N ASP A 91 -6.33 7.71 0.19
CA ASP A 91 -7.73 8.09 0.48
C ASP A 91 -8.62 7.99 -0.78
N TRP A 92 -8.09 8.47 -1.92
CA TRP A 92 -8.85 8.57 -3.18
C TRP A 92 -9.05 7.21 -3.86
N VAL A 93 -8.05 6.31 -3.77
CA VAL A 93 -8.12 5.00 -4.43
C VAL A 93 -8.92 3.98 -3.57
N LEU A 94 -9.02 4.27 -2.25
CA LEU A 94 -9.92 3.52 -1.35
C LEU A 94 -11.39 3.92 -1.63
N LYS A 95 -11.63 5.23 -1.85
CA LYS A 95 -12.98 5.76 -2.17
C LYS A 95 -13.37 5.48 -3.64
N HIS A 96 -12.35 5.47 -4.51
CA HIS A 96 -12.52 5.37 -5.96
C HIS A 96 -11.37 4.52 -6.52
N THR A 97 -11.60 3.20 -6.59
CA THR A 97 -10.60 2.21 -7.06
C THR A 97 -10.09 2.57 -8.48
N GLY A 98 -8.97 3.29 -8.53
CA GLY A 98 -8.38 3.77 -9.77
C GLY A 98 -6.91 4.13 -9.58
N PRO A 99 -5.94 3.39 -10.23
CA PRO A 99 -4.49 3.68 -10.10
C PRO A 99 -4.04 4.92 -10.94
N ASN A 100 -4.99 5.56 -11.65
CA ASN A 100 -4.74 6.75 -12.46
C ASN A 100 -4.47 7.96 -11.53
N SER A 101 -3.21 8.44 -11.56
CA SER A 101 -2.73 9.54 -10.72
C SER A 101 -3.34 10.89 -11.15
N PRO A 102 -3.55 11.86 -10.19
CA PRO A 102 -4.01 13.23 -10.53
C PRO A 102 -2.88 14.07 -11.16
N ASP A 103 -2.53 13.72 -12.40
CA ASP A 103 -1.42 14.33 -13.14
C ASP A 103 -1.77 15.75 -13.60
N THR A 104 -1.16 16.74 -12.95
CA THR A 104 -1.36 18.17 -13.25
C THR A 104 -0.02 18.90 -13.03
N ALA A 105 0.62 19.30 -14.13
CA ALA A 105 1.88 20.07 -14.11
C ALA A 105 1.76 21.26 -15.07
N ASN A 106 0.87 22.21 -14.70
CA ASN A 106 0.70 23.48 -15.42
C ASN A 106 1.97 24.33 -15.23
N ASP A 107 2.93 24.11 -16.13
CA ASP A 107 4.30 24.64 -16.02
C ASP A 107 4.72 25.29 -17.34
N GLY A 108 5.47 26.40 -17.25
CA GLY A 108 5.92 27.14 -18.41
C GLY A 108 6.55 28.47 -17.98
N SER A 1 10.43 8.21 -10.19
CA SER A 1 9.23 9.00 -9.88
C SER A 1 9.69 10.37 -9.32
N HIS A 2 8.73 11.25 -9.00
CA HIS A 2 9.00 12.53 -8.31
C HIS A 2 9.71 12.26 -6.96
N MET A 3 10.95 12.78 -6.83
CA MET A 3 11.77 12.58 -5.61
C MET A 3 11.10 13.26 -4.40
N GLY A 4 11.08 12.54 -3.27
CA GLY A 4 10.56 13.02 -2.01
C GLY A 4 9.10 12.68 -1.85
N GLY A 5 8.27 13.72 -1.68
CA GLY A 5 6.85 13.55 -1.40
C GLY A 5 6.61 13.21 0.06
N GLU A 6 5.62 13.86 0.66
CA GLU A 6 5.29 13.68 2.10
C GLU A 6 4.39 12.44 2.31
N GLY A 7 4.55 11.45 1.41
CA GLY A 7 3.84 10.19 1.50
C GLY A 7 4.44 9.24 2.52
N PHE A 8 3.84 9.21 3.71
CA PHE A 8 4.15 8.25 4.77
C PHE A 8 3.37 6.92 4.54
N VAL A 9 2.64 6.84 3.41
CA VAL A 9 1.89 5.64 3.00
C VAL A 9 2.53 5.04 1.73
N VAL A 10 2.65 3.71 1.68
CA VAL A 10 3.07 2.99 0.46
C VAL A 10 1.88 2.27 -0.18
N LYS A 11 2.10 1.77 -1.41
CA LYS A 11 1.09 1.01 -2.15
C LYS A 11 1.61 -0.39 -2.37
N VAL A 12 0.85 -1.37 -1.93
CA VAL A 12 1.22 -2.77 -1.95
C VAL A 12 0.25 -3.48 -2.89
N ARG A 13 0.77 -4.40 -3.70
CA ARG A 13 -0.06 -5.23 -4.61
C ARG A 13 0.63 -6.57 -4.84
N GLY A 14 -0.15 -7.55 -5.31
CA GLY A 14 0.31 -8.94 -5.38
C GLY A 14 -0.12 -9.73 -4.13
N LEU A 15 -1.11 -9.18 -3.41
CA LEU A 15 -1.71 -9.81 -2.24
C LEU A 15 -2.88 -10.71 -2.70
N PRO A 16 -2.92 -12.02 -2.31
CA PRO A 16 -4.10 -12.89 -2.59
C PRO A 16 -5.40 -12.35 -1.93
N TRP A 17 -6.56 -12.82 -2.41
CA TRP A 17 -7.89 -12.34 -1.95
C TRP A 17 -8.19 -12.84 -0.53
N SER A 18 -7.55 -13.97 -0.16
CA SER A 18 -7.70 -14.58 1.17
C SER A 18 -6.78 -13.90 2.21
N CYS A 19 -5.92 -12.96 1.76
CA CYS A 19 -4.95 -12.27 2.62
C CYS A 19 -5.67 -11.21 3.47
N SER A 20 -5.60 -11.35 4.80
CA SER A 20 -6.25 -10.45 5.75
C SER A 20 -5.22 -9.42 6.27
N ALA A 21 -5.69 -8.45 7.09
CA ALA A 21 -4.83 -7.37 7.65
C ALA A 21 -3.62 -7.92 8.43
N ASP A 22 -3.86 -8.97 9.24
CA ASP A 22 -2.83 -9.64 10.04
C ASP A 22 -1.71 -10.25 9.15
N GLU A 23 -2.09 -10.84 7.99
CA GLU A 23 -1.13 -11.45 7.04
C GLU A 23 -0.10 -10.41 6.54
N VAL A 24 -0.62 -9.23 6.16
CA VAL A 24 0.20 -8.12 5.62
C VAL A 24 1.04 -7.50 6.75
N GLN A 25 0.47 -7.54 7.96
CA GLN A 25 1.09 -7.03 9.19
C GLN A 25 2.36 -7.82 9.53
N ARG A 26 2.28 -9.16 9.41
CA ARG A 26 3.43 -10.04 9.65
C ARG A 26 4.53 -9.84 8.60
N PHE A 27 4.11 -9.62 7.33
CA PHE A 27 5.03 -9.40 6.20
C PHE A 27 5.81 -8.07 6.35
N PHE A 28 5.16 -7.08 6.99
CA PHE A 28 5.78 -5.78 7.30
C PHE A 28 5.91 -5.59 8.83
N SER A 29 6.19 -6.69 9.56
CA SER A 29 6.38 -6.69 11.03
C SER A 29 7.55 -5.76 11.49
N ASP A 30 8.58 -5.59 10.63
CA ASP A 30 9.74 -4.70 10.91
C ASP A 30 9.39 -3.25 10.60
N CYS A 31 8.43 -3.04 9.69
CA CYS A 31 7.88 -1.72 9.38
C CYS A 31 6.89 -1.34 10.48
N LYS A 32 7.08 -0.16 11.07
CA LYS A 32 6.22 0.36 12.13
C LYS A 32 4.96 0.95 11.47
N ILE A 33 3.97 0.06 11.27
CA ILE A 33 2.71 0.40 10.61
C ILE A 33 1.81 1.17 11.59
N GLN A 34 1.23 2.29 11.11
CA GLN A 34 0.33 3.16 11.89
C GLN A 34 -0.87 2.34 12.41
N ASN A 35 -1.01 2.26 13.75
CA ASN A 35 -2.13 1.56 14.43
C ASN A 35 -2.14 0.04 14.12
N GLY A 36 -0.96 -0.49 13.74
CA GLY A 36 -0.81 -1.90 13.38
C GLY A 36 -1.61 -2.27 12.16
N ALA A 37 -2.37 -3.39 12.26
CA ALA A 37 -3.22 -3.92 11.16
C ALA A 37 -4.33 -2.94 10.74
N GLN A 38 -4.60 -1.90 11.57
CA GLN A 38 -5.60 -0.85 11.28
C GLN A 38 -5.07 0.22 10.31
N GLY A 39 -3.75 0.20 10.05
CA GLY A 39 -3.13 1.05 9.03
C GLY A 39 -2.83 0.29 7.74
N ILE A 40 -3.73 -0.65 7.40
CA ILE A 40 -3.68 -1.44 6.16
C ILE A 40 -5.03 -1.32 5.45
N ARG A 41 -5.02 -0.72 4.24
CA ARG A 41 -6.25 -0.32 3.53
C ARG A 41 -6.39 -1.09 2.22
N PHE A 42 -7.11 -2.23 2.27
CA PHE A 42 -7.36 -3.04 1.08
C PHE A 42 -8.35 -2.32 0.17
N ILE A 43 -7.99 -2.16 -1.12
CA ILE A 43 -8.86 -1.57 -2.11
C ILE A 43 -9.95 -2.59 -2.46
N TYR A 44 -11.03 -2.59 -1.66
CA TYR A 44 -12.18 -3.48 -1.86
C TYR A 44 -13.01 -3.01 -3.06
N THR A 45 -13.63 -3.96 -3.74
CA THR A 45 -14.50 -3.70 -4.87
C THR A 45 -15.96 -3.63 -4.39
N ARG A 46 -16.89 -3.37 -5.33
CA ARG A 46 -18.34 -3.35 -5.03
C ARG A 46 -18.89 -4.76 -4.70
N GLU A 47 -18.06 -5.80 -4.92
CA GLU A 47 -18.40 -7.21 -4.62
C GLU A 47 -17.81 -7.63 -3.25
N GLY A 48 -17.11 -6.68 -2.58
CA GLY A 48 -16.55 -6.91 -1.24
C GLY A 48 -15.28 -7.76 -1.24
N ARG A 49 -14.52 -7.71 -2.34
CA ARG A 49 -13.27 -8.48 -2.51
C ARG A 49 -12.15 -7.50 -2.89
N PRO A 50 -10.94 -7.56 -2.24
CA PRO A 50 -9.82 -6.64 -2.57
C PRO A 50 -9.28 -6.88 -4.00
N SER A 51 -8.70 -5.83 -4.60
CA SER A 51 -8.11 -5.90 -5.96
C SER A 51 -6.72 -6.57 -5.93
N GLY A 52 -6.33 -7.09 -4.75
CA GLY A 52 -4.99 -7.60 -4.52
C GLY A 52 -4.04 -6.51 -4.01
N GLU A 53 -4.60 -5.29 -3.86
CA GLU A 53 -3.87 -4.09 -3.44
C GLU A 53 -4.31 -3.65 -2.03
N ALA A 54 -3.35 -3.09 -1.28
CA ALA A 54 -3.57 -2.47 0.03
C ALA A 54 -2.60 -1.28 0.22
N PHE A 55 -3.02 -0.26 0.94
CA PHE A 55 -2.18 0.90 1.28
C PHE A 55 -1.71 0.74 2.73
N VAL A 56 -0.40 0.62 2.93
CA VAL A 56 0.19 0.46 4.27
C VAL A 56 0.69 1.82 4.78
N GLU A 57 0.00 2.34 5.81
CA GLU A 57 0.33 3.59 6.49
C GLU A 57 1.50 3.33 7.43
N LEU A 58 2.47 4.24 7.46
CA LEU A 58 3.76 4.02 8.13
C LEU A 58 4.15 5.28 8.93
N GLU A 59 4.66 5.06 10.16
CA GLU A 59 4.85 6.14 11.17
C GLU A 59 5.96 7.15 10.79
N SER A 60 6.78 6.83 9.78
CA SER A 60 7.74 7.76 9.18
C SER A 60 8.15 7.28 7.79
N GLU A 61 8.92 8.13 7.09
CA GLU A 61 9.49 7.83 5.77
C GLU A 61 10.59 6.72 5.91
N ASP A 62 11.16 6.55 7.12
CA ASP A 62 12.09 5.42 7.40
C ASP A 62 11.38 4.07 7.19
N GLU A 63 10.17 3.99 7.75
CA GLU A 63 9.28 2.83 7.54
C GLU A 63 8.86 2.67 6.07
N VAL A 64 8.73 3.79 5.32
CA VAL A 64 8.48 3.76 3.86
C VAL A 64 9.65 3.08 3.13
N LYS A 65 10.89 3.42 3.52
CA LYS A 65 12.13 2.75 3.04
C LYS A 65 12.05 1.23 3.30
N LEU A 66 11.69 0.85 4.56
CA LEU A 66 11.53 -0.55 5.00
C LEU A 66 10.47 -1.31 4.19
N ALA A 67 9.42 -0.59 3.81
CA ALA A 67 8.32 -1.12 2.99
C ALA A 67 8.82 -1.38 1.56
N LEU A 68 9.57 -0.40 1.01
CA LEU A 68 10.21 -0.46 -0.33
C LEU A 68 11.30 -1.55 -0.40
N LYS A 69 11.74 -2.09 0.74
CA LYS A 69 12.65 -3.27 0.76
C LYS A 69 11.92 -4.53 0.25
N LYS A 70 10.58 -4.53 0.35
CA LYS A 70 9.73 -5.65 -0.11
C LYS A 70 9.33 -5.50 -1.59
N ASP A 71 9.79 -4.39 -2.23
CA ASP A 71 9.73 -4.14 -3.71
C ASP A 71 9.85 -5.38 -4.65
N ARG A 72 10.49 -6.47 -4.17
CA ARG A 72 10.61 -7.73 -4.94
C ARG A 72 10.49 -8.98 -4.05
N GLU A 73 10.43 -8.79 -2.71
CA GLU A 73 10.21 -9.88 -1.74
C GLU A 73 8.89 -10.65 -2.02
N THR A 74 8.93 -11.96 -1.80
CA THR A 74 7.81 -12.89 -2.03
C THR A 74 7.01 -13.15 -0.74
N MET A 75 5.70 -12.85 -0.81
CA MET A 75 4.73 -13.16 0.24
C MET A 75 3.93 -14.41 -0.16
N GLY A 76 4.11 -15.50 0.60
CA GLY A 76 3.46 -16.79 0.33
C GLY A 76 3.96 -17.45 -0.95
N HIS A 77 3.30 -17.14 -2.08
CA HIS A 77 3.59 -17.72 -3.41
C HIS A 77 3.73 -16.60 -4.47
N ARG A 78 3.46 -15.35 -4.06
CA ARG A 78 3.39 -14.20 -4.98
C ARG A 78 4.45 -13.17 -4.63
N TYR A 79 4.85 -12.40 -5.64
CA TYR A 79 5.73 -11.23 -5.48
C TYR A 79 4.90 -10.01 -5.03
N VAL A 80 5.47 -9.17 -4.17
CA VAL A 80 4.81 -7.96 -3.66
C VAL A 80 5.46 -6.70 -4.27
N GLU A 81 4.66 -5.88 -4.98
CA GLU A 81 5.13 -4.62 -5.57
C GLU A 81 4.78 -3.49 -4.59
N VAL A 82 5.81 -2.74 -4.14
CA VAL A 82 5.64 -1.64 -3.16
C VAL A 82 6.09 -0.31 -3.78
N PHE A 83 5.18 0.69 -3.84
CA PHE A 83 5.45 2.02 -4.45
C PHE A 83 5.29 3.15 -3.41
N LYS A 84 6.06 4.23 -3.59
CA LYS A 84 5.85 5.50 -2.88
C LYS A 84 4.48 6.09 -3.26
N SER A 85 3.61 6.20 -2.26
CA SER A 85 2.27 6.77 -2.40
C SER A 85 2.09 7.89 -1.38
N ASN A 86 0.85 8.17 -0.98
CA ASN A 86 0.52 9.15 0.06
C ASN A 86 -0.92 8.93 0.55
N ASN A 87 -1.30 9.68 1.60
CA ASN A 87 -2.65 9.67 2.19
C ASN A 87 -3.68 10.18 1.17
N VAL A 88 -3.23 11.11 0.28
CA VAL A 88 -4.07 11.77 -0.71
C VAL A 88 -4.57 10.75 -1.76
N GLU A 89 -3.64 9.93 -2.26
CA GLU A 89 -3.92 8.85 -3.23
C GLU A 89 -4.80 7.78 -2.59
N MET A 90 -4.41 7.37 -1.38
CA MET A 90 -5.13 6.35 -0.57
C MET A 90 -6.61 6.72 -0.43
N ASP A 91 -6.85 8.01 -0.13
CA ASP A 91 -8.20 8.56 0.06
C ASP A 91 -9.00 8.55 -1.27
N TRP A 92 -8.35 8.99 -2.38
CA TRP A 92 -8.98 9.06 -3.72
C TRP A 92 -9.43 7.67 -4.22
N VAL A 93 -8.59 6.66 -4.00
CA VAL A 93 -8.82 5.29 -4.51
C VAL A 93 -9.80 4.52 -3.59
N LEU A 94 -9.91 4.94 -2.31
CA LEU A 94 -10.91 4.38 -1.38
C LEU A 94 -12.30 5.07 -1.57
N LYS A 95 -12.30 6.31 -2.11
CA LYS A 95 -13.55 7.01 -2.52
C LYS A 95 -14.02 6.49 -3.88
N HIS A 96 -13.06 6.25 -4.76
CA HIS A 96 -13.28 5.89 -6.17
C HIS A 96 -12.24 4.82 -6.55
N THR A 97 -12.61 3.54 -6.36
CA THR A 97 -11.76 2.38 -6.72
C THR A 97 -11.55 2.32 -8.26
N GLY A 98 -10.54 3.07 -8.71
CA GLY A 98 -10.21 3.20 -10.12
C GLY A 98 -9.44 4.48 -10.39
N PRO A 99 -10.15 5.65 -10.61
CA PRO A 99 -9.50 6.93 -10.95
C PRO A 99 -8.60 7.48 -9.82
N ASN A 100 -7.31 7.13 -9.91
CA ASN A 100 -6.27 7.73 -9.07
C ASN A 100 -5.95 9.12 -9.63
N SER A 101 -6.06 10.15 -8.77
CA SER A 101 -6.00 11.58 -9.16
C SER A 101 -7.16 11.87 -10.15
N PRO A 102 -8.38 12.31 -9.63
CA PRO A 102 -9.61 12.46 -10.44
C PRO A 102 -9.41 13.26 -11.74
N ASP A 103 -9.10 12.54 -12.82
CA ASP A 103 -9.11 13.06 -14.18
C ASP A 103 -10.40 12.56 -14.84
N THR A 104 -11.11 13.47 -15.51
CA THR A 104 -12.39 13.21 -16.19
C THR A 104 -12.40 11.95 -17.10
N ALA A 105 -11.22 11.57 -17.64
CA ALA A 105 -11.07 10.37 -18.49
C ALA A 105 -10.92 9.10 -17.64
N ASN A 106 -10.72 7.95 -18.30
CA ASN A 106 -10.59 6.63 -17.63
C ASN A 106 -9.11 6.23 -17.45
N ASP A 107 -8.86 5.35 -16.45
CA ASP A 107 -7.51 4.84 -16.09
C ASP A 107 -6.62 5.97 -15.55
N GLY A 108 -6.58 6.08 -14.22
CA GLY A 108 -5.78 7.10 -13.52
C GLY A 108 -4.28 6.78 -13.52
N SER A 1 -2.42 16.37 -8.40
CA SER A 1 -2.97 15.60 -7.27
C SER A 1 -1.87 14.96 -6.38
N HIS A 2 -0.59 15.00 -6.83
CA HIS A 2 0.54 14.56 -6.00
C HIS A 2 1.14 15.76 -5.27
N MET A 3 1.48 15.57 -3.99
CA MET A 3 2.19 16.58 -3.19
C MET A 3 3.71 16.37 -3.32
N GLY A 4 4.14 15.12 -3.10
CA GLY A 4 5.55 14.77 -3.02
C GLY A 4 6.15 15.19 -1.67
N GLY A 5 5.39 14.91 -0.58
CA GLY A 5 5.81 15.22 0.79
C GLY A 5 6.60 14.08 1.41
N GLU A 6 6.23 13.67 2.64
CA GLU A 6 6.80 12.48 3.29
C GLU A 6 6.32 11.21 2.58
N GLY A 7 4.99 11.13 2.37
CA GLY A 7 4.35 9.95 1.78
C GLY A 7 4.49 8.73 2.68
N PHE A 8 3.87 8.81 3.88
CA PHE A 8 3.92 7.75 4.92
C PHE A 8 3.29 6.42 4.42
N VAL A 9 2.41 6.53 3.43
CA VAL A 9 1.69 5.39 2.86
C VAL A 9 2.44 4.84 1.63
N VAL A 10 2.59 3.51 1.58
CA VAL A 10 3.08 2.80 0.38
C VAL A 10 1.91 2.10 -0.33
N LYS A 11 2.12 1.71 -1.60
CA LYS A 11 1.14 0.94 -2.37
C LYS A 11 1.70 -0.47 -2.52
N VAL A 12 0.91 -1.46 -2.15
CA VAL A 12 1.30 -2.86 -2.12
C VAL A 12 0.40 -3.64 -3.09
N ARG A 13 0.99 -4.60 -3.82
CA ARG A 13 0.26 -5.52 -4.71
C ARG A 13 0.98 -6.87 -4.74
N GLY A 14 0.30 -7.89 -5.28
CA GLY A 14 0.81 -9.27 -5.26
C GLY A 14 0.47 -9.97 -3.95
N LEU A 15 -0.52 -9.39 -3.25
CA LEU A 15 -1.09 -9.96 -2.02
C LEU A 15 -1.85 -11.27 -2.34
N PRO A 16 -2.00 -12.21 -1.35
CA PRO A 16 -2.90 -13.37 -1.50
C PRO A 16 -4.37 -12.92 -1.68
N TRP A 17 -5.14 -13.75 -2.38
CA TRP A 17 -6.60 -13.56 -2.62
C TRP A 17 -7.38 -13.42 -1.29
N SER A 18 -6.88 -14.08 -0.24
CA SER A 18 -7.49 -14.12 1.10
C SER A 18 -6.74 -13.20 2.10
N CYS A 19 -6.05 -12.15 1.57
CA CYS A 19 -5.21 -11.22 2.35
C CYS A 19 -5.96 -10.61 3.55
N SER A 20 -5.45 -10.89 4.75
CA SER A 20 -5.95 -10.33 6.00
C SER A 20 -4.97 -9.25 6.46
N ALA A 21 -5.46 -8.26 7.21
CA ALA A 21 -4.61 -7.20 7.80
C ALA A 21 -3.52 -7.82 8.70
N ASP A 22 -3.90 -8.87 9.48
CA ASP A 22 -2.96 -9.72 10.25
C ASP A 22 -1.76 -10.20 9.41
N GLU A 23 -2.05 -10.73 8.22
CA GLU A 23 -1.03 -11.29 7.30
C GLU A 23 -0.07 -10.18 6.80
N VAL A 24 -0.63 -8.99 6.51
CA VAL A 24 0.14 -7.81 6.04
C VAL A 24 1.04 -7.29 7.18
N GLN A 25 0.53 -7.38 8.42
CA GLN A 25 1.24 -6.97 9.65
C GLN A 25 2.47 -7.85 9.87
N ARG A 26 2.27 -9.19 9.82
CA ARG A 26 3.36 -10.15 10.04
C ARG A 26 4.39 -10.09 8.89
N PHE A 27 3.91 -9.87 7.65
CA PHE A 27 4.78 -9.74 6.46
C PHE A 27 5.68 -8.49 6.58
N PHE A 28 5.09 -7.36 7.02
CA PHE A 28 5.80 -6.11 7.29
C PHE A 28 6.08 -5.97 8.81
N SER A 29 6.36 -7.09 9.52
CA SER A 29 6.67 -7.04 10.98
C SER A 29 7.93 -6.20 11.27
N ASP A 30 8.81 -6.08 10.27
CA ASP A 30 9.96 -5.16 10.29
C ASP A 30 9.48 -3.68 10.24
N CYS A 31 8.56 -3.40 9.32
CA CYS A 31 8.03 -2.04 9.11
C CYS A 31 6.97 -1.70 10.17
N LYS A 32 7.11 -0.53 10.81
CA LYS A 32 6.16 -0.04 11.80
C LYS A 32 4.93 0.55 11.08
N ILE A 33 3.94 -0.32 10.87
CA ILE A 33 2.67 0.06 10.25
C ILE A 33 1.89 0.95 11.23
N GLN A 34 1.76 2.24 10.89
CA GLN A 34 1.07 3.24 11.71
C GLN A 34 -0.42 2.88 11.86
N ASN A 35 -0.90 2.98 13.12
CA ASN A 35 -2.29 2.64 13.50
C ASN A 35 -2.59 1.12 13.33
N GLY A 36 -1.53 0.33 13.07
CA GLY A 36 -1.63 -1.12 12.89
C GLY A 36 -2.53 -1.50 11.71
N ALA A 37 -3.50 -2.39 11.98
CA ALA A 37 -4.51 -2.83 10.99
C ALA A 37 -5.34 -1.67 10.43
N GLN A 38 -5.48 -0.59 11.23
CA GLN A 38 -6.22 0.62 10.83
C GLN A 38 -5.46 1.46 9.80
N GLY A 39 -4.12 1.24 9.72
CA GLY A 39 -3.31 1.84 8.66
C GLY A 39 -3.36 1.05 7.36
N ILE A 40 -3.69 -0.25 7.44
CA ILE A 40 -3.77 -1.14 6.27
C ILE A 40 -5.15 -0.99 5.60
N ARG A 41 -5.13 -0.56 4.33
CA ARG A 41 -6.35 -0.21 3.58
C ARG A 41 -6.41 -0.97 2.26
N PHE A 42 -7.11 -2.12 2.26
CA PHE A 42 -7.29 -2.95 1.06
C PHE A 42 -8.25 -2.25 0.10
N ILE A 43 -7.90 -2.24 -1.19
CA ILE A 43 -8.76 -1.70 -2.23
C ILE A 43 -9.90 -2.70 -2.51
N TYR A 44 -11.03 -2.51 -1.81
CA TYR A 44 -12.24 -3.31 -2.04
C TYR A 44 -13.01 -2.68 -3.20
N THR A 45 -13.47 -3.52 -4.13
CA THR A 45 -14.22 -3.10 -5.32
C THR A 45 -15.74 -3.09 -5.03
N ARG A 46 -16.57 -2.92 -6.08
CA ARG A 46 -18.04 -2.77 -5.95
C ARG A 46 -18.73 -4.04 -5.38
N GLU A 47 -18.04 -5.19 -5.45
CA GLU A 47 -18.57 -6.49 -4.97
C GLU A 47 -17.90 -6.87 -3.63
N GLY A 48 -17.15 -5.90 -3.02
CA GLY A 48 -16.46 -6.13 -1.74
C GLY A 48 -15.26 -7.05 -1.89
N ARG A 49 -14.62 -6.98 -3.07
CA ARG A 49 -13.54 -7.88 -3.47
C ARG A 49 -12.18 -7.20 -3.28
N PRO A 50 -11.22 -7.82 -2.52
CA PRO A 50 -9.81 -7.36 -2.48
C PRO A 50 -9.20 -7.38 -3.89
N SER A 51 -8.80 -6.19 -4.38
CA SER A 51 -8.34 -6.00 -5.78
C SER A 51 -6.83 -6.36 -5.92
N GLY A 52 -6.29 -7.11 -4.94
CA GLY A 52 -4.89 -7.53 -4.95
C GLY A 52 -3.95 -6.49 -4.32
N GLU A 53 -4.45 -5.25 -4.22
CA GLU A 53 -3.69 -4.08 -3.77
C GLU A 53 -4.21 -3.57 -2.41
N ALA A 54 -3.30 -2.98 -1.63
CA ALA A 54 -3.59 -2.34 -0.34
C ALA A 54 -2.63 -1.18 -0.11
N PHE A 55 -3.06 -0.20 0.68
CA PHE A 55 -2.25 0.95 1.08
C PHE A 55 -1.85 0.77 2.55
N VAL A 56 -0.57 0.52 2.77
CA VAL A 56 -0.01 0.28 4.10
C VAL A 56 0.58 1.58 4.62
N GLU A 57 -0.07 2.15 5.64
CA GLU A 57 0.35 3.38 6.30
C GLU A 57 1.48 3.06 7.27
N LEU A 58 2.53 3.89 7.27
CA LEU A 58 3.77 3.63 8.04
C LEU A 58 4.09 4.84 8.93
N GLU A 59 4.71 4.58 10.09
CA GLU A 59 4.89 5.57 11.17
C GLU A 59 5.87 6.71 10.78
N SER A 60 6.69 6.46 9.76
CA SER A 60 7.59 7.47 9.20
C SER A 60 8.02 7.10 7.78
N GLU A 61 8.68 8.07 7.13
CA GLU A 61 9.29 7.89 5.79
C GLU A 61 10.43 6.84 5.86
N ASP A 62 11.02 6.65 7.06
CA ASP A 62 12.07 5.64 7.32
C ASP A 62 11.51 4.23 7.03
N GLU A 63 10.37 3.92 7.66
CA GLU A 63 9.61 2.68 7.40
C GLU A 63 9.15 2.55 5.94
N VAL A 64 8.85 3.69 5.29
CA VAL A 64 8.50 3.70 3.85
C VAL A 64 9.66 3.15 3.01
N LYS A 65 10.88 3.67 3.27
CA LYS A 65 12.12 3.17 2.64
C LYS A 65 12.27 1.65 2.77
N LEU A 66 12.00 1.12 3.99
CA LEU A 66 12.10 -0.33 4.30
C LEU A 66 11.08 -1.15 3.47
N ALA A 67 9.82 -0.65 3.45
CA ALA A 67 8.71 -1.26 2.67
C ALA A 67 9.04 -1.31 1.16
N LEU A 68 9.57 -0.20 0.63
CA LEU A 68 10.02 -0.08 -0.78
C LEU A 68 11.10 -1.10 -1.11
N LYS A 69 12.01 -1.35 -0.15
CA LYS A 69 13.12 -2.31 -0.30
C LYS A 69 12.59 -3.78 -0.33
N LYS A 70 11.37 -3.98 0.17
CA LYS A 70 10.70 -5.32 0.22
C LYS A 70 9.83 -5.57 -1.04
N ASP A 71 10.05 -4.79 -2.12
CA ASP A 71 9.31 -4.94 -3.40
C ASP A 71 9.59 -6.27 -4.19
N ARG A 72 10.04 -7.34 -3.52
CA ARG A 72 10.23 -8.67 -4.15
C ARG A 72 9.85 -9.81 -3.18
N GLU A 73 9.89 -9.51 -1.84
CA GLU A 73 9.49 -10.44 -0.76
C GLU A 73 8.14 -11.14 -1.06
N THR A 74 8.12 -12.45 -0.83
CA THR A 74 6.96 -13.30 -1.12
C THR A 74 6.02 -13.41 0.09
N MET A 75 4.71 -13.21 -0.17
CA MET A 75 3.64 -13.29 0.84
C MET A 75 2.53 -14.22 0.32
N GLY A 76 2.24 -15.27 1.10
CA GLY A 76 1.26 -16.29 0.75
C GLY A 76 1.83 -17.27 -0.27
N HIS A 77 1.95 -16.82 -1.53
CA HIS A 77 2.56 -17.57 -2.65
C HIS A 77 3.28 -16.61 -3.60
N ARG A 78 2.71 -15.42 -3.80
CA ARG A 78 3.14 -14.46 -4.83
C ARG A 78 4.26 -13.53 -4.34
N TYR A 79 4.88 -12.83 -5.32
CA TYR A 79 5.84 -11.75 -5.06
C TYR A 79 5.04 -10.47 -4.74
N VAL A 80 5.47 -9.71 -3.72
CA VAL A 80 4.81 -8.47 -3.33
C VAL A 80 5.59 -7.29 -3.90
N GLU A 81 4.92 -6.54 -4.77
CA GLU A 81 5.46 -5.37 -5.48
C GLU A 81 5.01 -4.10 -4.74
N VAL A 82 5.97 -3.28 -4.29
CA VAL A 82 5.72 -2.11 -3.43
C VAL A 82 6.17 -0.81 -4.14
N PHE A 83 5.23 0.12 -4.28
CA PHE A 83 5.45 1.48 -4.80
C PHE A 83 5.26 2.46 -3.63
N LYS A 84 5.43 3.75 -3.87
CA LYS A 84 5.24 4.78 -2.85
C LYS A 84 4.03 5.63 -3.23
N SER A 85 3.17 5.91 -2.23
CA SER A 85 1.93 6.68 -2.41
C SER A 85 1.81 7.71 -1.27
N ASN A 86 0.58 8.06 -0.87
CA ASN A 86 0.34 9.12 0.13
C ASN A 86 -1.03 8.90 0.83
N ASN A 87 -1.28 9.65 1.92
CA ASN A 87 -2.58 9.63 2.65
C ASN A 87 -3.75 10.08 1.73
N VAL A 88 -3.43 11.03 0.82
CA VAL A 88 -4.36 11.56 -0.20
C VAL A 88 -4.75 10.44 -1.19
N GLU A 89 -3.74 9.65 -1.57
CA GLU A 89 -3.89 8.51 -2.49
C GLU A 89 -4.81 7.44 -1.88
N MET A 90 -4.49 7.06 -0.62
CA MET A 90 -5.27 6.09 0.16
C MET A 90 -6.75 6.50 0.25
N ASP A 91 -6.95 7.77 0.67
CA ASP A 91 -8.28 8.35 0.94
C ASP A 91 -9.14 8.33 -0.32
N TRP A 92 -8.52 8.75 -1.44
CA TRP A 92 -9.11 8.85 -2.78
C TRP A 92 -9.77 7.51 -3.19
N VAL A 93 -8.98 6.44 -3.07
CA VAL A 93 -9.37 5.08 -3.48
C VAL A 93 -10.44 4.47 -2.54
N LEU A 94 -10.39 4.82 -1.24
CA LEU A 94 -11.40 4.36 -0.27
C LEU A 94 -12.78 5.01 -0.53
N LYS A 95 -12.76 6.22 -1.11
CA LYS A 95 -13.98 6.97 -1.48
C LYS A 95 -14.75 6.30 -2.63
N HIS A 96 -14.03 5.50 -3.45
CA HIS A 96 -14.61 4.76 -4.59
C HIS A 96 -13.55 3.81 -5.17
N THR A 97 -12.55 4.40 -5.84
CA THR A 97 -11.40 3.69 -6.46
C THR A 97 -10.50 4.73 -7.16
N GLY A 98 -9.55 4.25 -7.99
CA GLY A 98 -8.79 5.11 -8.90
C GLY A 98 -7.52 5.68 -8.28
N PRO A 99 -6.50 4.82 -7.94
CA PRO A 99 -5.19 5.32 -7.48
C PRO A 99 -4.50 6.12 -8.59
N ASN A 100 -4.27 7.41 -8.30
CA ASN A 100 -3.69 8.37 -9.26
C ASN A 100 -2.25 7.97 -9.60
N SER A 101 -1.45 7.71 -8.54
CA SER A 101 -0.06 7.22 -8.63
C SER A 101 0.82 8.15 -9.49
N PRO A 102 1.53 9.15 -8.85
CA PRO A 102 2.39 10.11 -9.60
C PRO A 102 3.46 9.42 -10.47
N ASP A 103 3.86 8.19 -10.04
CA ASP A 103 4.94 7.41 -10.66
C ASP A 103 6.21 8.29 -10.71
N THR A 104 6.61 8.72 -9.49
CA THR A 104 7.63 9.77 -9.30
C THR A 104 9.00 9.33 -9.85
N ALA A 105 9.20 9.67 -11.14
CA ALA A 105 10.40 9.29 -11.92
C ALA A 105 10.81 10.46 -12.83
N ASN A 106 10.45 11.69 -12.41
CA ASN A 106 10.79 12.92 -13.14
C ASN A 106 12.28 13.23 -12.91
N ASP A 107 13.13 12.70 -13.82
CA ASP A 107 14.62 12.68 -13.72
C ASP A 107 15.09 11.81 -12.53
N GLY A 108 16.41 11.77 -12.30
CA GLY A 108 17.00 11.02 -11.19
C GLY A 108 18.26 11.71 -10.68
N SER A 1 11.97 10.86 -7.58
CA SER A 1 10.88 10.29 -6.76
C SER A 1 9.84 11.40 -6.52
N HIS A 2 8.64 11.24 -7.10
CA HIS A 2 7.56 12.24 -6.99
C HIS A 2 7.05 12.31 -5.53
N MET A 3 7.50 13.34 -4.82
CA MET A 3 7.09 13.60 -3.45
C MET A 3 5.99 14.67 -3.49
N GLY A 4 4.73 14.21 -3.66
CA GLY A 4 3.56 15.09 -3.70
C GLY A 4 3.34 15.83 -2.40
N GLY A 5 3.50 15.10 -1.29
CA GLY A 5 3.35 15.64 0.05
C GLY A 5 3.76 14.64 1.10
N GLU A 6 3.95 15.11 2.34
CA GLU A 6 4.26 14.25 3.50
C GLU A 6 3.05 13.37 3.83
N GLY A 7 3.11 12.13 3.34
CA GLY A 7 2.15 11.08 3.63
C GLY A 7 2.85 9.75 3.48
N PHE A 8 3.24 9.16 4.60
CA PHE A 8 4.08 7.94 4.63
C PHE A 8 3.21 6.69 4.42
N VAL A 9 2.69 6.56 3.20
CA VAL A 9 1.83 5.46 2.79
C VAL A 9 2.44 4.84 1.52
N VAL A 10 2.53 3.51 1.47
CA VAL A 10 2.95 2.79 0.26
C VAL A 10 1.76 2.08 -0.41
N LYS A 11 1.94 1.75 -1.69
CA LYS A 11 0.97 1.05 -2.52
C LYS A 11 1.51 -0.36 -2.77
N VAL A 12 0.78 -1.33 -2.27
CA VAL A 12 1.20 -2.72 -2.16
C VAL A 12 0.31 -3.57 -3.07
N ARG A 13 0.90 -4.49 -3.82
CA ARG A 13 0.16 -5.39 -4.73
C ARG A 13 0.86 -6.73 -4.89
N GLY A 14 0.11 -7.72 -5.39
CA GLY A 14 0.53 -9.11 -5.44
C GLY A 14 0.06 -9.89 -4.22
N LEU A 15 -0.89 -9.30 -3.47
CA LEU A 15 -1.46 -9.89 -2.25
C LEU A 15 -2.58 -10.88 -2.65
N PRO A 16 -2.64 -12.11 -2.02
CA PRO A 16 -3.78 -13.03 -2.21
C PRO A 16 -5.11 -12.42 -1.68
N TRP A 17 -6.22 -12.85 -2.27
CA TRP A 17 -7.59 -12.39 -1.95
C TRP A 17 -8.04 -12.89 -0.57
N SER A 18 -7.38 -13.95 -0.09
CA SER A 18 -7.65 -14.56 1.21
C SER A 18 -6.72 -13.98 2.32
N CYS A 19 -5.97 -12.89 2.00
CA CYS A 19 -5.06 -12.25 2.95
C CYS A 19 -5.80 -11.21 3.80
N SER A 20 -5.55 -11.25 5.12
CA SER A 20 -6.07 -10.27 6.08
C SER A 20 -4.94 -9.33 6.52
N ALA A 21 -5.31 -8.25 7.24
CA ALA A 21 -4.38 -7.21 7.72
C ALA A 21 -3.21 -7.80 8.53
N ASP A 22 -3.52 -8.79 9.40
CA ASP A 22 -2.52 -9.54 10.21
C ASP A 22 -1.36 -10.06 9.34
N GLU A 23 -1.70 -10.69 8.22
CA GLU A 23 -0.73 -11.36 7.31
C GLU A 23 0.15 -10.33 6.57
N VAL A 24 -0.43 -9.17 6.25
CA VAL A 24 0.30 -8.04 5.63
C VAL A 24 1.20 -7.36 6.69
N GLN A 25 0.76 -7.38 7.99
CA GLN A 25 1.56 -6.87 9.13
C GLN A 25 2.80 -7.76 9.34
N ARG A 26 2.61 -9.09 9.17
CA ARG A 26 3.71 -10.08 9.23
C ARG A 26 4.78 -9.78 8.16
N PHE A 27 4.32 -9.52 6.92
CA PHE A 27 5.24 -9.20 5.81
C PHE A 27 6.00 -7.89 6.09
N PHE A 28 5.26 -6.87 6.55
CA PHE A 28 5.82 -5.55 6.92
C PHE A 28 6.12 -5.48 8.43
N SER A 29 6.59 -6.62 9.00
CA SER A 29 6.96 -6.73 10.44
C SER A 29 8.09 -5.75 10.82
N ASP A 30 9.03 -5.50 9.89
CA ASP A 30 10.14 -4.54 10.11
C ASP A 30 9.59 -3.11 10.16
N CYS A 31 8.58 -2.86 9.31
CA CYS A 31 7.87 -1.59 9.26
C CYS A 31 6.95 -1.44 10.50
N LYS A 32 6.31 -0.28 10.64
CA LYS A 32 5.40 0.04 11.75
C LYS A 32 4.17 0.72 11.16
N ILE A 33 3.14 -0.10 10.97
CA ILE A 33 1.92 0.29 10.27
C ILE A 33 1.11 1.24 11.18
N GLN A 34 0.91 2.48 10.70
CA GLN A 34 0.16 3.51 11.44
C GLN A 34 -1.31 3.06 11.57
N ASN A 35 -1.81 3.02 12.83
CA ASN A 35 -3.16 2.49 13.22
C ASN A 35 -3.21 0.94 13.20
N GLY A 36 -2.01 0.32 13.19
CA GLY A 36 -1.87 -1.15 13.24
C GLY A 36 -2.51 -1.85 12.05
N ALA A 37 -3.28 -2.93 12.32
CA ALA A 37 -4.08 -3.67 11.31
C ALA A 37 -4.97 -2.75 10.46
N GLN A 38 -5.49 -1.72 11.12
CA GLN A 38 -6.50 -0.81 10.56
C GLN A 38 -5.86 0.24 9.65
N GLY A 39 -4.53 0.29 9.64
CA GLY A 39 -3.76 1.15 8.74
C GLY A 39 -3.54 0.55 7.37
N ILE A 40 -3.78 -0.76 7.23
CA ILE A 40 -3.71 -1.47 5.94
C ILE A 40 -5.09 -1.42 5.26
N ARG A 41 -5.22 -0.52 4.29
CA ARG A 41 -6.46 -0.30 3.54
C ARG A 41 -6.46 -1.12 2.25
N PHE A 42 -7.09 -2.30 2.29
CA PHE A 42 -7.29 -3.12 1.09
C PHE A 42 -8.27 -2.40 0.15
N ILE A 43 -7.90 -2.26 -1.14
CA ILE A 43 -8.77 -1.66 -2.14
C ILE A 43 -9.92 -2.65 -2.44
N TYR A 44 -11.02 -2.49 -1.70
CA TYR A 44 -12.23 -3.32 -1.85
C TYR A 44 -13.04 -2.83 -3.05
N THR A 45 -13.70 -3.78 -3.72
CA THR A 45 -14.60 -3.53 -4.84
C THR A 45 -16.00 -3.16 -4.32
N ARG A 46 -16.97 -3.04 -5.23
CA ARG A 46 -18.39 -2.83 -4.87
C ARG A 46 -19.01 -4.12 -4.26
N GLU A 47 -18.22 -5.21 -4.26
CA GLU A 47 -18.59 -6.52 -3.69
C GLU A 47 -18.00 -6.66 -2.27
N GLY A 48 -17.14 -5.68 -1.87
CA GLY A 48 -16.45 -5.72 -0.58
C GLY A 48 -15.29 -6.71 -0.57
N ARG A 49 -14.64 -6.84 -1.75
CA ARG A 49 -13.59 -7.85 -2.00
C ARG A 49 -12.30 -7.16 -2.48
N PRO A 50 -11.09 -7.51 -1.91
CA PRO A 50 -9.81 -6.87 -2.29
C PRO A 50 -9.41 -7.22 -3.74
N SER A 51 -8.90 -6.23 -4.49
CA SER A 51 -8.44 -6.45 -5.89
C SER A 51 -7.03 -7.11 -5.92
N GLY A 52 -6.46 -7.36 -4.73
CA GLY A 52 -5.08 -7.83 -4.58
C GLY A 52 -4.11 -6.69 -4.27
N GLU A 53 -4.65 -5.45 -4.33
CA GLU A 53 -3.93 -4.23 -3.97
C GLU A 53 -4.43 -3.71 -2.60
N ALA A 54 -3.53 -3.04 -1.88
CA ALA A 54 -3.79 -2.38 -0.60
C ALA A 54 -2.85 -1.18 -0.44
N PHE A 55 -3.17 -0.28 0.47
CA PHE A 55 -2.28 0.81 0.92
C PHE A 55 -1.87 0.57 2.37
N VAL A 56 -0.58 0.35 2.61
CA VAL A 56 -0.05 0.18 3.96
C VAL A 56 0.49 1.52 4.45
N GLU A 57 -0.24 2.14 5.40
CA GLU A 57 0.15 3.44 5.99
C GLU A 57 1.17 3.19 7.10
N LEU A 58 2.12 4.12 7.24
CA LEU A 58 3.33 3.96 8.07
C LEU A 58 3.59 5.27 8.82
N GLU A 59 4.12 5.16 10.05
CA GLU A 59 4.30 6.34 10.95
C GLU A 59 5.41 7.30 10.49
N SER A 60 6.40 6.77 9.76
CA SER A 60 7.56 7.57 9.26
C SER A 60 8.11 6.94 7.96
N GLU A 61 8.91 7.73 7.22
CA GLU A 61 9.49 7.31 5.93
C GLU A 61 10.55 6.21 6.08
N ASP A 62 11.08 6.01 7.30
CA ASP A 62 12.01 4.89 7.57
C ASP A 62 11.31 3.55 7.28
N GLU A 63 10.11 3.40 7.86
CA GLU A 63 9.17 2.30 7.59
C GLU A 63 8.88 2.14 6.09
N VAL A 64 8.73 3.28 5.38
CA VAL A 64 8.52 3.30 3.91
C VAL A 64 9.72 2.72 3.16
N LYS A 65 10.94 3.08 3.60
CA LYS A 65 12.22 2.54 3.07
C LYS A 65 12.28 1.01 3.23
N LEU A 66 11.90 0.52 4.43
CA LEU A 66 11.82 -0.91 4.75
C LEU A 66 10.79 -1.64 3.85
N ALA A 67 9.69 -0.92 3.55
CA ALA A 67 8.62 -1.39 2.65
C ALA A 67 9.15 -1.51 1.20
N LEU A 68 9.91 -0.49 0.76
CA LEU A 68 10.59 -0.47 -0.57
C LEU A 68 11.63 -1.60 -0.69
N LYS A 69 12.25 -2.01 0.43
CA LYS A 69 13.18 -3.16 0.46
C LYS A 69 12.42 -4.48 0.21
N LYS A 70 11.15 -4.49 0.65
CA LYS A 70 10.26 -5.66 0.54
C LYS A 70 9.58 -5.72 -0.84
N ASP A 71 9.82 -4.69 -1.69
CA ASP A 71 9.44 -4.70 -3.12
C ASP A 71 9.95 -5.97 -3.87
N ARG A 72 11.13 -6.47 -3.49
CA ARG A 72 11.71 -7.68 -4.09
C ARG A 72 11.38 -8.93 -3.28
N GLU A 73 11.26 -8.77 -1.95
CA GLU A 73 10.92 -9.87 -1.01
C GLU A 73 9.57 -10.54 -1.37
N THR A 74 9.52 -11.86 -1.20
CA THR A 74 8.33 -12.68 -1.52
C THR A 74 7.47 -12.89 -0.26
N MET A 75 6.15 -12.75 -0.43
CA MET A 75 5.17 -12.92 0.64
C MET A 75 5.04 -14.41 1.03
N GLY A 76 4.19 -15.16 0.31
CA GLY A 76 4.04 -16.62 0.55
C GLY A 76 4.11 -17.43 -0.72
N HIS A 77 4.32 -16.75 -1.86
CA HIS A 77 4.37 -17.37 -3.20
C HIS A 77 4.87 -16.33 -4.20
N ARG A 78 4.16 -15.18 -4.25
CA ARG A 78 4.49 -14.03 -5.11
C ARG A 78 5.48 -13.10 -4.42
N TYR A 79 6.05 -12.19 -5.21
CA TYR A 79 6.85 -11.07 -4.70
C TYR A 79 5.93 -9.84 -4.65
N VAL A 80 6.06 -9.06 -3.58
CA VAL A 80 5.14 -7.93 -3.32
C VAL A 80 5.71 -6.66 -3.93
N GLU A 81 4.92 -5.99 -4.77
CA GLU A 81 5.34 -4.79 -5.51
C GLU A 81 4.92 -3.56 -4.71
N VAL A 82 5.91 -2.76 -4.30
CA VAL A 82 5.72 -1.62 -3.37
C VAL A 82 6.14 -0.31 -4.06
N PHE A 83 5.17 0.61 -4.22
CA PHE A 83 5.38 1.95 -4.81
C PHE A 83 5.16 2.99 -3.69
N LYS A 84 5.91 4.09 -3.68
CA LYS A 84 5.59 5.22 -2.78
C LYS A 84 4.28 5.90 -3.19
N SER A 85 3.45 6.20 -2.18
CA SER A 85 2.18 6.91 -2.33
C SER A 85 2.07 7.97 -1.21
N ASN A 86 0.83 8.30 -0.81
CA ASN A 86 0.57 9.25 0.28
C ASN A 86 -0.89 9.14 0.73
N ASN A 87 -1.19 9.78 1.89
CA ASN A 87 -2.47 9.65 2.60
C ASN A 87 -3.66 10.18 1.77
N VAL A 88 -3.43 11.28 1.03
CA VAL A 88 -4.46 11.96 0.23
C VAL A 88 -4.88 11.10 -0.99
N GLU A 89 -3.87 10.50 -1.66
CA GLU A 89 -4.09 9.62 -2.82
C GLU A 89 -4.74 8.30 -2.38
N MET A 90 -4.30 7.80 -1.20
CA MET A 90 -4.87 6.60 -0.56
C MET A 90 -6.39 6.75 -0.42
N ASP A 91 -6.80 7.89 0.17
CA ASP A 91 -8.21 8.23 0.40
C ASP A 91 -9.00 8.29 -0.93
N TRP A 92 -8.37 8.92 -1.94
CA TRP A 92 -8.94 9.11 -3.28
C TRP A 92 -9.32 7.77 -3.93
N VAL A 93 -8.37 6.82 -3.87
CA VAL A 93 -8.53 5.48 -4.47
C VAL A 93 -9.55 4.61 -3.69
N LEU A 94 -9.64 4.80 -2.36
CA LEU A 94 -10.57 4.01 -1.50
C LEU A 94 -12.04 4.42 -1.70
N LYS A 95 -12.26 5.71 -2.00
CA LYS A 95 -13.62 6.26 -2.26
C LYS A 95 -14.30 5.60 -3.49
N HIS A 96 -13.49 4.96 -4.35
CA HIS A 96 -13.95 4.18 -5.52
C HIS A 96 -12.86 3.16 -5.88
N THR A 97 -11.90 3.61 -6.71
CA THR A 97 -10.81 2.78 -7.25
C THR A 97 -9.73 3.75 -7.80
N GLY A 98 -8.79 3.25 -8.63
CA GLY A 98 -7.82 4.10 -9.31
C GLY A 98 -8.50 5.25 -10.07
N PRO A 99 -8.12 6.54 -9.81
CA PRO A 99 -8.84 7.73 -10.32
C PRO A 99 -8.40 8.12 -11.75
N ASN A 100 -8.47 7.13 -12.67
CA ASN A 100 -7.99 7.22 -14.07
C ASN A 100 -6.47 7.36 -14.14
N SER A 101 -5.85 6.56 -15.01
CA SER A 101 -4.40 6.61 -15.27
C SER A 101 -4.00 8.02 -15.80
N PRO A 102 -3.09 8.76 -15.08
CA PRO A 102 -2.55 10.04 -15.58
C PRO A 102 -1.55 9.80 -16.72
N ASP A 103 -2.11 9.49 -17.92
CA ASP A 103 -1.32 9.10 -19.12
C ASP A 103 -0.43 10.25 -19.59
N THR A 104 -0.88 11.50 -19.33
CA THR A 104 -0.14 12.71 -19.69
C THR A 104 -0.65 13.89 -18.85
N ALA A 105 0.20 14.91 -18.73
CA ALA A 105 -0.15 16.23 -18.18
C ALA A 105 0.32 17.30 -19.19
N ASN A 106 0.42 16.86 -20.47
CA ASN A 106 1.09 17.58 -21.58
C ASN A 106 2.61 17.62 -21.35
N ASP A 107 3.37 16.96 -22.26
CA ASP A 107 4.85 16.90 -22.22
C ASP A 107 5.46 18.32 -22.24
N GLY A 108 4.76 19.25 -22.92
CA GLY A 108 5.14 20.67 -22.94
C GLY A 108 5.82 21.02 -24.25
N SER A 1 11.72 6.42 -6.93
CA SER A 1 12.16 7.67 -6.27
C SER A 1 11.12 8.78 -6.50
N HIS A 2 11.35 9.95 -5.86
CA HIS A 2 10.49 11.16 -5.98
C HIS A 2 9.09 10.90 -5.34
N MET A 3 8.19 11.92 -5.37
CA MET A 3 6.78 11.84 -4.90
C MET A 3 6.70 11.81 -3.36
N GLY A 4 5.82 12.66 -2.79
CA GLY A 4 5.50 12.65 -1.36
C GLY A 4 6.71 12.86 -0.47
N GLY A 5 7.29 14.07 -0.54
CA GLY A 5 8.42 14.46 0.30
C GLY A 5 8.08 14.39 1.78
N GLU A 6 6.85 14.81 2.11
CA GLU A 6 6.27 14.72 3.45
C GLU A 6 5.03 13.78 3.40
N GLY A 7 5.33 12.47 3.36
CA GLY A 7 4.30 11.42 3.34
C GLY A 7 4.87 10.10 3.83
N PHE A 8 4.03 9.25 4.45
CA PHE A 8 4.46 7.96 5.02
C PHE A 8 3.39 6.86 4.81
N VAL A 9 2.92 6.74 3.56
CA VAL A 9 2.00 5.67 3.10
C VAL A 9 2.67 4.94 1.92
N VAL A 10 2.56 3.60 1.87
CA VAL A 10 2.96 2.81 0.67
C VAL A 10 1.75 2.10 0.06
N LYS A 11 1.94 1.56 -1.16
CA LYS A 11 0.91 0.83 -1.91
C LYS A 11 1.43 -0.59 -2.15
N VAL A 12 0.67 -1.60 -1.71
CA VAL A 12 1.13 -3.00 -1.70
C VAL A 12 0.27 -3.82 -2.69
N ARG A 13 0.92 -4.40 -3.69
CA ARG A 13 0.26 -5.09 -4.82
C ARG A 13 0.81 -6.52 -4.93
N GLY A 14 -0.02 -7.46 -5.40
CA GLY A 14 0.36 -8.87 -5.48
C GLY A 14 -0.05 -9.64 -4.24
N LEU A 15 -0.91 -9.01 -3.42
CA LEU A 15 -1.41 -9.61 -2.16
C LEU A 15 -2.41 -10.72 -2.48
N PRO A 16 -2.30 -11.91 -1.77
CA PRO A 16 -3.30 -12.97 -1.91
C PRO A 16 -4.66 -12.54 -1.29
N TRP A 17 -5.72 -12.80 -2.04
CA TRP A 17 -7.11 -12.55 -1.62
C TRP A 17 -7.45 -13.33 -0.33
N SER A 18 -6.78 -14.48 -0.14
CA SER A 18 -6.97 -15.38 1.02
C SER A 18 -6.16 -14.91 2.26
N CYS A 19 -5.55 -13.71 2.21
CA CYS A 19 -4.84 -13.12 3.37
C CYS A 19 -5.60 -11.87 3.81
N SER A 20 -5.67 -11.65 5.13
CA SER A 20 -6.33 -10.49 5.73
C SER A 20 -5.25 -9.52 6.29
N ALA A 21 -5.70 -8.50 7.06
CA ALA A 21 -4.85 -7.44 7.63
C ALA A 21 -3.66 -8.01 8.46
N ASP A 22 -3.93 -9.02 9.29
CA ASP A 22 -2.91 -9.64 10.18
C ASP A 22 -1.74 -10.25 9.38
N GLU A 23 -2.08 -10.85 8.24
CA GLU A 23 -1.11 -11.50 7.34
C GLU A 23 -0.21 -10.46 6.64
N VAL A 24 -0.79 -9.31 6.28
CA VAL A 24 -0.05 -8.19 5.65
C VAL A 24 0.85 -7.48 6.69
N GLN A 25 0.35 -7.39 7.94
CA GLN A 25 1.10 -6.81 9.07
C GLN A 25 2.31 -7.70 9.39
N ARG A 26 2.07 -9.02 9.33
CA ARG A 26 3.10 -10.06 9.48
C ARG A 26 4.17 -9.95 8.38
N PHE A 27 3.75 -9.63 7.13
CA PHE A 27 4.69 -9.39 6.00
C PHE A 27 5.59 -8.18 6.29
N PHE A 28 4.99 -7.11 6.84
CA PHE A 28 5.73 -5.89 7.22
C PHE A 28 6.13 -5.92 8.71
N SER A 29 6.40 -7.14 9.24
CA SER A 29 6.90 -7.32 10.62
C SER A 29 8.40 -6.95 10.62
N ASP A 30 8.63 -5.65 10.83
CA ASP A 30 9.88 -4.94 10.48
C ASP A 30 9.59 -3.44 10.59
N CYS A 31 8.56 -3.04 9.86
CA CYS A 31 7.98 -1.69 9.86
C CYS A 31 7.01 -1.52 11.04
N LYS A 32 6.55 -0.28 11.27
CA LYS A 32 5.71 0.10 12.42
C LYS A 32 4.43 0.70 11.87
N ILE A 33 3.59 -0.18 11.31
CA ILE A 33 2.37 0.20 10.59
C ILE A 33 1.46 1.06 11.49
N GLN A 34 1.07 2.25 10.96
CA GLN A 34 0.18 3.20 11.65
C GLN A 34 -1.06 2.51 12.20
N ASN A 35 -1.20 2.55 13.54
CA ASN A 35 -2.41 2.12 14.25
C ASN A 35 -2.74 0.62 14.01
N GLY A 36 -1.67 -0.15 13.71
CA GLY A 36 -1.78 -1.60 13.46
C GLY A 36 -2.55 -1.93 12.19
N ALA A 37 -3.47 -2.91 12.29
CA ALA A 37 -4.42 -3.29 11.21
C ALA A 37 -5.23 -2.10 10.65
N GLN A 38 -5.38 -1.03 11.45
CA GLN A 38 -6.14 0.17 11.05
C GLN A 38 -5.39 1.01 9.99
N GLY A 39 -4.08 0.78 9.83
CA GLY A 39 -3.31 1.38 8.73
C GLY A 39 -3.11 0.40 7.57
N ILE A 40 -4.02 -0.58 7.44
CA ILE A 40 -3.99 -1.58 6.35
C ILE A 40 -5.38 -1.57 5.66
N ARG A 41 -5.48 -0.74 4.63
CA ARG A 41 -6.73 -0.50 3.88
C ARG A 41 -6.61 -1.09 2.48
N PHE A 42 -7.17 -2.29 2.30
CA PHE A 42 -7.25 -2.95 0.99
C PHE A 42 -8.20 -2.17 0.07
N ILE A 43 -7.83 -2.00 -1.20
CA ILE A 43 -8.70 -1.35 -2.19
C ILE A 43 -9.78 -2.35 -2.61
N TYR A 44 -10.91 -2.30 -1.88
CA TYR A 44 -12.05 -3.19 -2.10
C TYR A 44 -12.84 -2.75 -3.34
N THR A 45 -13.43 -3.72 -4.01
CA THR A 45 -14.27 -3.50 -5.20
C THR A 45 -15.75 -3.73 -4.83
N ARG A 46 -16.62 -3.45 -5.81
CA ARG A 46 -18.09 -3.60 -5.69
C ARG A 46 -18.53 -5.05 -5.32
N GLU A 47 -17.63 -6.01 -5.56
CA GLU A 47 -17.88 -7.45 -5.39
C GLU A 47 -17.70 -7.88 -3.90
N GLY A 48 -17.25 -6.95 -3.04
CA GLY A 48 -17.01 -7.23 -1.62
C GLY A 48 -15.69 -7.97 -1.38
N ARG A 49 -14.72 -7.71 -2.25
CA ARG A 49 -13.39 -8.36 -2.23
C ARG A 49 -12.28 -7.33 -2.44
N PRO A 50 -11.04 -7.54 -1.90
CA PRO A 50 -9.84 -6.77 -2.30
C PRO A 50 -9.41 -7.15 -3.73
N SER A 51 -8.90 -6.17 -4.49
CA SER A 51 -8.42 -6.40 -5.87
C SER A 51 -7.07 -7.16 -5.86
N GLY A 52 -6.23 -6.79 -4.90
CA GLY A 52 -4.86 -7.30 -4.76
C GLY A 52 -3.91 -6.20 -4.33
N GLU A 53 -4.42 -4.95 -4.37
CA GLU A 53 -3.70 -3.75 -3.92
C GLU A 53 -4.26 -3.29 -2.57
N ALA A 54 -3.38 -2.66 -1.78
CA ALA A 54 -3.72 -2.10 -0.46
C ALA A 54 -2.86 -0.86 -0.19
N PHE A 55 -3.23 -0.10 0.84
CA PHE A 55 -2.38 0.96 1.40
C PHE A 55 -1.94 0.54 2.80
N VAL A 56 -0.62 0.48 3.01
CA VAL A 56 -0.03 0.26 4.34
C VAL A 56 0.63 1.56 4.78
N GLU A 57 -0.01 2.23 5.76
CA GLU A 57 0.46 3.47 6.33
C GLU A 57 1.47 3.16 7.43
N LEU A 58 2.41 4.08 7.65
CA LEU A 58 3.62 3.83 8.44
C LEU A 58 3.91 5.06 9.30
N GLU A 59 4.50 4.84 10.50
CA GLU A 59 4.79 5.93 11.45
C GLU A 59 5.95 6.85 11.00
N SER A 60 6.83 6.35 10.11
CA SER A 60 7.95 7.14 9.60
C SER A 60 8.24 6.80 8.14
N GLU A 61 8.87 7.77 7.46
CA GLU A 61 9.33 7.66 6.08
C GLU A 61 10.53 6.67 5.96
N ASP A 62 11.20 6.38 7.10
CA ASP A 62 12.22 5.31 7.20
C ASP A 62 11.60 3.95 6.80
N GLU A 63 10.52 3.63 7.50
CA GLU A 63 9.66 2.45 7.23
C GLU A 63 9.20 2.39 5.76
N VAL A 64 8.92 3.56 5.15
CA VAL A 64 8.54 3.64 3.72
C VAL A 64 9.67 3.09 2.83
N LYS A 65 10.89 3.59 3.02
CA LYS A 65 12.09 3.12 2.29
C LYS A 65 12.35 1.60 2.48
N LEU A 66 12.08 1.09 3.70
CA LEU A 66 12.12 -0.38 3.98
C LEU A 66 11.11 -1.13 3.10
N ALA A 67 9.86 -0.65 3.15
CA ALA A 67 8.72 -1.21 2.39
C ALA A 67 9.00 -1.22 0.87
N LEU A 68 9.52 -0.10 0.34
CA LEU A 68 9.92 0.07 -1.07
C LEU A 68 10.98 -0.98 -1.50
N LYS A 69 11.84 -1.37 -0.55
CA LYS A 69 12.89 -2.39 -0.81
C LYS A 69 12.29 -3.80 -0.83
N LYS A 70 11.09 -3.95 -0.24
CA LYS A 70 10.36 -5.22 -0.22
C LYS A 70 9.47 -5.37 -1.47
N ASP A 71 9.64 -4.47 -2.47
CA ASP A 71 8.92 -4.52 -3.78
C ASP A 71 9.23 -5.75 -4.67
N ARG A 72 9.95 -6.74 -4.13
CA ARG A 72 10.33 -7.95 -4.87
C ARG A 72 9.97 -9.20 -4.06
N GLU A 73 10.15 -9.11 -2.73
CA GLU A 73 9.99 -10.24 -1.77
C GLU A 73 8.63 -10.96 -1.93
N THR A 74 8.68 -12.29 -1.75
CA THR A 74 7.51 -13.16 -1.91
C THR A 74 6.76 -13.31 -0.57
N MET A 75 5.57 -12.71 -0.51
CA MET A 75 4.62 -12.86 0.61
C MET A 75 4.01 -14.28 0.51
N GLY A 76 4.66 -15.24 1.19
CA GLY A 76 4.44 -16.66 0.93
C GLY A 76 5.15 -17.08 -0.33
N HIS A 77 4.41 -17.10 -1.45
CA HIS A 77 4.95 -17.35 -2.81
C HIS A 77 4.50 -16.23 -3.78
N ARG A 78 3.72 -15.27 -3.23
CA ARG A 78 3.17 -14.14 -3.98
C ARG A 78 4.24 -13.07 -4.14
N TYR A 79 4.66 -12.80 -5.39
CA TYR A 79 5.65 -11.74 -5.67
C TYR A 79 4.93 -10.40 -5.45
N VAL A 80 5.29 -9.70 -4.37
CA VAL A 80 4.57 -8.50 -3.91
C VAL A 80 5.41 -7.25 -4.16
N GLU A 81 4.82 -6.32 -4.93
CA GLU A 81 5.41 -5.03 -5.30
C GLU A 81 4.90 -3.96 -4.35
N VAL A 82 5.80 -3.09 -3.91
CA VAL A 82 5.49 -2.00 -3.00
C VAL A 82 5.92 -0.67 -3.63
N PHE A 83 4.92 0.17 -3.90
CA PHE A 83 5.09 1.51 -4.47
C PHE A 83 4.90 2.53 -3.34
N LYS A 84 4.95 3.82 -3.67
CA LYS A 84 4.71 4.90 -2.71
C LYS A 84 3.37 5.57 -3.03
N SER A 85 2.59 5.84 -1.97
CA SER A 85 1.37 6.64 -2.05
C SER A 85 1.42 7.75 -1.01
N ASN A 86 0.81 8.88 -1.31
CA ASN A 86 0.64 9.96 -0.31
C ASN A 86 -0.71 9.78 0.38
N ASN A 87 -0.98 10.60 1.39
CA ASN A 87 -2.31 10.64 2.02
C ASN A 87 -3.37 11.15 1.01
N VAL A 88 -2.92 11.83 -0.07
CA VAL A 88 -3.76 12.22 -1.22
C VAL A 88 -4.32 10.96 -1.93
N GLU A 89 -3.42 10.04 -2.33
CA GLU A 89 -3.79 8.81 -3.11
C GLU A 89 -4.58 7.84 -2.24
N MET A 90 -4.08 7.65 -1.02
CA MET A 90 -4.70 6.76 -0.03
C MET A 90 -6.17 7.17 0.23
N ASP A 91 -6.39 8.48 0.48
CA ASP A 91 -7.74 9.06 0.64
C ASP A 91 -8.62 8.80 -0.62
N TRP A 92 -8.08 9.19 -1.78
CA TRP A 92 -8.83 9.23 -3.07
C TRP A 92 -9.27 7.83 -3.55
N VAL A 93 -8.38 6.85 -3.42
CA VAL A 93 -8.59 5.49 -3.97
C VAL A 93 -9.45 4.63 -3.01
N LEU A 94 -9.47 5.01 -1.72
CA LEU A 94 -10.41 4.41 -0.74
C LEU A 94 -11.82 5.06 -0.89
N LYS A 95 -11.88 6.29 -1.46
CA LYS A 95 -13.15 6.91 -1.89
C LYS A 95 -13.65 6.22 -3.16
N HIS A 96 -12.70 5.90 -4.05
CA HIS A 96 -12.96 5.36 -5.40
C HIS A 96 -11.60 5.21 -6.12
N THR A 97 -11.07 6.35 -6.62
CA THR A 97 -9.73 6.48 -7.26
C THR A 97 -9.62 7.93 -7.81
N GLY A 98 -9.92 8.90 -6.93
CA GLY A 98 -10.13 10.29 -7.36
C GLY A 98 -11.35 10.40 -8.27
N PRO A 99 -11.37 11.33 -9.27
CA PRO A 99 -12.36 11.27 -10.38
C PRO A 99 -12.16 9.98 -11.20
N ASN A 100 -10.89 9.76 -11.58
CA ASN A 100 -10.39 8.56 -12.28
C ASN A 100 -8.88 8.78 -12.44
N SER A 101 -8.06 8.11 -11.60
CA SER A 101 -6.61 8.29 -11.58
C SER A 101 -5.96 7.75 -12.87
N PRO A 102 -5.35 8.64 -13.72
CA PRO A 102 -4.53 8.21 -14.88
C PRO A 102 -3.10 7.82 -14.45
N ASP A 103 -2.22 7.60 -15.45
CA ASP A 103 -0.80 7.23 -15.22
C ASP A 103 -0.06 8.44 -14.62
N THR A 104 -0.19 9.58 -15.29
CA THR A 104 0.41 10.86 -14.87
C THR A 104 -0.47 12.02 -15.37
N ALA A 105 -1.21 12.66 -14.44
CA ALA A 105 -1.97 13.88 -14.72
C ALA A 105 -1.02 15.09 -14.69
N ASN A 106 -0.29 15.30 -15.81
CA ASN A 106 0.76 16.34 -15.93
C ASN A 106 0.20 17.64 -16.54
N ASP A 107 1.05 18.68 -16.58
CA ASP A 107 0.76 19.96 -17.27
C ASP A 107 1.48 19.98 -18.64
N GLY A 108 1.52 21.15 -19.30
CA GLY A 108 2.16 21.31 -20.62
C GLY A 108 3.68 21.57 -20.54
N SER A 1 1.54 14.43 -11.28
CA SER A 1 2.06 13.76 -10.08
C SER A 1 2.05 14.73 -8.87
N HIS A 2 1.11 14.51 -7.92
CA HIS A 2 1.02 15.31 -6.67
C HIS A 2 1.99 14.73 -5.63
N MET A 3 3.24 15.23 -5.67
CA MET A 3 4.35 14.76 -4.81
C MET A 3 4.79 15.86 -3.82
N GLY A 4 4.08 17.00 -3.84
CA GLY A 4 4.42 18.18 -3.02
C GLY A 4 3.84 18.13 -1.62
N GLY A 5 4.03 16.99 -0.94
CA GLY A 5 3.55 16.77 0.42
C GLY A 5 4.12 15.49 1.00
N GLU A 6 4.66 15.56 2.23
CA GLU A 6 5.31 14.41 2.89
C GLU A 6 4.25 13.38 3.30
N GLY A 7 4.23 12.27 2.55
CA GLY A 7 3.35 11.14 2.84
C GLY A 7 4.16 9.92 3.17
N PHE A 8 4.19 9.53 4.46
CA PHE A 8 4.93 8.35 4.94
C PHE A 8 4.06 7.10 4.72
N VAL A 9 3.75 6.85 3.45
CA VAL A 9 2.81 5.81 3.01
C VAL A 9 3.45 5.03 1.86
N VAL A 10 3.28 3.71 1.87
CA VAL A 10 3.56 2.84 0.71
C VAL A 10 2.26 2.28 0.13
N LYS A 11 2.38 1.52 -0.96
CA LYS A 11 1.27 0.78 -1.54
C LYS A 11 1.79 -0.61 -1.93
N VAL A 12 0.96 -1.63 -1.70
CA VAL A 12 1.35 -3.03 -1.81
C VAL A 12 0.45 -3.73 -2.82
N ARG A 13 1.07 -4.45 -3.77
CA ARG A 13 0.39 -5.13 -4.88
C ARG A 13 0.88 -6.58 -4.93
N GLY A 14 0.09 -7.46 -5.57
CA GLY A 14 0.39 -8.89 -5.59
C GLY A 14 -0.09 -9.60 -4.34
N LEU A 15 -1.00 -8.93 -3.60
CA LEU A 15 -1.62 -9.47 -2.39
C LEU A 15 -2.70 -10.47 -2.80
N PRO A 16 -2.87 -11.61 -2.07
CA PRO A 16 -4.03 -12.50 -2.25
C PRO A 16 -5.37 -11.74 -2.06
N TRP A 17 -6.36 -12.06 -2.90
CA TRP A 17 -7.73 -11.52 -2.78
C TRP A 17 -8.41 -12.08 -1.51
N SER A 18 -7.86 -13.21 -0.99
CA SER A 18 -8.31 -13.86 0.25
C SER A 18 -7.41 -13.45 1.46
N CYS A 19 -6.56 -12.43 1.29
CA CYS A 19 -5.65 -11.94 2.35
C CYS A 19 -6.34 -10.87 3.16
N SER A 20 -6.12 -10.92 4.48
CA SER A 20 -6.63 -9.94 5.44
C SER A 20 -5.45 -9.22 6.11
N ALA A 21 -5.78 -8.18 6.89
CA ALA A 21 -4.81 -7.23 7.50
C ALA A 21 -3.65 -7.92 8.26
N ASP A 22 -3.97 -8.99 9.01
CA ASP A 22 -3.01 -9.74 9.84
C ASP A 22 -1.80 -10.27 9.05
N GLU A 23 -2.04 -10.77 7.81
CA GLU A 23 -0.98 -11.34 6.95
C GLU A 23 -0.04 -10.25 6.41
N VAL A 24 -0.63 -9.11 6.01
CA VAL A 24 0.13 -7.95 5.48
C VAL A 24 0.89 -7.25 6.63
N GLN A 25 0.31 -7.33 7.84
CA GLN A 25 0.89 -6.76 9.07
C GLN A 25 2.07 -7.64 9.53
N ARG A 26 1.90 -8.98 9.47
CA ARG A 26 2.97 -9.97 9.75
C ARG A 26 4.15 -9.79 8.78
N PHE A 27 3.84 -9.68 7.47
CA PHE A 27 4.87 -9.55 6.43
C PHE A 27 5.63 -8.22 6.64
N PHE A 28 4.89 -7.09 6.65
CA PHE A 28 5.46 -5.75 6.91
C PHE A 28 5.53 -5.46 8.42
N SER A 29 5.85 -6.49 9.23
CA SER A 29 6.26 -6.33 10.65
C SER A 29 7.49 -5.40 10.76
N ASP A 30 8.34 -5.46 9.72
CA ASP A 30 9.56 -4.62 9.56
C ASP A 30 9.23 -3.12 9.41
N CYS A 31 7.96 -2.83 9.10
CA CYS A 31 7.46 -1.46 8.91
C CYS A 31 6.44 -1.13 10.02
N LYS A 32 6.60 0.03 10.68
CA LYS A 32 5.68 0.51 11.71
C LYS A 32 4.40 1.04 11.05
N ILE A 33 3.43 0.13 10.87
CA ILE A 33 2.12 0.46 10.28
C ILE A 33 1.32 1.23 11.35
N GLN A 34 0.76 2.40 10.94
CA GLN A 34 0.24 3.45 11.84
C GLN A 34 -0.60 2.90 13.02
N ASN A 35 -1.79 2.34 12.71
CA ASN A 35 -2.68 1.71 13.71
C ASN A 35 -2.69 0.18 13.51
N GLY A 36 -1.48 -0.37 13.29
CA GLY A 36 -1.28 -1.82 13.09
C GLY A 36 -2.02 -2.35 11.87
N ALA A 37 -2.86 -3.38 12.08
CA ALA A 37 -3.75 -3.94 11.04
C ALA A 37 -4.66 -2.87 10.42
N GLN A 38 -5.13 -1.95 11.26
CA GLN A 38 -6.10 -0.90 10.87
C GLN A 38 -5.40 0.24 10.09
N GLY A 39 -4.06 0.36 10.24
CA GLY A 39 -3.24 1.30 9.46
C GLY A 39 -3.16 0.91 7.98
N ILE A 40 -3.42 -0.38 7.69
CA ILE A 40 -3.46 -0.92 6.32
C ILE A 40 -4.81 -0.57 5.67
N ARG A 41 -4.80 -0.21 4.39
CA ARG A 41 -6.02 0.16 3.63
C ARG A 41 -6.12 -0.66 2.35
N PHE A 42 -6.90 -1.75 2.39
CA PHE A 42 -7.13 -2.61 1.19
C PHE A 42 -8.13 -1.95 0.25
N ILE A 43 -7.85 -1.98 -1.06
CA ILE A 43 -8.82 -1.57 -2.08
C ILE A 43 -9.86 -2.69 -2.22
N TYR A 44 -10.90 -2.63 -1.35
CA TYR A 44 -12.04 -3.58 -1.37
C TYR A 44 -12.95 -3.26 -2.56
N THR A 45 -13.56 -4.28 -3.17
CA THR A 45 -14.41 -4.13 -4.35
C THR A 45 -15.88 -4.39 -3.99
N ARG A 46 -16.75 -4.25 -4.99
CA ARG A 46 -18.21 -4.49 -4.91
C ARG A 46 -18.58 -5.97 -4.64
N GLU A 47 -17.57 -6.85 -4.63
CA GLU A 47 -17.72 -8.27 -4.31
C GLU A 47 -17.53 -8.52 -2.79
N GLY A 48 -16.91 -7.52 -2.11
CA GLY A 48 -16.63 -7.59 -0.66
C GLY A 48 -15.31 -8.29 -0.34
N ARG A 49 -14.24 -7.89 -1.06
CA ARG A 49 -12.86 -8.43 -0.86
C ARG A 49 -11.80 -7.50 -1.51
N PRO A 50 -10.51 -7.52 -1.04
CA PRO A 50 -9.40 -6.73 -1.67
C PRO A 50 -9.13 -7.18 -3.12
N SER A 51 -8.69 -6.23 -3.97
CA SER A 51 -8.40 -6.45 -5.39
C SER A 51 -6.90 -6.74 -5.62
N GLY A 52 -6.19 -7.15 -4.56
CA GLY A 52 -4.76 -7.46 -4.63
C GLY A 52 -3.85 -6.25 -4.41
N GLU A 53 -4.43 -5.03 -4.52
CA GLU A 53 -3.72 -3.78 -4.22
C GLU A 53 -4.24 -3.17 -2.90
N ALA A 54 -3.34 -2.49 -2.18
CA ALA A 54 -3.63 -1.77 -0.94
C ALA A 54 -2.70 -0.56 -0.79
N PHE A 55 -3.04 0.37 0.10
CA PHE A 55 -2.15 1.44 0.56
C PHE A 55 -1.88 1.21 2.07
N VAL A 56 -0.64 0.87 2.44
CA VAL A 56 -0.25 0.66 3.84
C VAL A 56 0.33 1.97 4.38
N GLU A 57 -0.34 2.56 5.38
CA GLU A 57 0.10 3.82 6.00
C GLU A 57 1.09 3.53 7.13
N LEU A 58 2.16 4.33 7.19
CA LEU A 58 3.29 4.14 8.11
C LEU A 58 3.52 5.45 8.88
N GLU A 59 3.98 5.35 10.13
CA GLU A 59 4.22 6.54 10.98
C GLU A 59 5.52 7.26 10.62
N SER A 60 6.47 6.52 10.03
CA SER A 60 7.80 7.02 9.66
C SER A 60 8.16 6.58 8.23
N GLU A 61 8.85 7.47 7.47
CA GLU A 61 9.31 7.15 6.10
C GLU A 61 10.55 6.23 6.12
N ASP A 62 11.16 6.04 7.30
CA ASP A 62 12.20 5.02 7.50
C ASP A 62 11.57 3.63 7.34
N GLU A 63 10.32 3.51 7.78
CA GLU A 63 9.51 2.31 7.57
C GLU A 63 9.14 2.13 6.08
N VAL A 64 8.99 3.24 5.34
CA VAL A 64 8.72 3.24 3.89
C VAL A 64 9.91 2.62 3.13
N LYS A 65 11.14 3.12 3.38
CA LYS A 65 12.37 2.60 2.71
C LYS A 65 12.50 1.06 2.88
N LEU A 66 12.14 0.58 4.09
CA LEU A 66 12.12 -0.85 4.44
C LEU A 66 11.07 -1.61 3.59
N ALA A 67 9.84 -1.07 3.55
CA ALA A 67 8.72 -1.64 2.76
C ALA A 67 9.09 -1.75 1.26
N LEU A 68 9.71 -0.69 0.71
CA LEU A 68 10.23 -0.65 -0.69
C LEU A 68 11.29 -1.74 -0.93
N LYS A 69 12.09 -2.03 0.12
CA LYS A 69 13.11 -3.10 0.05
C LYS A 69 12.47 -4.50 0.20
N LYS A 70 11.23 -4.55 0.70
CA LYS A 70 10.45 -5.80 0.81
C LYS A 70 9.62 -6.07 -0.47
N ASP A 71 9.78 -5.18 -1.48
CA ASP A 71 9.20 -5.36 -2.84
C ASP A 71 9.54 -6.74 -3.42
N ARG A 72 10.85 -7.04 -3.57
CA ARG A 72 11.32 -8.26 -4.26
C ARG A 72 11.21 -9.51 -3.37
N GLU A 73 10.96 -9.32 -2.07
CA GLU A 73 10.53 -10.39 -1.17
C GLU A 73 9.17 -11.00 -1.62
N THR A 74 8.95 -12.25 -1.20
CA THR A 74 7.71 -12.99 -1.44
C THR A 74 6.75 -12.79 -0.25
N MET A 75 5.54 -12.27 -0.52
CA MET A 75 4.49 -12.03 0.49
C MET A 75 4.07 -13.38 1.13
N GLY A 76 3.26 -14.16 0.39
CA GLY A 76 2.99 -15.55 0.68
C GLY A 76 3.15 -16.35 -0.59
N HIS A 77 4.42 -16.79 -0.85
CA HIS A 77 4.84 -17.50 -2.09
C HIS A 77 5.06 -16.52 -3.27
N ARG A 78 4.04 -15.69 -3.57
CA ARG A 78 4.11 -14.71 -4.69
C ARG A 78 4.92 -13.47 -4.28
N TYR A 79 5.50 -12.79 -5.28
CA TYR A 79 6.37 -11.61 -5.08
C TYR A 79 5.48 -10.36 -4.95
N VAL A 80 5.97 -9.34 -4.22
CA VAL A 80 5.21 -8.09 -3.97
C VAL A 80 5.62 -6.97 -4.97
N GLU A 81 4.73 -5.99 -5.19
CA GLU A 81 5.09 -4.69 -5.78
C GLU A 81 4.84 -3.64 -4.70
N VAL A 82 5.90 -2.96 -4.22
CA VAL A 82 5.77 -1.87 -3.25
C VAL A 82 6.28 -0.58 -3.88
N PHE A 83 5.38 0.41 -4.02
CA PHE A 83 5.72 1.77 -4.46
C PHE A 83 5.51 2.71 -3.26
N LYS A 84 5.72 4.03 -3.45
CA LYS A 84 5.48 5.02 -2.39
C LYS A 84 4.25 5.85 -2.78
N SER A 85 3.38 6.07 -1.80
CA SER A 85 2.14 6.81 -1.97
C SER A 85 2.00 7.88 -0.88
N ASN A 86 0.77 8.36 -0.66
CA ASN A 86 0.45 9.50 0.21
C ASN A 86 -1.05 9.42 0.58
N ASN A 87 -1.45 10.11 1.66
CA ASN A 87 -2.83 10.06 2.22
C ASN A 87 -3.90 10.60 1.24
N VAL A 88 -3.47 11.46 0.29
CA VAL A 88 -4.35 12.12 -0.69
C VAL A 88 -4.97 11.07 -1.64
N GLU A 89 -4.12 10.22 -2.24
CA GLU A 89 -4.55 9.19 -3.21
C GLU A 89 -5.02 7.94 -2.49
N MET A 90 -4.61 7.75 -1.23
CA MET A 90 -5.17 6.68 -0.38
C MET A 90 -6.68 6.90 -0.23
N ASP A 91 -7.04 8.10 0.26
CA ASP A 91 -8.44 8.52 0.41
C ASP A 91 -9.17 8.57 -0.94
N TRP A 92 -8.47 9.08 -1.98
CA TRP A 92 -9.04 9.22 -3.34
C TRP A 92 -9.47 7.86 -3.89
N VAL A 93 -8.57 6.89 -3.88
CA VAL A 93 -8.79 5.56 -4.51
C VAL A 93 -9.77 4.68 -3.68
N LEU A 94 -9.85 4.93 -2.36
CA LEU A 94 -10.83 4.23 -1.46
C LEU A 94 -12.26 4.81 -1.64
N LYS A 95 -12.35 6.14 -1.70
CA LYS A 95 -13.64 6.89 -1.76
C LYS A 95 -14.17 6.94 -3.21
N HIS A 96 -13.22 6.99 -4.15
CA HIS A 96 -13.47 7.08 -5.59
C HIS A 96 -12.52 6.09 -6.28
N THR A 97 -12.99 4.86 -6.41
CA THR A 97 -12.25 3.78 -7.05
C THR A 97 -12.09 4.05 -8.56
N GLY A 98 -11.03 4.82 -8.88
CA GLY A 98 -10.74 5.24 -10.25
C GLY A 98 -9.67 6.32 -10.31
N PRO A 99 -9.30 6.80 -11.55
CA PRO A 99 -8.18 7.73 -11.77
C PRO A 99 -8.51 9.20 -11.44
N ASN A 100 -7.52 10.07 -11.70
CA ASN A 100 -7.61 11.52 -11.45
C ASN A 100 -7.03 12.24 -12.67
N SER A 101 -7.85 13.11 -13.30
CA SER A 101 -7.45 13.87 -14.51
C SER A 101 -6.27 14.82 -14.23
N PRO A 102 -5.32 15.04 -15.22
CA PRO A 102 -4.08 15.84 -15.03
C PRO A 102 -4.29 17.16 -14.27
N ASP A 103 -3.53 17.32 -13.16
CA ASP A 103 -3.65 18.44 -12.22
C ASP A 103 -3.25 19.75 -12.93
N THR A 104 -4.26 20.43 -13.54
CA THR A 104 -4.09 21.58 -14.45
C THR A 104 -3.42 21.11 -15.77
N ALA A 105 -4.00 21.50 -16.93
CA ALA A 105 -3.53 21.06 -18.27
C ALA A 105 -2.12 21.63 -18.57
N ASN A 106 -1.08 20.84 -18.24
CA ASN A 106 0.34 21.21 -18.49
C ASN A 106 0.86 20.53 -19.76
N ASP A 107 2.09 20.88 -20.14
CA ASP A 107 2.75 20.38 -21.37
C ASP A 107 4.10 19.75 -21.05
N GLY A 108 4.61 18.96 -22.01
CA GLY A 108 5.88 18.25 -21.87
C GLY A 108 6.29 17.52 -23.14
N SER A 1 8.74 6.28 -11.34
CA SER A 1 8.53 6.32 -9.88
C SER A 1 7.23 7.04 -9.51
N HIS A 2 6.75 7.91 -10.43
CA HIS A 2 5.55 8.77 -10.24
C HIS A 2 5.80 9.84 -9.16
N MET A 3 4.99 10.90 -9.15
CA MET A 3 5.17 12.02 -8.20
C MET A 3 4.43 11.70 -6.88
N GLY A 4 5.11 10.93 -6.02
CA GLY A 4 4.65 10.71 -4.65
C GLY A 4 5.00 11.90 -3.76
N GLY A 5 6.09 12.60 -4.15
CA GLY A 5 6.58 13.78 -3.44
C GLY A 5 7.19 13.43 -2.08
N GLU A 6 6.29 13.21 -1.12
CA GLU A 6 6.63 12.74 0.22
C GLU A 6 5.38 12.04 0.80
N GLY A 7 5.59 10.87 1.42
CA GLY A 7 4.49 10.08 1.96
C GLY A 7 4.99 8.90 2.78
N PHE A 8 4.50 8.79 4.04
CA PHE A 8 4.80 7.65 4.94
C PHE A 8 3.75 6.53 4.84
N VAL A 9 2.99 6.54 3.75
CA VAL A 9 2.11 5.43 3.36
C VAL A 9 2.73 4.75 2.13
N VAL A 10 2.80 3.41 2.13
CA VAL A 10 3.19 2.62 0.94
C VAL A 10 1.96 2.14 0.18
N LYS A 11 2.14 1.88 -1.13
CA LYS A 11 1.12 1.31 -2.00
C LYS A 11 1.52 -0.13 -2.33
N VAL A 12 0.68 -1.09 -1.91
CA VAL A 12 0.96 -2.52 -2.03
C VAL A 12 0.09 -3.08 -3.16
N ARG A 13 0.68 -3.93 -3.99
CA ARG A 13 -0.01 -4.71 -5.03
C ARG A 13 0.60 -6.10 -5.06
N GLY A 14 -0.23 -7.14 -5.10
CA GLY A 14 0.24 -8.49 -4.89
C GLY A 14 -0.30 -9.06 -3.59
N LEU A 15 -1.54 -9.53 -3.68
CA LEU A 15 -2.32 -9.96 -2.51
C LEU A 15 -3.09 -11.24 -2.87
N PRO A 16 -3.11 -12.27 -1.98
CA PRO A 16 -4.19 -13.25 -1.96
C PRO A 16 -5.50 -12.52 -1.54
N TRP A 17 -6.58 -12.73 -2.29
CA TRP A 17 -7.87 -12.03 -2.08
C TRP A 17 -8.48 -12.38 -0.71
N SER A 18 -8.09 -13.55 -0.18
CA SER A 18 -8.57 -14.06 1.11
C SER A 18 -7.57 -13.77 2.24
N CYS A 19 -6.77 -12.69 2.08
CA CYS A 19 -5.76 -12.27 3.08
C CYS A 19 -6.42 -11.51 4.25
N SER A 20 -5.75 -11.55 5.39
CA SER A 20 -6.09 -10.76 6.58
C SER A 20 -5.09 -9.60 6.73
N ALA A 21 -5.50 -8.55 7.48
CA ALA A 21 -4.60 -7.46 7.91
C ALA A 21 -3.37 -8.03 8.65
N ASP A 22 -3.59 -9.08 9.46
CA ASP A 22 -2.53 -9.83 10.17
C ASP A 22 -1.47 -10.38 9.19
N GLU A 23 -1.89 -10.80 7.99
CA GLU A 23 -0.98 -11.35 6.96
C GLU A 23 0.01 -10.27 6.46
N VAL A 24 -0.53 -9.09 6.15
CA VAL A 24 0.25 -7.95 5.63
C VAL A 24 1.02 -7.25 6.77
N GLN A 25 0.48 -7.41 8.01
CA GLN A 25 1.08 -6.83 9.23
C GLN A 25 2.36 -7.58 9.59
N ARG A 26 2.25 -8.91 9.61
CA ARG A 26 3.38 -9.81 9.85
C ARG A 26 4.49 -9.57 8.79
N PHE A 27 4.06 -9.37 7.53
CA PHE A 27 4.97 -9.12 6.41
C PHE A 27 5.79 -7.84 6.66
N PHE A 28 5.09 -6.72 6.92
CA PHE A 28 5.72 -5.40 7.16
C PHE A 28 5.92 -5.13 8.68
N SER A 29 6.04 -6.21 9.50
CA SER A 29 6.18 -6.08 10.97
C SER A 29 7.48 -5.36 11.40
N ASP A 30 8.49 -5.36 10.52
CA ASP A 30 9.78 -4.66 10.76
C ASP A 30 9.51 -3.14 10.80
N CYS A 31 8.68 -2.69 9.84
CA CYS A 31 8.14 -1.34 9.79
C CYS A 31 7.04 -1.19 10.85
N LYS A 32 7.01 -0.04 11.52
CA LYS A 32 6.00 0.24 12.52
C LYS A 32 4.76 0.77 11.81
N ILE A 33 3.86 -0.17 11.45
CA ILE A 33 2.61 0.16 10.75
C ILE A 33 1.72 1.00 11.67
N GLN A 34 1.36 2.21 11.18
CA GLN A 34 0.56 3.18 11.93
C GLN A 34 -0.81 2.58 12.31
N ASN A 35 -1.12 2.59 13.63
CA ASN A 35 -2.37 2.04 14.19
C ASN A 35 -2.46 0.50 13.98
N GLY A 36 -1.29 -0.13 13.74
CA GLY A 36 -1.18 -1.58 13.55
C GLY A 36 -1.98 -2.08 12.35
N ALA A 37 -2.77 -3.14 12.57
CA ALA A 37 -3.65 -3.75 11.54
C ALA A 37 -4.58 -2.73 10.86
N GLN A 38 -4.94 -1.68 11.60
CA GLN A 38 -5.93 -0.67 11.17
C GLN A 38 -5.32 0.28 10.11
N GLY A 39 -3.98 0.37 10.09
CA GLY A 39 -3.25 1.16 9.09
C GLY A 39 -3.28 0.50 7.72
N ILE A 40 -3.52 -0.82 7.70
CA ILE A 40 -3.59 -1.61 6.48
C ILE A 40 -5.01 -1.50 5.89
N ARG A 41 -5.09 -1.02 4.66
CA ARG A 41 -6.35 -0.64 4.00
C ARG A 41 -6.44 -1.31 2.64
N PHE A 42 -7.16 -2.44 2.58
CA PHE A 42 -7.34 -3.21 1.34
C PHE A 42 -8.38 -2.51 0.46
N ILE A 43 -8.05 -2.34 -0.83
CA ILE A 43 -8.97 -1.72 -1.81
C ILE A 43 -10.00 -2.78 -2.25
N TYR A 44 -11.06 -2.92 -1.44
CA TYR A 44 -12.17 -3.84 -1.72
C TYR A 44 -13.02 -3.28 -2.86
N THR A 45 -13.52 -4.18 -3.72
CA THR A 45 -14.36 -3.82 -4.86
C THR A 45 -15.83 -4.02 -4.49
N ARG A 46 -16.73 -3.71 -5.45
CA ARG A 46 -18.18 -3.97 -5.33
C ARG A 46 -18.50 -5.49 -5.36
N GLU A 47 -17.48 -6.31 -5.68
CA GLU A 47 -17.58 -7.77 -5.71
C GLU A 47 -17.40 -8.36 -4.28
N GLY A 48 -16.88 -7.52 -3.35
CA GLY A 48 -16.58 -7.94 -1.97
C GLY A 48 -15.24 -8.64 -1.84
N ARG A 49 -14.34 -8.37 -2.80
CA ARG A 49 -12.97 -8.92 -2.83
C ARG A 49 -12.00 -7.75 -3.13
N PRO A 50 -10.76 -7.71 -2.53
CA PRO A 50 -9.78 -6.66 -2.86
C PRO A 50 -9.31 -6.79 -4.32
N SER A 51 -8.84 -5.68 -4.90
CA SER A 51 -8.36 -5.63 -6.30
C SER A 51 -7.00 -6.37 -6.47
N GLY A 52 -6.45 -6.85 -5.33
CA GLY A 52 -5.07 -7.31 -5.26
C GLY A 52 -4.16 -6.19 -4.75
N GLU A 53 -4.75 -4.99 -4.55
CA GLU A 53 -4.07 -3.77 -4.08
C GLU A 53 -4.56 -3.36 -2.68
N ALA A 54 -3.64 -2.73 -1.93
CA ALA A 54 -3.91 -2.13 -0.61
C ALA A 54 -2.99 -0.91 -0.40
N PHE A 55 -3.29 -0.09 0.62
CA PHE A 55 -2.38 0.95 1.12
C PHE A 55 -2.10 0.68 2.60
N VAL A 56 -0.80 0.65 2.97
CA VAL A 56 -0.39 0.40 4.36
C VAL A 56 0.24 1.68 4.91
N GLU A 57 -0.37 2.24 5.97
CA GLU A 57 0.11 3.47 6.62
C GLU A 57 1.23 3.09 7.60
N LEU A 58 2.26 3.93 7.67
CA LEU A 58 3.47 3.65 8.48
C LEU A 58 3.76 4.81 9.45
N GLU A 59 4.60 4.53 10.46
CA GLU A 59 4.91 5.47 11.55
C GLU A 59 5.72 6.68 11.02
N SER A 60 6.51 6.42 9.99
CA SER A 60 7.40 7.41 9.37
C SER A 60 7.77 6.93 7.96
N GLU A 61 8.31 7.86 7.15
CA GLU A 61 8.70 7.57 5.75
C GLU A 61 10.01 6.75 5.71
N ASP A 62 10.70 6.68 6.85
CA ASP A 62 11.85 5.78 7.07
C ASP A 62 11.42 4.31 6.92
N GLU A 63 10.25 4.01 7.50
CA GLU A 63 9.60 2.69 7.39
C GLU A 63 9.30 2.35 5.91
N VAL A 64 9.00 3.39 5.10
CA VAL A 64 8.69 3.23 3.66
C VAL A 64 9.94 2.77 2.90
N LYS A 65 11.09 3.37 3.26
CA LYS A 65 12.40 3.05 2.63
C LYS A 65 12.71 1.54 2.67
N LEU A 66 12.49 0.92 3.85
CA LEU A 66 12.68 -0.54 4.06
C LEU A 66 11.69 -1.37 3.21
N ALA A 67 10.42 -0.92 3.24
CA ALA A 67 9.33 -1.55 2.48
C ALA A 67 9.64 -1.61 0.95
N LEU A 68 10.12 -0.46 0.41
CA LEU A 68 10.53 -0.32 -1.01
C LEU A 68 11.66 -1.30 -1.37
N LYS A 69 12.60 -1.49 -0.42
CA LYS A 69 13.75 -2.40 -0.60
C LYS A 69 13.30 -3.85 -0.73
N LYS A 70 12.17 -4.20 -0.10
CA LYS A 70 11.64 -5.57 -0.12
C LYS A 70 10.33 -5.66 -0.94
N ASP A 71 10.27 -4.89 -2.05
CA ASP A 71 9.25 -5.07 -3.12
C ASP A 71 9.55 -6.30 -4.01
N ARG A 72 10.39 -7.21 -3.49
CA ARG A 72 11.00 -8.31 -4.23
C ARG A 72 10.53 -9.64 -3.60
N GLU A 73 10.25 -9.58 -2.28
CA GLU A 73 9.76 -10.71 -1.49
C GLU A 73 8.44 -11.30 -2.03
N THR A 74 8.32 -12.62 -1.88
CA THR A 74 7.15 -13.39 -2.30
C THR A 74 6.18 -13.58 -1.12
N MET A 75 4.88 -13.56 -1.41
CA MET A 75 3.83 -13.73 -0.39
C MET A 75 3.11 -15.06 -0.64
N GLY A 76 3.51 -16.10 0.13
CA GLY A 76 3.03 -17.48 -0.08
C GLY A 76 3.63 -18.11 -1.32
N HIS A 77 3.13 -17.71 -2.50
CA HIS A 77 3.69 -18.09 -3.81
C HIS A 77 3.39 -16.98 -4.85
N ARG A 78 3.02 -15.79 -4.35
CA ARG A 78 2.79 -14.58 -5.18
C ARG A 78 3.98 -13.60 -4.93
N TYR A 79 3.75 -12.28 -4.95
CA TYR A 79 4.81 -11.25 -5.15
C TYR A 79 4.25 -9.96 -4.55
N VAL A 80 4.99 -9.27 -3.68
CA VAL A 80 4.53 -7.99 -3.12
C VAL A 80 5.30 -6.84 -3.79
N GLU A 81 4.54 -6.01 -4.50
CA GLU A 81 5.03 -4.79 -5.16
C GLU A 81 4.75 -3.62 -4.24
N VAL A 82 5.83 -2.95 -3.80
CA VAL A 82 5.74 -1.84 -2.86
C VAL A 82 6.18 -0.56 -3.59
N PHE A 83 5.24 0.38 -3.70
CA PHE A 83 5.47 1.71 -4.27
C PHE A 83 5.36 2.73 -3.13
N LYS A 84 5.52 4.02 -3.44
CA LYS A 84 5.33 5.10 -2.47
C LYS A 84 3.96 5.70 -2.72
N SER A 85 3.11 5.63 -1.71
CA SER A 85 1.80 6.25 -1.74
C SER A 85 1.87 7.66 -1.13
N ASN A 86 0.71 8.30 -1.09
CA ASN A 86 0.53 9.64 -0.56
C ASN A 86 -0.82 9.65 0.17
N ASN A 87 -0.98 10.56 1.16
CA ASN A 87 -2.25 10.71 1.91
C ASN A 87 -3.40 11.06 0.93
N VAL A 88 -3.05 11.90 -0.07
CA VAL A 88 -3.96 12.34 -1.15
C VAL A 88 -4.38 11.14 -2.03
N GLU A 89 -3.38 10.33 -2.45
CA GLU A 89 -3.60 9.17 -3.36
C GLU A 89 -4.50 8.11 -2.69
N MET A 90 -4.10 7.67 -1.48
CA MET A 90 -4.82 6.66 -0.69
C MET A 90 -6.28 7.06 -0.45
N ASP A 91 -6.48 8.36 -0.13
CA ASP A 91 -7.81 8.94 0.10
C ASP A 91 -8.72 8.77 -1.12
N TRP A 92 -8.18 9.07 -2.32
CA TRP A 92 -8.93 9.01 -3.59
C TRP A 92 -9.44 7.59 -3.90
N VAL A 93 -8.55 6.60 -3.72
CA VAL A 93 -8.83 5.20 -4.09
C VAL A 93 -9.78 4.52 -3.06
N LEU A 94 -9.79 5.03 -1.82
CA LEU A 94 -10.73 4.58 -0.76
C LEU A 94 -12.11 5.24 -0.95
N LYS A 95 -12.15 6.44 -1.52
CA LYS A 95 -13.41 7.15 -1.86
C LYS A 95 -14.01 6.61 -3.17
N HIS A 96 -13.14 6.11 -4.05
CA HIS A 96 -13.50 5.57 -5.36
C HIS A 96 -12.37 4.68 -5.86
N THR A 97 -12.60 3.37 -5.84
CA THR A 97 -11.67 2.35 -6.35
C THR A 97 -11.13 2.71 -7.76
N GLY A 98 -9.90 3.25 -7.80
CA GLY A 98 -9.25 3.73 -9.02
C GLY A 98 -8.81 5.19 -8.89
N PRO A 99 -8.71 5.95 -10.01
CA PRO A 99 -8.34 7.39 -9.97
C PRO A 99 -9.54 8.32 -9.71
N ASN A 100 -9.24 9.53 -9.22
CA ASN A 100 -10.22 10.60 -9.03
C ASN A 100 -9.78 11.80 -9.88
N SER A 101 -8.67 12.42 -9.47
CA SER A 101 -8.11 13.62 -10.09
C SER A 101 -6.76 13.28 -10.75
N PRO A 102 -6.39 13.92 -11.91
CA PRO A 102 -5.04 13.77 -12.50
C PRO A 102 -3.97 14.25 -11.50
N ASP A 103 -3.05 13.34 -11.10
CA ASP A 103 -1.96 13.64 -10.15
C ASP A 103 -1.11 14.84 -10.64
N THR A 104 -1.01 14.98 -11.97
CA THR A 104 -0.39 16.14 -12.62
C THR A 104 -1.50 17.00 -13.26
N ALA A 105 -2.27 17.71 -12.40
CA ALA A 105 -3.33 18.65 -12.84
C ALA A 105 -2.97 20.10 -12.51
N ASN A 106 -1.91 20.29 -11.69
CA ASN A 106 -1.44 21.61 -11.26
C ASN A 106 0.10 21.61 -11.16
N ASP A 107 0.76 22.49 -11.94
CA ASP A 107 2.22 22.70 -11.89
C ASP A 107 2.52 24.18 -12.16
N GLY A 108 3.62 24.69 -11.59
CA GLY A 108 3.97 26.11 -11.68
C GLY A 108 3.43 26.89 -10.49
N SER A 1 4.66 21.71 -6.24
CA SER A 1 5.06 22.23 -4.94
C SER A 1 5.01 21.14 -3.85
N HIS A 2 6.03 21.12 -3.01
CA HIS A 2 6.06 20.33 -1.77
C HIS A 2 6.51 21.24 -0.62
N MET A 3 5.50 21.80 0.09
CA MET A 3 5.69 22.56 1.35
C MET A 3 6.40 21.67 2.39
N GLY A 4 6.02 20.39 2.36
CA GLY A 4 6.65 19.35 3.17
C GLY A 4 6.89 18.10 2.34
N GLY A 5 8.16 17.63 2.29
CA GLY A 5 8.49 16.36 1.64
C GLY A 5 8.03 15.20 2.51
N GLU A 6 6.71 14.91 2.45
CA GLU A 6 6.06 13.93 3.30
C GLU A 6 5.39 12.87 2.41
N GLY A 7 5.81 11.60 2.60
CA GLY A 7 5.20 10.46 1.91
C GLY A 7 5.42 9.20 2.72
N PHE A 8 4.97 9.23 4.02
CA PHE A 8 5.13 8.07 4.93
C PHE A 8 3.92 7.10 4.84
N VAL A 9 3.49 6.81 3.61
CA VAL A 9 2.50 5.79 3.29
C VAL A 9 3.03 4.99 2.10
N VAL A 10 2.96 3.65 2.16
CA VAL A 10 3.25 2.78 1.00
C VAL A 10 1.95 2.21 0.41
N LYS A 11 2.08 1.63 -0.78
CA LYS A 11 1.00 0.96 -1.49
C LYS A 11 1.47 -0.45 -1.83
N VAL A 12 0.69 -1.44 -1.44
CA VAL A 12 1.08 -2.85 -1.52
C VAL A 12 0.21 -3.55 -2.56
N ARG A 13 0.86 -4.16 -3.54
CA ARG A 13 0.21 -4.77 -4.71
C ARG A 13 0.72 -6.21 -4.84
N GLY A 14 -0.13 -7.12 -5.34
CA GLY A 14 0.21 -8.55 -5.42
C GLY A 14 -0.18 -9.32 -4.16
N LEU A 15 -1.14 -8.77 -3.41
CA LEU A 15 -1.71 -9.40 -2.22
C LEU A 15 -2.74 -10.47 -2.64
N PRO A 16 -2.74 -11.68 -1.99
CA PRO A 16 -3.83 -12.66 -2.16
C PRO A 16 -5.16 -12.14 -1.56
N TRP A 17 -6.25 -12.33 -2.31
CA TRP A 17 -7.62 -11.99 -1.88
C TRP A 17 -8.00 -12.80 -0.61
N SER A 18 -7.37 -13.97 -0.47
CA SER A 18 -7.62 -14.93 0.61
C SER A 18 -6.94 -14.55 1.94
N CYS A 19 -6.24 -13.39 1.98
CA CYS A 19 -5.51 -12.92 3.19
C CYS A 19 -6.08 -11.59 3.64
N SER A 20 -5.98 -11.31 4.94
CA SER A 20 -6.45 -10.06 5.56
C SER A 20 -5.25 -9.29 6.17
N ALA A 21 -5.57 -8.26 6.98
CA ALA A 21 -4.58 -7.31 7.55
C ALA A 21 -3.42 -8.01 8.30
N ASP A 22 -3.73 -9.11 9.05
CA ASP A 22 -2.74 -9.91 9.81
C ASP A 22 -1.53 -10.32 8.96
N GLU A 23 -1.80 -11.00 7.83
CA GLU A 23 -0.73 -11.61 6.99
C GLU A 23 0.14 -10.54 6.31
N VAL A 24 -0.48 -9.40 5.96
CA VAL A 24 0.22 -8.25 5.37
C VAL A 24 1.13 -7.59 6.43
N GLN A 25 0.63 -7.51 7.68
CA GLN A 25 1.38 -6.93 8.82
C GLN A 25 2.63 -7.78 9.12
N ARG A 26 2.45 -9.11 9.10
CA ARG A 26 3.54 -10.08 9.34
C ARG A 26 4.59 -10.02 8.21
N PHE A 27 4.14 -9.83 6.94
CA PHE A 27 5.05 -9.65 5.80
C PHE A 27 5.83 -8.33 5.95
N PHE A 28 5.16 -7.28 6.45
CA PHE A 28 5.77 -5.95 6.64
C PHE A 28 6.28 -5.76 8.07
N SER A 29 6.69 -6.87 8.73
CA SER A 29 7.38 -6.81 10.03
C SER A 29 8.82 -6.30 9.82
N ASP A 30 8.99 -4.98 10.00
CA ASP A 30 10.15 -4.13 9.61
C ASP A 30 9.72 -2.66 9.72
N CYS A 31 8.43 -2.43 9.42
CA CYS A 31 7.81 -1.11 9.42
C CYS A 31 6.73 -1.01 10.51
N LYS A 32 6.72 0.13 11.23
CA LYS A 32 5.71 0.43 12.26
C LYS A 32 4.45 0.98 11.57
N ILE A 33 3.47 0.09 11.36
CA ILE A 33 2.20 0.42 10.72
C ILE A 33 1.30 1.14 11.72
N GLN A 34 0.99 2.43 11.43
CA GLN A 34 0.20 3.28 12.33
C GLN A 34 -1.24 2.76 12.45
N ASN A 35 -1.72 2.60 13.71
CA ASN A 35 -3.02 1.99 14.08
C ASN A 35 -2.95 0.45 13.93
N GLY A 36 -1.72 -0.10 13.85
CA GLY A 36 -1.47 -1.53 13.72
C GLY A 36 -2.01 -2.09 12.41
N ALA A 37 -2.65 -3.27 12.47
CA ALA A 37 -3.30 -3.91 11.32
C ALA A 37 -4.46 -3.05 10.76
N GLN A 38 -4.99 -2.10 11.58
CA GLN A 38 -6.06 -1.16 11.15
C GLN A 38 -5.49 -0.03 10.24
N GLY A 39 -4.15 0.06 10.16
CA GLY A 39 -3.48 1.02 9.27
C GLY A 39 -3.43 0.54 7.83
N ILE A 40 -3.63 -0.78 7.63
CA ILE A 40 -3.63 -1.41 6.30
C ILE A 40 -5.03 -1.26 5.68
N ARG A 41 -5.11 -0.53 4.56
CA ARG A 41 -6.38 -0.17 3.91
C ARG A 41 -6.47 -0.81 2.53
N PHE A 42 -7.13 -1.99 2.45
CA PHE A 42 -7.25 -2.77 1.20
C PHE A 42 -8.23 -2.09 0.24
N ILE A 43 -7.89 -2.07 -1.04
CA ILE A 43 -8.82 -1.75 -2.11
C ILE A 43 -9.66 -3.00 -2.37
N TYR A 44 -10.96 -2.91 -2.05
CA TYR A 44 -11.93 -3.99 -2.28
C TYR A 44 -12.63 -3.78 -3.62
N THR A 45 -13.33 -4.81 -4.08
CA THR A 45 -14.19 -4.74 -5.28
C THR A 45 -15.63 -4.32 -4.85
N ARG A 46 -16.57 -4.28 -5.82
CA ARG A 46 -17.90 -3.63 -5.63
C ARG A 46 -18.76 -4.25 -4.50
N GLU A 47 -18.47 -5.50 -4.09
CA GLU A 47 -19.26 -6.19 -3.04
C GLU A 47 -18.42 -6.41 -1.76
N GLY A 48 -17.09 -6.22 -1.86
CA GLY A 48 -16.18 -6.30 -0.71
C GLY A 48 -15.32 -7.54 -0.69
N ARG A 49 -14.61 -7.80 -1.79
CA ARG A 49 -13.55 -8.84 -1.86
C ARG A 49 -12.21 -8.14 -2.13
N PRO A 50 -11.11 -8.46 -1.35
CA PRO A 50 -9.78 -7.83 -1.54
C PRO A 50 -9.28 -8.04 -2.97
N SER A 51 -8.97 -6.93 -3.66
CA SER A 51 -8.64 -6.96 -5.09
C SER A 51 -7.19 -7.43 -5.28
N GLY A 52 -6.28 -6.87 -4.47
CA GLY A 52 -4.87 -7.25 -4.47
C GLY A 52 -3.96 -6.06 -4.15
N GLU A 53 -4.54 -4.84 -4.18
CA GLU A 53 -3.84 -3.60 -3.80
C GLU A 53 -4.36 -3.09 -2.44
N ALA A 54 -3.48 -2.38 -1.72
CA ALA A 54 -3.77 -1.76 -0.43
C ALA A 54 -2.87 -0.53 -0.21
N PHE A 55 -3.19 0.30 0.79
CA PHE A 55 -2.32 1.37 1.29
C PHE A 55 -2.01 1.12 2.76
N VAL A 56 -0.74 0.87 3.08
CA VAL A 56 -0.28 0.66 4.46
C VAL A 56 0.30 1.97 5.00
N GLU A 57 -0.37 2.50 6.03
CA GLU A 57 0.00 3.76 6.70
C GLU A 57 1.17 3.51 7.67
N LEU A 58 2.23 4.34 7.59
CA LEU A 58 3.50 4.12 8.33
C LEU A 58 3.90 5.40 9.08
N GLU A 59 4.42 5.24 10.30
CA GLU A 59 4.69 6.37 11.23
C GLU A 59 5.93 7.18 10.84
N SER A 60 6.81 6.57 10.04
CA SER A 60 8.04 7.22 9.55
C SER A 60 8.27 6.83 8.08
N GLU A 61 8.91 7.72 7.32
CA GLU A 61 9.30 7.43 5.93
C GLU A 61 10.48 6.42 5.88
N ASP A 62 11.13 6.18 7.04
CA ASP A 62 12.11 5.10 7.21
C ASP A 62 11.40 3.75 7.07
N GLU A 63 10.33 3.60 7.85
CA GLU A 63 9.40 2.45 7.76
C GLU A 63 8.98 2.18 6.29
N VAL A 64 8.76 3.28 5.54
CA VAL A 64 8.41 3.22 4.11
C VAL A 64 9.54 2.61 3.29
N LYS A 65 10.76 3.12 3.43
CA LYS A 65 11.94 2.62 2.68
C LYS A 65 12.19 1.11 2.91
N LEU A 66 11.96 0.66 4.14
CA LEU A 66 12.05 -0.78 4.52
C LEU A 66 10.93 -1.62 3.86
N ALA A 67 9.74 -1.00 3.76
CA ALA A 67 8.61 -1.58 3.01
C ALA A 67 8.92 -1.67 1.50
N LEU A 68 9.52 -0.59 0.95
CA LEU A 68 9.96 -0.51 -0.47
C LEU A 68 11.04 -1.56 -0.77
N LYS A 69 11.83 -1.90 0.26
CA LYS A 69 12.90 -2.90 0.18
C LYS A 69 12.31 -4.32 -0.06
N LYS A 70 11.02 -4.50 0.28
CA LYS A 70 10.28 -5.76 0.06
C LYS A 70 9.68 -5.85 -1.36
N ASP A 71 9.83 -4.77 -2.17
CA ASP A 71 9.44 -4.78 -3.60
C ASP A 71 10.38 -5.71 -4.40
N ARG A 72 9.93 -6.99 -4.50
CA ARG A 72 10.59 -8.15 -5.17
C ARG A 72 10.26 -9.43 -4.37
N GLU A 73 10.25 -9.32 -3.03
CA GLU A 73 9.93 -10.44 -2.12
C GLU A 73 8.56 -11.07 -2.40
N THR A 74 8.49 -12.39 -2.24
CA THR A 74 7.28 -13.19 -2.45
C THR A 74 6.52 -13.33 -1.12
N MET A 75 5.26 -12.85 -1.08
CA MET A 75 4.40 -12.94 0.11
C MET A 75 4.14 -14.41 0.49
N GLY A 76 3.31 -15.11 -0.30
CA GLY A 76 3.14 -16.56 -0.23
C GLY A 76 3.11 -17.21 -1.61
N HIS A 77 2.86 -16.38 -2.64
CA HIS A 77 2.83 -16.78 -4.05
C HIS A 77 3.44 -15.66 -4.90
N ARG A 78 2.74 -14.51 -4.92
CA ARG A 78 3.06 -13.36 -5.77
C ARG A 78 4.24 -12.55 -5.23
N TYR A 79 4.91 -11.84 -6.16
CA TYR A 79 5.95 -10.86 -5.86
C TYR A 79 5.24 -9.56 -5.47
N VAL A 80 5.59 -8.99 -4.32
CA VAL A 80 4.86 -7.86 -3.74
C VAL A 80 5.46 -6.56 -4.27
N GLU A 81 4.61 -5.76 -4.93
CA GLU A 81 4.99 -4.48 -5.50
C GLU A 81 4.66 -3.37 -4.49
N VAL A 82 5.69 -2.68 -4.01
CA VAL A 82 5.53 -1.66 -2.97
C VAL A 82 5.95 -0.29 -3.53
N PHE A 83 4.96 0.63 -3.64
CA PHE A 83 5.15 1.99 -4.16
C PHE A 83 5.12 2.97 -2.99
N LYS A 84 5.92 4.05 -3.04
CA LYS A 84 5.69 5.21 -2.16
C LYS A 84 4.44 5.97 -2.66
N SER A 85 3.50 6.15 -1.74
CA SER A 85 2.20 6.75 -2.02
C SER A 85 1.88 7.90 -1.06
N ASN A 86 0.90 8.70 -1.46
CA ASN A 86 0.42 9.86 -0.69
C ASN A 86 -0.91 9.48 -0.03
N ASN A 87 -1.22 10.13 1.10
CA ASN A 87 -2.52 10.05 1.79
C ASN A 87 -3.65 10.58 0.86
N VAL A 88 -3.29 11.57 0.01
CA VAL A 88 -4.17 12.12 -1.04
C VAL A 88 -4.54 11.00 -2.04
N GLU A 89 -3.53 10.20 -2.45
CA GLU A 89 -3.73 9.07 -3.38
C GLU A 89 -4.57 7.95 -2.69
N MET A 90 -4.31 7.73 -1.38
CA MET A 90 -5.08 6.75 -0.57
C MET A 90 -6.58 7.07 -0.63
N ASP A 91 -6.89 8.35 -0.39
CA ASP A 91 -8.27 8.90 -0.44
C ASP A 91 -8.90 8.65 -1.81
N TRP A 92 -8.13 8.95 -2.88
CA TRP A 92 -8.57 8.79 -4.27
C TRP A 92 -8.96 7.34 -4.59
N VAL A 93 -8.07 6.38 -4.29
CA VAL A 93 -8.23 4.99 -4.75
C VAL A 93 -9.25 4.19 -3.88
N LEU A 94 -9.43 4.62 -2.62
CA LEU A 94 -10.49 4.07 -1.73
C LEU A 94 -11.89 4.50 -2.22
N LYS A 95 -11.99 5.74 -2.71
CA LYS A 95 -13.26 6.34 -3.20
C LYS A 95 -13.44 6.09 -4.71
N HIS A 96 -12.35 5.71 -5.39
CA HIS A 96 -12.30 5.47 -6.84
C HIS A 96 -11.23 4.40 -7.12
N THR A 97 -11.67 3.13 -7.16
CA THR A 97 -10.78 1.96 -7.37
C THR A 97 -9.97 2.08 -8.69
N GLY A 98 -8.77 2.68 -8.55
CA GLY A 98 -7.89 2.98 -9.68
C GLY A 98 -7.05 4.22 -9.37
N PRO A 99 -5.69 4.19 -9.53
CA PRO A 99 -4.79 5.30 -9.14
C PRO A 99 -4.66 6.38 -10.24
N ASN A 100 -5.80 6.71 -10.87
CA ASN A 100 -5.88 7.79 -11.88
C ASN A 100 -6.06 9.15 -11.16
N SER A 101 -5.21 9.39 -10.15
CA SER A 101 -5.24 10.59 -9.32
C SER A 101 -4.64 11.76 -10.11
N PRO A 102 -5.45 12.85 -10.39
CA PRO A 102 -4.93 14.08 -11.03
C PRO A 102 -3.94 14.82 -10.12
N ASP A 103 -3.25 15.84 -10.68
CA ASP A 103 -2.23 16.62 -9.96
C ASP A 103 -1.04 15.71 -9.58
N THR A 104 -0.36 15.15 -10.61
CA THR A 104 0.86 14.39 -10.41
C THR A 104 2.04 15.37 -10.32
N ALA A 105 2.61 15.51 -9.12
CA ALA A 105 3.67 16.49 -8.80
C ALA A 105 4.91 16.32 -9.71
N ASN A 106 5.22 15.05 -10.04
CA ASN A 106 6.31 14.68 -10.97
C ASN A 106 7.67 15.23 -10.49
N ASP A 107 7.99 14.91 -9.22
CA ASP A 107 9.31 15.20 -8.62
C ASP A 107 10.34 14.17 -9.11
N GLY A 108 11.60 14.59 -9.21
CA GLY A 108 12.67 13.73 -9.72
C GLY A 108 13.85 14.56 -10.21
N SER A 1 9.97 7.99 -10.16
CA SER A 1 9.55 9.29 -9.63
C SER A 1 9.41 9.23 -8.09
N HIS A 2 10.56 9.34 -7.39
CA HIS A 2 10.60 9.37 -5.92
C HIS A 2 10.38 10.82 -5.44
N MET A 3 9.16 11.09 -4.96
CA MET A 3 8.70 12.43 -4.57
C MET A 3 7.47 12.32 -3.65
N GLY A 4 6.88 13.48 -3.29
CA GLY A 4 5.73 13.53 -2.40
C GLY A 4 6.09 13.05 -1.00
N GLY A 5 7.09 13.72 -0.40
CA GLY A 5 7.62 13.36 0.92
C GLY A 5 6.59 13.44 2.03
N GLU A 6 5.68 14.43 1.93
CA GLU A 6 4.57 14.61 2.87
C GLU A 6 3.46 13.59 2.57
N GLY A 7 3.64 12.39 3.12
CA GLY A 7 2.72 11.28 2.90
C GLY A 7 3.44 9.96 3.13
N PHE A 8 3.58 9.58 4.41
CA PHE A 8 4.24 8.33 4.83
C PHE A 8 3.26 7.14 4.79
N VAL A 9 2.76 6.90 3.57
CA VAL A 9 1.86 5.79 3.20
C VAL A 9 2.43 5.11 1.95
N VAL A 10 2.47 3.77 1.95
CA VAL A 10 2.80 2.97 0.76
C VAL A 10 1.56 2.19 0.30
N LYS A 11 1.74 1.34 -0.72
CA LYS A 11 0.69 0.47 -1.22
C LYS A 11 1.30 -0.88 -1.64
N VAL A 12 0.54 -1.92 -1.37
CA VAL A 12 0.92 -3.32 -1.49
C VAL A 12 0.12 -3.94 -2.65
N ARG A 13 0.84 -4.42 -3.65
CA ARG A 13 0.28 -4.98 -4.89
C ARG A 13 0.80 -6.40 -5.10
N GLY A 14 -0.03 -7.24 -5.73
CA GLY A 14 0.28 -8.66 -5.89
C GLY A 14 -0.16 -9.48 -4.70
N LEU A 15 -1.18 -8.96 -3.99
CA LEU A 15 -1.81 -9.64 -2.84
C LEU A 15 -2.39 -11.01 -3.24
N PRO A 16 -2.32 -12.04 -2.34
CA PRO A 16 -3.01 -13.34 -2.54
C PRO A 16 -4.52 -13.21 -2.25
N TRP A 17 -5.27 -14.30 -2.53
CA TRP A 17 -6.70 -14.40 -2.15
C TRP A 17 -6.81 -14.50 -0.61
N SER A 18 -5.73 -14.99 0.01
CA SER A 18 -5.60 -15.16 1.47
C SER A 18 -5.22 -13.85 2.19
N CYS A 19 -5.09 -12.73 1.43
CA CYS A 19 -4.77 -11.39 1.98
C CYS A 19 -5.67 -11.00 3.19
N SER A 20 -5.00 -10.65 4.28
CA SER A 20 -5.62 -10.22 5.53
C SER A 20 -4.72 -9.18 6.18
N ALA A 21 -5.29 -8.36 7.07
CA ALA A 21 -4.54 -7.36 7.85
C ALA A 21 -3.37 -8.02 8.59
N ASP A 22 -3.64 -9.20 9.18
CA ASP A 22 -2.65 -10.07 9.83
C ASP A 22 -1.48 -10.43 8.90
N GLU A 23 -1.79 -10.76 7.64
CA GLU A 23 -0.77 -11.16 6.64
C GLU A 23 0.12 -9.96 6.27
N VAL A 24 -0.47 -8.76 6.20
CA VAL A 24 0.25 -7.49 5.95
C VAL A 24 1.21 -7.16 7.13
N GLN A 25 0.74 -7.46 8.38
CA GLN A 25 1.55 -7.33 9.61
C GLN A 25 2.84 -8.18 9.49
N ARG A 26 2.64 -9.48 9.17
CA ARG A 26 3.74 -10.47 9.00
C ARG A 26 4.74 -10.01 7.94
N PHE A 27 4.20 -9.55 6.81
CA PHE A 27 4.97 -9.09 5.65
C PHE A 27 5.93 -7.93 6.00
N PHE A 28 5.43 -7.00 6.83
CA PHE A 28 6.20 -5.81 7.26
C PHE A 28 6.87 -6.02 8.64
N SER A 29 7.34 -7.25 8.96
CA SER A 29 8.08 -7.49 10.21
C SER A 29 9.54 -6.98 10.02
N ASP A 30 9.69 -5.66 10.21
CA ASP A 30 10.88 -4.85 9.85
C ASP A 30 10.49 -3.39 10.01
N CYS A 31 9.48 -3.00 9.21
CA CYS A 31 8.77 -1.73 9.35
C CYS A 31 7.83 -1.80 10.57
N LYS A 32 7.05 -0.74 10.82
CA LYS A 32 5.95 -0.80 11.79
C LYS A 32 4.77 0.05 11.29
N ILE A 33 3.62 -0.61 11.25
CA ILE A 33 2.37 -0.05 10.74
C ILE A 33 1.70 0.70 11.89
N GLN A 34 1.33 1.97 11.61
CA GLN A 34 1.04 3.03 12.61
C GLN A 34 0.20 2.56 13.82
N ASN A 35 -1.04 2.08 13.58
CA ASN A 35 -1.92 1.55 14.65
C ASN A 35 -2.20 0.05 14.42
N GLY A 36 -1.15 -0.68 13.99
CA GLY A 36 -1.24 -2.11 13.71
C GLY A 36 -2.14 -2.40 12.52
N ALA A 37 -3.09 -3.35 12.70
CA ALA A 37 -4.08 -3.70 11.65
C ALA A 37 -5.04 -2.55 11.29
N GLN A 38 -5.08 -1.48 12.13
CA GLN A 38 -5.90 -0.28 11.86
C GLN A 38 -5.23 0.64 10.82
N GLY A 39 -3.89 0.50 10.66
CA GLY A 39 -3.15 1.27 9.65
C GLY A 39 -3.03 0.55 8.32
N ILE A 40 -4.04 -0.29 8.02
CA ILE A 40 -4.09 -1.13 6.82
C ILE A 40 -5.44 -0.91 6.14
N ARG A 41 -5.40 -0.58 4.84
CA ARG A 41 -6.55 -0.07 4.09
C ARG A 41 -6.70 -0.85 2.78
N PHE A 42 -7.56 -1.88 2.76
CA PHE A 42 -7.77 -2.71 1.56
C PHE A 42 -8.72 -1.98 0.58
N ILE A 43 -8.36 -1.99 -0.72
CA ILE A 43 -9.22 -1.48 -1.77
C ILE A 43 -10.14 -2.61 -2.21
N TYR A 44 -11.45 -2.47 -1.95
CA TYR A 44 -12.45 -3.46 -2.32
C TYR A 44 -13.08 -3.06 -3.67
N THR A 45 -13.76 -4.02 -4.27
CA THR A 45 -14.54 -3.84 -5.50
C THR A 45 -16.03 -3.88 -5.15
N ARG A 46 -16.88 -3.58 -6.14
CA ARG A 46 -18.36 -3.61 -5.98
C ARG A 46 -18.92 -5.06 -5.97
N GLU A 47 -18.03 -6.07 -6.08
CA GLU A 47 -18.37 -7.50 -5.83
C GLU A 47 -18.23 -7.83 -4.33
N GLY A 48 -17.72 -6.87 -3.53
CA GLY A 48 -17.48 -7.07 -2.09
C GLY A 48 -16.20 -7.86 -1.81
N ARG A 49 -15.19 -7.69 -2.67
CA ARG A 49 -13.91 -8.43 -2.60
C ARG A 49 -12.69 -7.49 -2.80
N PRO A 50 -11.56 -7.65 -2.02
CA PRO A 50 -10.30 -6.92 -2.25
C PRO A 50 -9.74 -7.14 -3.68
N SER A 51 -9.33 -6.04 -4.34
CA SER A 51 -8.90 -6.03 -5.74
C SER A 51 -7.56 -6.76 -5.91
N GLY A 52 -6.64 -6.46 -4.99
CA GLY A 52 -5.26 -6.95 -5.05
C GLY A 52 -4.28 -5.83 -4.66
N GLU A 53 -4.82 -4.61 -4.54
CA GLU A 53 -4.10 -3.44 -3.99
C GLU A 53 -4.66 -3.07 -2.60
N ALA A 54 -3.77 -2.53 -1.77
CA ALA A 54 -4.11 -2.02 -0.43
C ALA A 54 -3.10 -0.92 -0.08
N PHE A 55 -3.48 0.05 0.74
CA PHE A 55 -2.59 1.11 1.21
C PHE A 55 -2.21 0.84 2.68
N VAL A 56 -0.90 0.83 2.95
CA VAL A 56 -0.35 0.61 4.29
C VAL A 56 0.19 1.94 4.82
N GLU A 57 0.01 2.15 6.11
CA GLU A 57 0.21 3.44 6.75
C GLU A 57 1.23 3.22 7.87
N LEU A 58 2.36 3.92 7.79
CA LEU A 58 3.57 3.61 8.59
C LEU A 58 3.92 4.77 9.53
N GLU A 59 4.72 4.47 10.58
CA GLU A 59 5.14 5.48 11.59
C GLU A 59 5.93 6.66 10.99
N SER A 60 6.66 6.41 9.90
CA SER A 60 7.54 7.41 9.28
C SER A 60 7.86 7.04 7.83
N GLU A 61 8.42 8.01 7.09
CA GLU A 61 8.81 7.82 5.69
C GLU A 61 10.06 6.93 5.57
N ASP A 62 10.81 6.78 6.67
CA ASP A 62 11.94 5.86 6.75
C ASP A 62 11.44 4.41 6.60
N GLU A 63 10.35 4.12 7.32
CA GLU A 63 9.60 2.85 7.19
C GLU A 63 9.03 2.65 5.76
N VAL A 64 8.69 3.77 5.09
CA VAL A 64 8.24 3.76 3.68
C VAL A 64 9.37 3.32 2.75
N LYS A 65 10.59 3.80 3.03
CA LYS A 65 11.82 3.39 2.32
C LYS A 65 12.13 1.89 2.56
N LEU A 66 11.89 1.41 3.80
CA LEU A 66 12.00 -0.03 4.16
C LEU A 66 10.90 -0.87 3.44
N ALA A 67 9.76 -0.22 3.21
CA ALA A 67 8.67 -0.80 2.40
C ALA A 67 9.08 -0.89 0.91
N LEU A 68 9.73 0.17 0.40
CA LEU A 68 10.22 0.26 -1.00
C LEU A 68 11.26 -0.83 -1.31
N LYS A 69 12.17 -1.11 -0.35
CA LYS A 69 13.21 -2.15 -0.55
C LYS A 69 12.60 -3.56 -0.42
N LYS A 70 11.40 -3.63 0.19
CA LYS A 70 10.64 -4.88 0.41
C LYS A 70 9.80 -5.26 -0.84
N ASP A 71 9.97 -4.50 -1.96
CA ASP A 71 9.32 -4.79 -3.25
C ASP A 71 9.87 -6.10 -3.89
N ARG A 72 9.38 -7.26 -3.42
CA ARG A 72 9.96 -8.60 -3.72
C ARG A 72 9.44 -9.65 -2.74
N GLU A 73 9.42 -9.24 -1.45
CA GLU A 73 9.08 -10.07 -0.27
C GLU A 73 7.86 -10.99 -0.50
N THR A 74 7.95 -12.21 0.01
CA THR A 74 6.96 -13.26 -0.25
C THR A 74 5.98 -13.39 0.92
N MET A 75 4.73 -13.00 0.69
CA MET A 75 3.63 -13.17 1.65
C MET A 75 3.15 -14.63 1.59
N GLY A 76 3.74 -15.48 2.45
CA GLY A 76 3.40 -16.91 2.50
C GLY A 76 4.10 -17.70 1.41
N HIS A 77 3.47 -17.76 0.23
CA HIS A 77 4.02 -18.38 -0.99
C HIS A 77 3.86 -17.44 -2.20
N ARG A 78 3.41 -16.21 -1.93
CA ARG A 78 3.05 -15.22 -2.94
C ARG A 78 4.12 -14.14 -3.04
N TYR A 79 4.57 -13.78 -4.27
CA TYR A 79 5.47 -12.63 -4.47
C TYR A 79 4.62 -11.36 -4.37
N VAL A 80 5.09 -10.36 -3.61
CA VAL A 80 4.37 -9.09 -3.43
C VAL A 80 5.32 -7.89 -3.66
N GLU A 81 4.85 -6.92 -4.45
CA GLU A 81 5.54 -5.65 -4.73
C GLU A 81 4.96 -4.56 -3.82
N VAL A 82 5.81 -3.60 -3.43
CA VAL A 82 5.39 -2.45 -2.60
C VAL A 82 5.89 -1.15 -3.25
N PHE A 83 4.95 -0.27 -3.61
CA PHE A 83 5.23 1.02 -4.27
C PHE A 83 4.82 2.13 -3.30
N LYS A 84 5.58 3.25 -3.29
CA LYS A 84 5.22 4.41 -2.48
C LYS A 84 3.93 5.05 -3.02
N SER A 85 3.07 5.45 -2.11
CA SER A 85 1.84 6.19 -2.42
C SER A 85 1.86 7.50 -1.62
N ASN A 86 0.68 8.11 -1.46
CA ASN A 86 0.52 9.37 -0.71
C ASN A 86 -0.69 9.25 0.21
N ASN A 87 -0.74 10.10 1.24
CA ASN A 87 -1.93 10.26 2.10
C ASN A 87 -3.14 10.75 1.27
N VAL A 88 -2.86 11.69 0.34
CA VAL A 88 -3.85 12.26 -0.60
C VAL A 88 -4.31 11.23 -1.65
N GLU A 89 -3.35 10.39 -2.09
CA GLU A 89 -3.60 9.33 -3.09
C GLU A 89 -4.50 8.22 -2.49
N MET A 90 -4.14 7.79 -1.26
CA MET A 90 -4.89 6.79 -0.48
C MET A 90 -6.33 7.28 -0.25
N ASP A 91 -6.45 8.56 0.15
CA ASP A 91 -7.73 9.24 0.39
C ASP A 91 -8.59 9.27 -0.89
N TRP A 92 -7.93 9.59 -2.03
CA TRP A 92 -8.56 9.70 -3.35
C TRP A 92 -9.22 8.38 -3.80
N VAL A 93 -8.44 7.29 -3.79
CA VAL A 93 -8.87 5.97 -4.28
C VAL A 93 -10.03 5.39 -3.42
N LEU A 94 -9.99 5.66 -2.10
CA LEU A 94 -11.08 5.28 -1.17
C LEU A 94 -12.36 6.08 -1.46
N LYS A 95 -12.17 7.35 -1.84
CA LYS A 95 -13.26 8.31 -2.05
C LYS A 95 -13.87 8.12 -3.46
N HIS A 96 -12.99 7.70 -4.38
CA HIS A 96 -13.27 7.62 -5.82
C HIS A 96 -12.16 6.79 -6.48
N THR A 97 -12.44 5.51 -6.73
CA THR A 97 -11.54 4.62 -7.47
C THR A 97 -11.64 4.91 -8.99
N GLY A 98 -10.76 4.29 -9.78
CA GLY A 98 -10.76 4.46 -11.23
C GLY A 98 -9.37 4.28 -11.83
N PRO A 99 -9.20 4.55 -13.16
CA PRO A 99 -7.87 4.53 -13.81
C PRO A 99 -7.00 5.71 -13.33
N ASN A 100 -5.70 5.45 -13.07
CA ASN A 100 -4.77 6.48 -12.56
C ASN A 100 -4.69 7.65 -13.57
N SER A 101 -5.03 8.86 -13.10
CA SER A 101 -5.00 10.09 -13.91
C SER A 101 -4.33 11.22 -13.08
N PRO A 102 -2.97 11.14 -12.89
CA PRO A 102 -2.23 12.13 -12.09
C PRO A 102 -1.70 13.29 -12.96
N ASP A 103 -2.44 14.42 -12.97
CA ASP A 103 -2.03 15.63 -13.72
C ASP A 103 -0.89 16.32 -12.91
N THR A 104 0.32 16.25 -13.47
CA THR A 104 1.54 16.70 -12.81
C THR A 104 1.94 18.12 -13.29
N ALA A 105 2.02 19.07 -12.34
CA ALA A 105 2.34 20.48 -12.62
C ALA A 105 3.85 20.72 -12.42
N ASN A 106 4.61 20.77 -13.53
CA ASN A 106 6.03 21.12 -13.54
C ASN A 106 6.21 22.61 -13.90
N ASP A 107 7.45 23.10 -13.74
CA ASP A 107 7.81 24.50 -14.03
C ASP A 107 9.33 24.60 -14.21
N GLY A 108 9.78 25.00 -15.40
CA GLY A 108 11.20 25.07 -15.74
C GLY A 108 11.72 23.74 -16.27
N SER A 1 0.02 12.53 -5.83
CA SER A 1 1.35 12.42 -5.23
C SER A 1 2.03 13.79 -5.12
N HIS A 2 1.69 14.70 -6.06
CA HIS A 2 2.29 16.04 -6.14
C HIS A 2 1.80 16.93 -4.98
N MET A 3 0.48 16.91 -4.70
CA MET A 3 -0.10 17.67 -3.58
C MET A 3 0.23 16.94 -2.26
N GLY A 4 1.32 17.41 -1.64
CA GLY A 4 1.85 16.84 -0.42
C GLY A 4 3.32 16.49 -0.58
N GLY A 5 3.65 15.83 -1.71
CA GLY A 5 5.02 15.41 -2.02
C GLY A 5 5.46 14.20 -1.22
N GLU A 6 5.64 14.42 0.10
CA GLU A 6 5.91 13.37 1.08
C GLU A 6 4.69 12.45 1.21
N GLY A 7 4.95 11.19 1.55
CA GLY A 7 3.91 10.19 1.66
C GLY A 7 4.34 9.03 2.51
N PHE A 8 4.11 9.11 3.84
CA PHE A 8 4.41 8.00 4.79
C PHE A 8 3.26 6.99 4.84
N VAL A 9 2.80 6.60 3.65
CA VAL A 9 1.90 5.48 3.38
C VAL A 9 2.50 4.74 2.18
N VAL A 10 2.41 3.42 2.14
CA VAL A 10 2.72 2.62 0.93
C VAL A 10 1.46 1.89 0.43
N LYS A 11 1.59 1.26 -0.75
CA LYS A 11 0.54 0.42 -1.32
C LYS A 11 1.17 -0.93 -1.64
N VAL A 12 0.43 -2.02 -1.38
CA VAL A 12 0.96 -3.37 -1.48
C VAL A 12 0.08 -4.18 -2.43
N ARG A 13 0.71 -4.87 -3.39
CA ARG A 13 0.00 -5.63 -4.44
C ARG A 13 0.60 -7.03 -4.52
N GLY A 14 -0.18 -7.99 -5.04
CA GLY A 14 0.21 -9.42 -5.04
C GLY A 14 -0.51 -10.18 -3.95
N LEU A 15 -0.74 -9.47 -2.81
CA LEU A 15 -1.66 -9.89 -1.73
C LEU A 15 -2.92 -10.64 -2.27
N PRO A 16 -3.03 -11.98 -1.97
CA PRO A 16 -4.15 -12.81 -2.44
C PRO A 16 -5.52 -12.34 -1.91
N TRP A 17 -6.58 -12.84 -2.57
CA TRP A 17 -7.98 -12.57 -2.23
C TRP A 17 -8.31 -12.97 -0.76
N SER A 18 -7.67 -14.06 -0.30
CA SER A 18 -7.93 -14.66 1.03
C SER A 18 -6.92 -14.15 2.09
N CYS A 19 -6.16 -13.07 1.78
CA CYS A 19 -5.18 -12.49 2.72
C CYS A 19 -5.89 -11.73 3.87
N SER A 20 -5.10 -11.36 4.89
CA SER A 20 -5.58 -10.67 6.09
C SER A 20 -4.60 -9.56 6.47
N ALA A 21 -5.12 -8.55 7.21
CA ALA A 21 -4.31 -7.44 7.74
C ALA A 21 -3.12 -7.95 8.57
N ASP A 22 -3.38 -9.01 9.36
CA ASP A 22 -2.34 -9.74 10.15
C ASP A 22 -1.13 -10.15 9.30
N GLU A 23 -1.43 -10.74 8.13
CA GLU A 23 -0.42 -11.32 7.24
C GLU A 23 0.49 -10.25 6.62
N VAL A 24 -0.14 -9.13 6.22
CA VAL A 24 0.56 -7.98 5.61
C VAL A 24 1.39 -7.22 6.68
N GLN A 25 0.85 -7.16 7.89
CA GLN A 25 1.50 -6.50 9.05
C GLN A 25 2.78 -7.28 9.43
N ARG A 26 2.65 -8.61 9.45
CA ARG A 26 3.78 -9.55 9.64
C ARG A 26 4.81 -9.39 8.51
N PHE A 27 4.33 -9.26 7.27
CA PHE A 27 5.17 -9.12 6.07
C PHE A 27 6.06 -7.84 6.14
N PHE A 28 5.56 -6.81 6.84
CA PHE A 28 6.29 -5.54 7.06
C PHE A 28 6.83 -5.43 8.51
N SER A 29 7.28 -6.55 9.09
CA SER A 29 7.87 -6.55 10.45
C SER A 29 9.33 -6.00 10.38
N ASP A 30 9.42 -4.67 10.46
CA ASP A 30 10.59 -3.83 10.06
C ASP A 30 10.09 -2.39 10.07
N CYS A 31 8.97 -2.21 9.37
CA CYS A 31 8.24 -0.94 9.29
C CYS A 31 7.39 -0.75 10.58
N LYS A 32 6.83 0.45 10.74
CA LYS A 32 6.00 0.80 11.90
C LYS A 32 4.69 1.36 11.39
N ILE A 33 3.71 0.46 11.28
CA ILE A 33 2.39 0.76 10.72
C ILE A 33 1.60 1.55 11.78
N GLN A 34 0.94 2.63 11.35
CA GLN A 34 0.49 3.76 12.20
C GLN A 34 -0.24 3.30 13.46
N ASN A 35 -1.31 2.49 13.29
CA ASN A 35 -1.98 1.80 14.41
C ASN A 35 -2.04 0.29 14.11
N GLY A 36 -0.84 -0.32 14.05
CA GLY A 36 -0.67 -1.76 13.83
C GLY A 36 -1.31 -2.25 12.53
N ALA A 37 -1.90 -3.44 12.56
CA ALA A 37 -2.58 -4.06 11.40
C ALA A 37 -3.85 -3.28 10.96
N GLN A 38 -4.34 -2.36 11.83
CA GLN A 38 -5.50 -1.49 11.51
C GLN A 38 -5.10 -0.36 10.55
N GLY A 39 -3.78 -0.08 10.49
CA GLY A 39 -3.21 0.93 9.58
C GLY A 39 -3.21 0.47 8.12
N ILE A 40 -3.56 -0.82 7.89
CA ILE A 40 -3.65 -1.42 6.55
C ILE A 40 -5.10 -1.33 6.01
N ARG A 41 -5.21 -0.91 4.73
CA ARG A 41 -6.52 -0.63 4.07
C ARG A 41 -6.64 -1.37 2.73
N PHE A 42 -7.29 -2.54 2.73
CA PHE A 42 -7.54 -3.33 1.49
C PHE A 42 -8.65 -2.65 0.67
N ILE A 43 -8.32 -2.20 -0.56
CA ILE A 43 -9.29 -1.58 -1.46
C ILE A 43 -10.32 -2.65 -1.90
N TYR A 44 -11.49 -2.66 -1.25
CA TYR A 44 -12.60 -3.56 -1.60
C TYR A 44 -13.32 -2.98 -2.82
N THR A 45 -13.62 -3.84 -3.81
CA THR A 45 -14.22 -3.42 -5.08
C THR A 45 -15.75 -3.34 -4.98
N ARG A 46 -16.38 -2.91 -6.09
CA ARG A 46 -17.85 -2.94 -6.24
C ARG A 46 -18.34 -4.40 -6.33
N GLU A 47 -17.40 -5.29 -6.72
CA GLU A 47 -17.61 -6.73 -6.81
C GLU A 47 -17.51 -7.40 -5.41
N GLY A 48 -16.97 -6.63 -4.43
CA GLY A 48 -16.82 -7.11 -3.05
C GLY A 48 -15.54 -7.89 -2.77
N ARG A 49 -14.61 -7.85 -3.73
CA ARG A 49 -13.30 -8.56 -3.61
C ARG A 49 -12.19 -7.52 -3.36
N PRO A 50 -11.16 -7.82 -2.50
CA PRO A 50 -9.94 -7.00 -2.42
C PRO A 50 -9.25 -6.92 -3.79
N SER A 51 -8.88 -5.70 -4.21
CA SER A 51 -8.33 -5.42 -5.56
C SER A 51 -6.85 -5.88 -5.71
N GLY A 52 -6.35 -6.63 -4.70
CA GLY A 52 -4.94 -7.02 -4.60
C GLY A 52 -4.10 -5.94 -3.92
N GLU A 53 -4.71 -4.74 -3.78
CA GLU A 53 -4.07 -3.53 -3.26
C GLU A 53 -4.49 -3.31 -1.81
N ALA A 54 -3.53 -2.89 -0.98
CA ALA A 54 -3.77 -2.47 0.40
C ALA A 54 -2.85 -1.30 0.74
N PHE A 55 -3.39 -0.28 1.42
CA PHE A 55 -2.63 0.90 1.81
C PHE A 55 -2.15 0.71 3.24
N VAL A 56 -0.86 0.44 3.39
CA VAL A 56 -0.23 0.30 4.69
C VAL A 56 0.27 1.68 5.09
N GLU A 57 -0.19 2.17 6.23
CA GLU A 57 0.03 3.56 6.66
C GLU A 57 1.14 3.50 7.68
N LEU A 58 2.10 4.42 7.61
CA LEU A 58 3.37 4.30 8.35
C LEU A 58 3.62 5.55 9.19
N GLU A 59 4.53 5.41 10.17
CA GLU A 59 4.87 6.47 11.10
C GLU A 59 5.80 7.51 10.42
N SER A 60 6.69 7.03 9.52
CA SER A 60 7.72 7.89 8.87
C SER A 60 8.15 7.34 7.50
N GLU A 61 8.89 8.21 6.78
CA GLU A 61 9.51 7.92 5.47
C GLU A 61 10.56 6.80 5.54
N ASP A 62 11.25 6.70 6.68
CA ASP A 62 12.27 5.66 6.87
C ASP A 62 11.61 4.27 6.78
N GLU A 63 10.46 4.14 7.49
CA GLU A 63 9.57 2.97 7.37
C GLU A 63 9.04 2.75 5.93
N VAL A 64 8.79 3.84 5.16
CA VAL A 64 8.38 3.72 3.73
C VAL A 64 9.48 3.03 2.91
N LYS A 65 10.70 3.56 3.03
CA LYS A 65 11.90 3.04 2.36
C LYS A 65 12.12 1.54 2.68
N LEU A 66 11.89 1.15 3.95
CA LEU A 66 11.97 -0.26 4.41
C LEU A 66 10.85 -1.11 3.76
N ALA A 67 9.63 -0.51 3.72
CA ALA A 67 8.44 -1.16 3.14
C ALA A 67 8.66 -1.53 1.66
N LEU A 68 9.25 -0.58 0.90
CA LEU A 68 9.62 -0.74 -0.52
C LEU A 68 10.59 -1.93 -0.75
N LYS A 69 11.32 -2.36 0.29
CA LYS A 69 12.31 -3.47 0.21
C LYS A 69 11.59 -4.84 0.15
N LYS A 70 10.30 -4.86 0.47
CA LYS A 70 9.47 -6.07 0.43
C LYS A 70 8.84 -6.32 -0.96
N ASP A 71 9.06 -5.40 -1.93
CA ASP A 71 8.53 -5.56 -3.32
C ASP A 71 8.92 -6.92 -3.96
N ARG A 72 10.23 -7.21 -4.09
CA ARG A 72 10.72 -8.44 -4.78
C ARG A 72 10.39 -9.73 -4.00
N GLU A 73 10.07 -9.60 -2.70
CA GLU A 73 9.65 -10.72 -1.83
C GLU A 73 8.38 -11.43 -2.36
N THR A 74 8.26 -12.72 -2.01
CA THR A 74 7.11 -13.56 -2.33
C THR A 74 6.20 -13.66 -1.08
N MET A 75 4.90 -13.86 -1.34
CA MET A 75 3.87 -14.02 -0.31
C MET A 75 2.79 -14.99 -0.82
N GLY A 76 2.69 -16.17 -0.17
CA GLY A 76 1.85 -17.27 -0.65
C GLY A 76 2.52 -17.99 -1.80
N HIS A 77 2.39 -17.42 -3.01
CA HIS A 77 3.14 -17.84 -4.21
C HIS A 77 3.15 -16.70 -5.25
N ARG A 78 2.89 -15.46 -4.80
CA ARG A 78 2.88 -14.26 -5.66
C ARG A 78 4.04 -13.34 -5.28
N TYR A 79 4.69 -12.76 -6.31
CA TYR A 79 5.71 -11.71 -6.12
C TYR A 79 4.95 -10.40 -5.85
N VAL A 80 5.35 -9.70 -4.79
CA VAL A 80 4.61 -8.54 -4.27
C VAL A 80 5.05 -7.26 -5.00
N GLU A 81 4.29 -6.18 -4.88
CA GLU A 81 4.67 -4.85 -5.39
C GLU A 81 4.35 -3.83 -4.30
N VAL A 82 5.37 -3.15 -3.79
CA VAL A 82 5.22 -2.10 -2.78
C VAL A 82 5.68 -0.77 -3.38
N PHE A 83 4.75 0.18 -3.54
CA PHE A 83 5.02 1.51 -4.11
C PHE A 83 4.74 2.56 -3.04
N LYS A 84 4.95 3.84 -3.37
CA LYS A 84 4.86 4.95 -2.41
C LYS A 84 3.51 5.66 -2.58
N SER A 85 2.72 5.69 -1.50
CA SER A 85 1.41 6.34 -1.47
C SER A 85 1.43 7.60 -0.60
N ASN A 86 0.73 8.62 -1.08
CA ASN A 86 0.50 9.88 -0.35
C ASN A 86 -0.85 9.81 0.35
N ASN A 87 -1.09 10.73 1.29
CA ASN A 87 -2.38 10.83 2.04
C ASN A 87 -3.56 11.12 1.09
N VAL A 88 -3.28 11.97 0.09
CA VAL A 88 -4.25 12.33 -0.97
C VAL A 88 -4.50 11.12 -1.90
N GLU A 89 -3.41 10.43 -2.26
CA GLU A 89 -3.40 9.31 -3.22
C GLU A 89 -4.15 8.10 -2.61
N MET A 90 -3.89 7.86 -1.32
CA MET A 90 -4.52 6.79 -0.52
C MET A 90 -6.04 6.96 -0.47
N ASP A 91 -6.45 8.18 -0.06
CA ASP A 91 -7.86 8.56 0.10
C ASP A 91 -8.65 8.44 -1.22
N TRP A 92 -8.03 8.95 -2.29
CA TRP A 92 -8.61 9.00 -3.65
C TRP A 92 -8.91 7.59 -4.19
N VAL A 93 -8.00 6.65 -3.94
CA VAL A 93 -8.11 5.25 -4.42
C VAL A 93 -9.04 4.41 -3.52
N LEU A 94 -9.15 4.76 -2.23
CA LEU A 94 -10.09 4.08 -1.30
C LEU A 94 -11.55 4.45 -1.62
N LYS A 95 -11.79 5.75 -1.88
CA LYS A 95 -13.15 6.31 -2.08
C LYS A 95 -13.67 6.11 -3.52
N HIS A 96 -12.75 6.18 -4.50
CA HIS A 96 -13.14 6.29 -5.93
C HIS A 96 -12.63 5.09 -6.75
N THR A 97 -11.85 4.17 -6.10
CA THR A 97 -11.07 3.07 -6.76
C THR A 97 -10.06 3.63 -7.78
N GLY A 98 -8.80 3.15 -7.68
CA GLY A 98 -7.64 3.70 -8.43
C GLY A 98 -7.89 3.95 -9.93
N PRO A 99 -8.15 5.23 -10.36
CA PRO A 99 -8.38 5.59 -11.77
C PRO A 99 -7.10 6.19 -12.38
N ASN A 100 -6.08 5.31 -12.53
CA ASN A 100 -4.73 5.66 -13.01
C ASN A 100 -3.96 6.45 -11.93
N SER A 101 -2.98 5.79 -11.28
CA SER A 101 -2.09 6.42 -10.30
C SER A 101 -0.73 6.76 -10.97
N PRO A 102 -0.48 8.07 -11.33
CA PRO A 102 0.77 8.47 -12.02
C PRO A 102 1.95 8.66 -11.03
N ASP A 103 2.96 7.75 -11.13
CA ASP A 103 4.20 7.82 -10.32
C ASP A 103 5.18 8.89 -10.87
N THR A 104 4.92 9.34 -12.12
CA THR A 104 5.68 10.44 -12.74
C THR A 104 5.46 11.75 -11.94
N ALA A 105 6.39 12.04 -11.02
CA ALA A 105 6.34 13.23 -10.14
C ALA A 105 7.49 14.18 -10.47
N ASN A 106 7.49 15.38 -9.86
CA ASN A 106 8.51 16.42 -10.12
C ASN A 106 8.98 17.09 -8.81
N ASP A 107 10.11 17.81 -8.90
CA ASP A 107 10.71 18.57 -7.77
C ASP A 107 10.14 19.99 -7.70
N GLY A 108 10.28 20.61 -6.52
CA GLY A 108 9.92 22.01 -6.31
C GLY A 108 11.08 22.95 -6.63
N SER A 1 -0.69 8.33 -9.48
CA SER A 1 -0.04 8.68 -8.20
C SER A 1 0.08 10.22 -8.13
N HIS A 2 -0.94 10.87 -7.54
CA HIS A 2 -1.00 12.34 -7.40
C HIS A 2 -0.63 12.73 -5.96
N MET A 3 0.46 13.52 -5.84
CA MET A 3 1.02 14.02 -4.55
C MET A 3 1.52 12.85 -3.67
N GLY A 4 1.81 11.70 -4.34
CA GLY A 4 2.17 10.44 -3.69
C GLY A 4 3.64 10.32 -3.31
N GLY A 5 4.49 11.11 -3.97
CA GLY A 5 5.93 11.03 -3.79
C GLY A 5 6.44 11.57 -2.46
N GLU A 6 5.59 12.29 -1.70
CA GLU A 6 5.98 12.89 -0.40
C GLU A 6 5.32 12.15 0.80
N GLY A 7 4.47 11.16 0.50
CA GLY A 7 3.63 10.53 1.52
C GLY A 7 4.37 9.54 2.42
N PHE A 8 3.81 9.32 3.62
CA PHE A 8 4.32 8.34 4.60
C PHE A 8 3.53 7.02 4.51
N VAL A 9 2.80 6.87 3.41
CA VAL A 9 2.01 5.67 3.09
C VAL A 9 2.68 4.95 1.92
N VAL A 10 2.74 3.61 1.94
CA VAL A 10 3.13 2.81 0.77
C VAL A 10 1.90 2.12 0.19
N LYS A 11 2.07 1.54 -1.00
CA LYS A 11 1.01 0.83 -1.70
C LYS A 11 1.53 -0.57 -2.00
N VAL A 12 0.78 -1.58 -1.57
CA VAL A 12 1.19 -2.98 -1.61
C VAL A 12 0.31 -3.73 -2.62
N ARG A 13 0.95 -4.39 -3.57
CA ARG A 13 0.28 -5.14 -4.65
C ARG A 13 0.65 -6.62 -4.53
N GLY A 14 -0.28 -7.48 -4.95
CA GLY A 14 -0.11 -8.93 -4.82
C GLY A 14 -0.64 -9.47 -3.50
N LEU A 15 -1.65 -8.78 -2.95
CA LEU A 15 -2.36 -9.23 -1.74
C LEU A 15 -3.60 -10.04 -2.15
N PRO A 16 -3.72 -11.34 -1.72
CA PRO A 16 -4.92 -12.18 -2.00
C PRO A 16 -6.24 -11.51 -1.55
N TRP A 17 -7.34 -11.82 -2.26
CA TRP A 17 -8.69 -11.29 -1.95
C TRP A 17 -9.17 -11.78 -0.55
N SER A 18 -8.63 -12.92 -0.14
CA SER A 18 -9.02 -13.61 1.09
C SER A 18 -7.90 -13.52 2.16
N CYS A 19 -6.97 -12.54 2.01
CA CYS A 19 -5.87 -12.36 2.97
C CYS A 19 -6.38 -11.63 4.24
N SER A 20 -5.49 -11.44 5.22
CA SER A 20 -5.80 -10.74 6.47
C SER A 20 -4.78 -9.62 6.73
N ALA A 21 -5.25 -8.55 7.39
CA ALA A 21 -4.40 -7.42 7.82
C ALA A 21 -3.29 -7.89 8.78
N ASP A 22 -3.61 -8.93 9.60
CA ASP A 22 -2.64 -9.62 10.47
C ASP A 22 -1.45 -10.15 9.66
N GLU A 23 -1.76 -10.81 8.53
CA GLU A 23 -0.74 -11.48 7.68
C GLU A 23 0.17 -10.45 6.98
N VAL A 24 -0.44 -9.37 6.49
CA VAL A 24 0.30 -8.28 5.80
C VAL A 24 1.17 -7.51 6.82
N GLN A 25 0.69 -7.44 8.06
CA GLN A 25 1.44 -6.86 9.21
C GLN A 25 2.67 -7.70 9.54
N ARG A 26 2.49 -9.06 9.52
CA ARG A 26 3.60 -10.02 9.75
C ARG A 26 4.63 -9.95 8.62
N PHE A 27 4.15 -9.75 7.38
CA PHE A 27 5.02 -9.62 6.20
C PHE A 27 5.83 -8.31 6.28
N PHE A 28 5.24 -7.26 6.85
CA PHE A 28 5.90 -5.96 7.08
C PHE A 28 6.34 -5.82 8.55
N SER A 29 6.74 -6.96 9.18
CA SER A 29 7.41 -6.96 10.49
C SER A 29 8.91 -6.66 10.24
N ASP A 30 9.16 -5.37 10.05
CA ASP A 30 10.34 -4.81 9.36
C ASP A 30 10.09 -3.31 9.19
N CYS A 31 8.82 -3.01 8.87
CA CYS A 31 8.25 -1.66 8.84
C CYS A 31 7.43 -1.45 10.14
N LYS A 32 6.95 -0.23 10.35
CA LYS A 32 6.17 0.15 11.54
C LYS A 32 4.89 0.80 11.05
N ILE A 33 3.84 -0.02 10.95
CA ILE A 33 2.55 0.40 10.40
C ILE A 33 1.82 1.24 11.44
N GLN A 34 1.16 2.32 10.98
CA GLN A 34 0.57 3.39 11.82
C GLN A 34 -0.23 2.82 13.01
N ASN A 35 -1.38 2.18 12.73
CA ASN A 35 -2.21 1.55 13.75
C ASN A 35 -2.09 0.00 13.67
N GLY A 36 -0.87 -0.48 13.33
CA GLY A 36 -0.57 -1.91 13.18
C GLY A 36 -1.34 -2.54 12.04
N ALA A 37 -2.09 -3.62 12.31
CA ALA A 37 -2.96 -4.25 11.29
C ALA A 37 -4.09 -3.29 10.85
N GLN A 38 -4.53 -2.40 11.76
CA GLN A 38 -5.57 -1.39 11.48
C GLN A 38 -5.02 -0.26 10.59
N GLY A 39 -3.67 -0.13 10.52
CA GLY A 39 -3.02 0.85 9.66
C GLY A 39 -3.00 0.44 8.18
N ILE A 40 -3.28 -0.85 7.91
CA ILE A 40 -3.35 -1.41 6.56
C ILE A 40 -4.76 -1.15 5.98
N ARG A 41 -4.80 -0.84 4.69
CA ARG A 41 -6.02 -0.37 4.01
C ARG A 41 -6.20 -1.12 2.67
N PHE A 42 -6.99 -2.20 2.68
CA PHE A 42 -7.25 -3.00 1.46
C PHE A 42 -8.19 -2.25 0.52
N ILE A 43 -7.79 -2.11 -0.75
CA ILE A 43 -8.65 -1.55 -1.79
C ILE A 43 -9.53 -2.68 -2.33
N TYR A 44 -10.84 -2.53 -2.19
CA TYR A 44 -11.81 -3.54 -2.60
C TYR A 44 -12.23 -3.31 -4.05
N THR A 45 -13.00 -4.26 -4.57
CA THR A 45 -13.75 -4.12 -5.80
C THR A 45 -15.22 -3.85 -5.45
N ARG A 46 -16.02 -3.55 -6.46
CA ARG A 46 -17.48 -3.38 -6.32
C ARG A 46 -18.18 -4.74 -6.00
N GLU A 47 -17.43 -5.86 -6.13
CA GLU A 47 -17.90 -7.21 -5.77
C GLU A 47 -17.71 -7.51 -4.27
N GLY A 48 -17.11 -6.56 -3.53
CA GLY A 48 -16.84 -6.72 -2.09
C GLY A 48 -15.66 -7.66 -1.78
N ARG A 49 -14.63 -7.59 -2.61
CA ARG A 49 -13.37 -8.37 -2.43
C ARG A 49 -12.14 -7.56 -2.91
N PRO A 50 -11.01 -7.54 -2.12
CA PRO A 50 -9.76 -6.81 -2.48
C PRO A 50 -9.27 -7.10 -3.92
N SER A 51 -8.90 -6.02 -4.64
CA SER A 51 -8.50 -6.08 -6.06
C SER A 51 -7.16 -6.81 -6.23
N GLY A 52 -6.35 -6.78 -5.15
CA GLY A 52 -4.96 -7.23 -5.16
C GLY A 52 -4.06 -6.13 -4.66
N GLU A 53 -4.58 -4.89 -4.65
CA GLU A 53 -3.87 -3.70 -4.17
C GLU A 53 -4.41 -3.27 -2.79
N ALA A 54 -3.53 -2.61 -2.04
CA ALA A 54 -3.84 -1.99 -0.76
C ALA A 54 -2.86 -0.85 -0.50
N PHE A 55 -3.13 -0.02 0.51
CA PHE A 55 -2.19 0.98 1.02
C PHE A 55 -1.87 0.68 2.50
N VAL A 56 -0.59 0.53 2.83
CA VAL A 56 -0.12 0.36 4.21
C VAL A 56 0.45 1.69 4.70
N GLU A 57 -0.25 2.32 5.66
CA GLU A 57 0.16 3.62 6.21
C GLU A 57 1.25 3.39 7.26
N LEU A 58 2.30 4.21 7.24
CA LEU A 58 3.53 3.99 8.06
C LEU A 58 3.84 5.27 8.87
N GLU A 59 4.35 5.08 10.10
CA GLU A 59 4.50 6.18 11.09
C GLU A 59 5.56 7.25 10.66
N SER A 60 6.42 6.89 9.70
CA SER A 60 7.39 7.83 9.10
C SER A 60 8.01 7.25 7.82
N GLU A 61 8.74 8.12 7.09
CA GLU A 61 9.30 7.83 5.76
C GLU A 61 10.41 6.75 5.79
N ASP A 62 11.03 6.54 6.95
CA ASP A 62 12.08 5.51 7.12
C ASP A 62 11.46 4.13 6.84
N GLU A 63 10.31 3.86 7.48
CA GLU A 63 9.51 2.63 7.24
C GLU A 63 9.05 2.51 5.80
N VAL A 64 8.79 3.65 5.14
CA VAL A 64 8.44 3.67 3.70
C VAL A 64 9.58 3.06 2.87
N LYS A 65 10.80 3.53 3.14
CA LYS A 65 12.04 3.03 2.50
C LYS A 65 12.30 1.54 2.80
N LEU A 66 11.97 1.09 4.02
CA LEU A 66 12.03 -0.35 4.41
C LEU A 66 11.03 -1.20 3.59
N ALA A 67 9.83 -0.65 3.39
CA ALA A 67 8.78 -1.25 2.55
C ALA A 67 9.23 -1.33 1.08
N LEU A 68 9.84 -0.24 0.58
CA LEU A 68 10.34 -0.13 -0.81
C LEU A 68 11.48 -1.13 -1.12
N LYS A 69 12.34 -1.43 -0.13
CA LYS A 69 13.43 -2.43 -0.32
C LYS A 69 12.88 -3.86 -0.16
N LYS A 70 11.66 -3.98 0.45
CA LYS A 70 10.90 -5.25 0.55
C LYS A 70 10.09 -5.51 -0.73
N ASP A 71 10.03 -4.49 -1.62
CA ASP A 71 9.45 -4.63 -2.97
C ASP A 71 10.27 -5.67 -3.78
N ARG A 72 9.71 -6.91 -3.84
CA ARG A 72 10.29 -8.14 -4.47
C ARG A 72 9.79 -9.37 -3.69
N GLU A 73 9.93 -9.30 -2.36
CA GLU A 73 9.75 -10.43 -1.41
C GLU A 73 8.37 -11.11 -1.53
N THR A 74 8.36 -12.43 -1.30
CA THR A 74 7.17 -13.28 -1.49
C THR A 74 6.47 -13.54 -0.13
N MET A 75 5.18 -13.14 -0.05
CA MET A 75 4.28 -13.60 1.02
C MET A 75 3.70 -14.99 0.63
N GLY A 76 4.55 -16.02 0.74
CA GLY A 76 4.17 -17.40 0.48
C GLY A 76 4.16 -17.72 -1.01
N HIS A 77 3.00 -17.50 -1.66
CA HIS A 77 2.77 -17.89 -3.08
C HIS A 77 2.99 -16.70 -4.02
N ARG A 78 2.87 -15.47 -3.51
CA ARG A 78 2.90 -14.24 -4.32
C ARG A 78 4.02 -13.29 -3.87
N TYR A 79 4.70 -12.68 -4.86
CA TYR A 79 5.73 -11.64 -4.66
C TYR A 79 5.03 -10.27 -4.57
N VAL A 80 5.53 -9.38 -3.71
CA VAL A 80 4.87 -8.12 -3.36
C VAL A 80 5.53 -6.92 -4.05
N GLU A 81 4.67 -6.07 -4.66
CA GLU A 81 5.07 -4.84 -5.37
C GLU A 81 4.70 -3.63 -4.49
N VAL A 82 5.71 -2.82 -4.08
CA VAL A 82 5.51 -1.69 -3.16
C VAL A 82 5.89 -0.35 -3.85
N PHE A 83 4.89 0.54 -3.99
CA PHE A 83 5.08 1.92 -4.52
C PHE A 83 4.89 2.93 -3.38
N LYS A 84 5.72 3.97 -3.33
CA LYS A 84 5.51 5.11 -2.40
C LYS A 84 4.25 5.90 -2.81
N SER A 85 3.34 6.07 -1.85
CA SER A 85 2.05 6.74 -2.05
C SER A 85 1.81 7.76 -0.92
N ASN A 86 0.55 8.18 -0.74
CA ASN A 86 0.19 9.28 0.18
C ASN A 86 -1.19 8.99 0.79
N ASN A 87 -1.50 9.68 1.91
CA ASN A 87 -2.81 9.61 2.58
C ASN A 87 -3.94 10.10 1.64
N VAL A 88 -3.58 11.06 0.75
CA VAL A 88 -4.52 11.61 -0.25
C VAL A 88 -4.78 10.59 -1.37
N GLU A 89 -3.72 9.90 -1.84
CA GLU A 89 -3.83 8.86 -2.88
C GLU A 89 -4.68 7.69 -2.36
N MET A 90 -4.32 7.21 -1.16
CA MET A 90 -5.04 6.15 -0.41
C MET A 90 -6.54 6.47 -0.28
N ASP A 91 -6.83 7.73 0.11
CA ASP A 91 -8.21 8.24 0.29
C ASP A 91 -9.00 8.18 -1.03
N TRP A 92 -8.36 8.61 -2.13
CA TRP A 92 -8.97 8.68 -3.47
C TRP A 92 -9.37 7.28 -3.98
N VAL A 93 -8.52 6.28 -3.72
CA VAL A 93 -8.76 4.90 -4.18
C VAL A 93 -9.78 4.17 -3.27
N LEU A 94 -9.98 4.71 -2.04
CA LEU A 94 -11.09 4.29 -1.16
C LEU A 94 -12.41 4.94 -1.58
N LYS A 95 -12.33 6.14 -2.17
CA LYS A 95 -13.49 6.92 -2.62
C LYS A 95 -13.99 6.36 -3.96
N HIS A 96 -13.02 5.93 -4.77
CA HIS A 96 -13.23 5.36 -6.10
C HIS A 96 -12.36 4.10 -6.18
N THR A 97 -12.96 2.97 -5.79
CA THR A 97 -12.28 1.67 -5.78
C THR A 97 -11.91 1.24 -7.21
N GLY A 98 -10.65 1.45 -7.58
CA GLY A 98 -10.15 1.12 -8.91
C GLY A 98 -8.64 0.95 -8.91
N PRO A 99 -8.07 0.18 -9.87
CA PRO A 99 -6.61 -0.02 -9.98
C PRO A 99 -5.85 1.27 -10.33
N ASN A 100 -5.44 2.01 -9.29
CA ASN A 100 -4.62 3.24 -9.43
C ASN A 100 -3.13 2.89 -9.33
N SER A 101 -2.70 1.98 -10.20
CA SER A 101 -1.34 1.45 -10.22
C SER A 101 -0.35 2.55 -10.68
N PRO A 102 0.57 3.04 -9.79
CA PRO A 102 1.58 4.07 -10.17
C PRO A 102 2.57 3.55 -11.24
N ASP A 103 3.10 4.47 -12.06
CA ASP A 103 3.99 4.13 -13.18
C ASP A 103 4.90 5.33 -13.48
N THR A 104 4.30 6.38 -14.04
CA THR A 104 4.99 7.63 -14.42
C THR A 104 3.98 8.65 -14.95
N ALA A 105 4.41 9.92 -15.03
CA ALA A 105 3.62 11.03 -15.56
C ALA A 105 4.59 12.12 -16.04
N ASN A 106 5.07 11.98 -17.26
CA ASN A 106 6.04 12.91 -17.86
C ASN A 106 5.90 12.90 -19.40
N ASP A 107 5.93 14.11 -20.00
CA ASP A 107 5.83 14.29 -21.44
C ASP A 107 7.20 14.01 -22.10
N GLY A 108 7.22 13.08 -23.07
CA GLY A 108 8.43 12.72 -23.81
C GLY A 108 8.32 11.29 -24.36
N SER A 1 9.96 4.84 -7.49
CA SER A 1 9.12 4.12 -6.51
C SER A 1 7.71 4.76 -6.41
N HIS A 2 7.33 5.55 -7.44
CA HIS A 2 6.19 6.50 -7.41
C HIS A 2 6.45 7.60 -6.36
N MET A 3 6.46 8.87 -6.80
CA MET A 3 6.70 10.02 -5.91
C MET A 3 5.63 10.07 -4.81
N GLY A 4 6.09 9.87 -3.57
CA GLY A 4 5.28 9.98 -2.37
C GLY A 4 5.95 10.85 -1.31
N GLY A 5 5.18 11.34 -0.34
CA GLY A 5 5.73 12.18 0.72
C GLY A 5 4.64 12.87 1.54
N GLU A 6 3.55 13.28 0.87
CA GLU A 6 2.40 13.98 1.50
C GLU A 6 1.56 12.99 2.35
N GLY A 7 2.14 12.53 3.45
CA GLY A 7 1.59 11.44 4.26
C GLY A 7 2.33 10.13 3.99
N PHE A 8 2.86 9.51 5.05
CA PHE A 8 3.72 8.31 4.94
C PHE A 8 2.86 7.06 4.70
N VAL A 9 2.65 6.74 3.42
CA VAL A 9 1.84 5.58 2.96
C VAL A 9 2.62 4.86 1.84
N VAL A 10 2.61 3.52 1.82
CA VAL A 10 3.02 2.72 0.65
C VAL A 10 1.79 2.09 -0.02
N LYS A 11 1.97 1.54 -1.24
CA LYS A 11 0.92 0.82 -1.96
C LYS A 11 1.42 -0.60 -2.21
N VAL A 12 0.65 -1.57 -1.73
CA VAL A 12 1.03 -2.98 -1.68
C VAL A 12 0.14 -3.75 -2.67
N ARG A 13 0.76 -4.46 -3.61
CA ARG A 13 0.05 -5.20 -4.66
C ARG A 13 0.75 -6.54 -4.90
N GLY A 14 -0.01 -7.52 -5.40
CA GLY A 14 0.46 -8.92 -5.42
C GLY A 14 -0.07 -9.69 -4.22
N LEU A 15 -1.16 -9.15 -3.65
CA LEU A 15 -1.88 -9.73 -2.53
C LEU A 15 -2.94 -10.71 -3.07
N PRO A 16 -3.13 -11.91 -2.45
CA PRO A 16 -4.19 -12.89 -2.87
C PRO A 16 -5.61 -12.37 -2.56
N TRP A 17 -6.61 -12.89 -3.29
CA TRP A 17 -8.05 -12.58 -3.10
C TRP A 17 -8.49 -12.78 -1.63
N SER A 18 -7.90 -13.80 -0.98
CA SER A 18 -8.23 -14.24 0.37
C SER A 18 -7.32 -13.58 1.43
N CYS A 19 -6.63 -12.46 1.07
CA CYS A 19 -5.75 -11.71 1.97
C CYS A 19 -6.56 -11.03 3.10
N SER A 20 -5.82 -10.57 4.12
CA SER A 20 -6.36 -9.93 5.34
C SER A 20 -5.31 -8.96 5.89
N ALA A 21 -5.77 -8.03 6.77
CA ALA A 21 -4.88 -7.05 7.44
C ALA A 21 -3.70 -7.76 8.14
N ASP A 22 -4.02 -8.86 8.85
CA ASP A 22 -3.01 -9.73 9.51
C ASP A 22 -1.92 -10.27 8.54
N GLU A 23 -2.32 -10.68 7.31
CA GLU A 23 -1.37 -11.16 6.28
C GLU A 23 -0.27 -10.10 6.00
N VAL A 24 -0.74 -8.86 5.80
CA VAL A 24 0.09 -7.72 5.40
C VAL A 24 0.80 -7.10 6.64
N GLN A 25 0.22 -7.34 7.84
CA GLN A 25 0.77 -6.85 9.11
C GLN A 25 2.04 -7.62 9.46
N ARG A 26 1.95 -8.96 9.37
CA ARG A 26 3.09 -9.86 9.54
C ARG A 26 4.14 -9.63 8.45
N PHE A 27 3.68 -9.36 7.20
CA PHE A 27 4.57 -9.13 6.04
C PHE A 27 5.45 -7.87 6.26
N PHE A 28 4.80 -6.78 6.72
CA PHE A 28 5.48 -5.50 7.02
C PHE A 28 5.74 -5.37 8.53
N SER A 29 6.10 -6.49 9.18
CA SER A 29 6.49 -6.49 10.61
C SER A 29 7.82 -5.70 10.82
N ASP A 30 8.68 -5.69 9.77
CA ASP A 30 9.94 -4.89 9.70
C ASP A 30 9.66 -3.36 9.68
N CYS A 31 8.38 -3.00 9.50
CA CYS A 31 7.95 -1.60 9.40
C CYS A 31 6.91 -1.32 10.50
N LYS A 32 7.00 -0.13 11.12
CA LYS A 32 5.99 0.33 12.10
C LYS A 32 4.80 0.89 11.32
N ILE A 33 3.83 0.01 11.06
CA ILE A 33 2.58 0.37 10.39
C ILE A 33 1.75 1.25 11.33
N GLN A 34 1.02 2.24 10.75
CA GLN A 34 0.15 3.16 11.50
C GLN A 34 -0.86 2.35 12.35
N ASN A 35 -0.56 2.24 13.66
CA ASN A 35 -1.39 1.52 14.65
C ASN A 35 -1.67 0.06 14.21
N GLY A 36 -0.67 -0.56 13.55
CA GLY A 36 -0.78 -1.92 13.03
C GLY A 36 -1.86 -2.06 11.95
N ALA A 37 -2.84 -2.95 12.18
CA ALA A 37 -3.98 -3.19 11.26
C ALA A 37 -4.72 -1.89 10.84
N GLN A 38 -4.69 -0.87 11.72
CA GLN A 38 -5.47 0.37 11.53
C GLN A 38 -4.96 1.21 10.34
N GLY A 39 -3.68 0.99 9.97
CA GLY A 39 -3.07 1.64 8.79
C GLY A 39 -3.28 0.88 7.50
N ILE A 40 -3.57 -0.44 7.61
CA ILE A 40 -3.66 -1.35 6.44
C ILE A 40 -5.07 -1.24 5.81
N ARG A 41 -5.13 -0.62 4.63
CA ARG A 41 -6.39 -0.25 3.97
C ARG A 41 -6.45 -0.80 2.54
N PHE A 42 -7.12 -1.95 2.36
CA PHE A 42 -7.20 -2.63 1.05
C PHE A 42 -8.16 -1.92 0.11
N ILE A 43 -7.88 -2.07 -1.21
CA ILE A 43 -8.83 -1.74 -2.26
C ILE A 43 -9.86 -2.89 -2.33
N TYR A 44 -10.92 -2.79 -1.50
CA TYR A 44 -12.01 -3.77 -1.48
C TYR A 44 -12.87 -3.60 -2.73
N THR A 45 -13.44 -4.71 -3.22
CA THR A 45 -14.24 -4.73 -4.44
C THR A 45 -15.72 -4.96 -4.07
N ARG A 46 -16.59 -5.02 -5.08
CA ARG A 46 -18.06 -5.22 -4.89
C ARG A 46 -18.39 -6.68 -4.57
N GLU A 47 -17.36 -7.55 -4.56
CA GLU A 47 -17.45 -8.96 -4.12
C GLU A 47 -17.17 -9.06 -2.60
N GLY A 48 -16.54 -8.00 -2.05
CA GLY A 48 -16.16 -7.97 -0.64
C GLY A 48 -14.82 -8.66 -0.37
N ARG A 49 -13.81 -8.36 -1.21
CA ARG A 49 -12.44 -8.90 -1.10
C ARG A 49 -11.42 -7.82 -1.53
N PRO A 50 -10.13 -7.92 -1.08
CA PRO A 50 -9.02 -7.13 -1.66
C PRO A 50 -8.88 -7.40 -3.19
N SER A 51 -8.69 -6.32 -3.97
CA SER A 51 -8.66 -6.35 -5.45
C SER A 51 -7.21 -6.34 -5.97
N GLY A 52 -6.33 -7.04 -5.23
CA GLY A 52 -4.90 -7.16 -5.57
C GLY A 52 -4.05 -6.09 -4.91
N GLU A 53 -4.59 -4.85 -4.87
CA GLU A 53 -3.89 -3.66 -4.35
C GLU A 53 -4.44 -3.26 -2.97
N ALA A 54 -3.58 -2.57 -2.23
CA ALA A 54 -3.89 -1.98 -0.91
C ALA A 54 -3.01 -0.75 -0.70
N PHE A 55 -3.40 0.11 0.24
CA PHE A 55 -2.59 1.23 0.71
C PHE A 55 -2.37 1.07 2.23
N VAL A 56 -1.12 0.83 2.63
CA VAL A 56 -0.73 0.62 4.02
C VAL A 56 0.04 1.84 4.52
N GLU A 57 -0.47 2.47 5.58
CA GLU A 57 0.13 3.67 6.17
C GLU A 57 1.21 3.27 7.18
N LEU A 58 2.16 4.19 7.42
CA LEU A 58 3.32 3.96 8.30
C LEU A 58 3.57 5.20 9.16
N GLU A 59 4.25 4.98 10.30
CA GLU A 59 4.48 6.02 11.31
C GLU A 59 5.65 6.96 10.90
N SER A 60 6.60 6.47 10.06
CA SER A 60 7.78 7.25 9.65
C SER A 60 8.22 6.94 8.20
N GLU A 61 8.88 7.93 7.56
CA GLU A 61 9.43 7.82 6.18
C GLU A 61 10.51 6.73 6.10
N ASP A 62 11.25 6.51 7.20
CA ASP A 62 12.29 5.44 7.26
C ASP A 62 11.64 4.07 7.08
N GLU A 63 10.58 3.86 7.84
CA GLU A 63 9.70 2.68 7.71
C GLU A 63 9.08 2.54 6.30
N VAL A 64 8.75 3.68 5.64
CA VAL A 64 8.29 3.67 4.24
C VAL A 64 9.37 3.10 3.31
N LYS A 65 10.61 3.61 3.45
CA LYS A 65 11.80 3.13 2.69
C LYS A 65 12.06 1.62 2.90
N LEU A 66 11.83 1.13 4.14
CA LEU A 66 11.94 -0.31 4.48
C LEU A 66 10.85 -1.13 3.76
N ALA A 67 9.64 -0.59 3.73
CA ALA A 67 8.48 -1.17 3.02
C ALA A 67 8.76 -1.24 1.50
N LEU A 68 9.39 -0.20 0.94
CA LEU A 68 9.86 -0.14 -0.46
C LEU A 68 10.90 -1.22 -0.79
N LYS A 69 11.60 -1.72 0.24
CA LYS A 69 12.60 -2.81 0.08
C LYS A 69 11.91 -4.20 0.04
N LYS A 70 10.59 -4.22 0.24
CA LYS A 70 9.74 -5.42 0.05
C LYS A 70 9.03 -5.41 -1.32
N ASP A 71 9.37 -4.40 -2.16
CA ASP A 71 8.97 -4.30 -3.62
C ASP A 71 8.98 -5.61 -4.46
N ARG A 72 9.56 -6.72 -3.97
CA ARG A 72 9.63 -8.01 -4.70
C ARG A 72 9.50 -9.21 -3.75
N GLU A 73 9.62 -8.97 -2.42
CA GLU A 73 9.44 -10.00 -1.36
C GLU A 73 8.11 -10.77 -1.52
N THR A 74 8.15 -12.10 -1.29
CA THR A 74 7.03 -13.02 -1.58
C THR A 74 6.11 -13.23 -0.36
N MET A 75 4.80 -13.04 -0.56
CA MET A 75 3.76 -13.46 0.40
C MET A 75 3.26 -14.86 0.00
N GLY A 76 3.73 -15.88 0.72
CA GLY A 76 3.35 -17.28 0.48
C GLY A 76 3.91 -17.84 -0.83
N HIS A 77 3.15 -17.69 -1.92
CA HIS A 77 3.47 -18.28 -3.24
C HIS A 77 3.61 -17.18 -4.32
N ARG A 78 3.35 -15.92 -3.96
CA ARG A 78 3.29 -14.80 -4.93
C ARG A 78 4.25 -13.67 -4.52
N TYR A 79 4.80 -12.98 -5.53
CA TYR A 79 5.68 -11.81 -5.33
C TYR A 79 4.79 -10.59 -5.05
N VAL A 80 5.23 -9.72 -4.13
CA VAL A 80 4.50 -8.51 -3.77
C VAL A 80 5.31 -7.28 -4.18
N GLU A 81 4.68 -6.41 -4.99
CA GLU A 81 5.25 -5.13 -5.43
C GLU A 81 4.75 -4.02 -4.51
N VAL A 82 5.69 -3.23 -3.99
CA VAL A 82 5.42 -2.19 -3.00
C VAL A 82 5.99 -0.86 -3.50
N PHE A 83 5.09 0.11 -3.69
CA PHE A 83 5.41 1.45 -4.22
C PHE A 83 5.18 2.47 -3.11
N LYS A 84 5.46 3.74 -3.39
CA LYS A 84 5.39 4.81 -2.39
C LYS A 84 4.23 5.72 -2.76
N SER A 85 3.38 5.97 -1.78
CA SER A 85 2.14 6.71 -1.95
C SER A 85 2.12 7.92 -0.98
N ASN A 86 0.94 8.49 -0.85
CA ASN A 86 0.68 9.70 -0.06
C ASN A 86 -0.61 9.44 0.72
N ASN A 87 -0.84 10.22 1.77
CA ASN A 87 -2.14 10.23 2.49
C ASN A 87 -3.25 10.71 1.54
N VAL A 88 -2.89 11.66 0.66
CA VAL A 88 -3.80 12.21 -0.37
C VAL A 88 -4.10 11.15 -1.46
N GLU A 89 -3.04 10.41 -1.85
CA GLU A 89 -3.12 9.32 -2.86
C GLU A 89 -4.02 8.17 -2.34
N MET A 90 -3.71 7.73 -1.12
CA MET A 90 -4.40 6.64 -0.42
C MET A 90 -5.91 6.94 -0.27
N ASP A 91 -6.21 8.14 0.24
CA ASP A 91 -7.58 8.58 0.52
C ASP A 91 -8.42 8.70 -0.77
N TRP A 92 -7.78 9.22 -1.85
CA TRP A 92 -8.43 9.41 -3.17
C TRP A 92 -8.92 8.08 -3.76
N VAL A 93 -8.02 7.09 -3.80
CA VAL A 93 -8.30 5.77 -4.40
C VAL A 93 -9.32 4.98 -3.55
N LEU A 94 -9.22 5.08 -2.21
CA LEU A 94 -10.17 4.42 -1.29
C LEU A 94 -11.59 5.02 -1.43
N LYS A 95 -11.65 6.31 -1.80
CA LYS A 95 -12.92 7.04 -1.97
C LYS A 95 -13.48 6.85 -3.38
N HIS A 96 -12.56 6.72 -4.37
CA HIS A 96 -12.86 6.55 -5.80
C HIS A 96 -11.72 5.74 -6.45
N THR A 97 -11.88 4.40 -6.52
CA THR A 97 -10.90 3.51 -7.16
C THR A 97 -10.83 3.81 -8.67
N GLY A 98 -9.78 4.52 -9.07
CA GLY A 98 -9.57 4.91 -10.46
C GLY A 98 -8.11 4.79 -10.88
N PRO A 99 -7.73 5.36 -12.05
CA PRO A 99 -6.33 5.34 -12.53
C PRO A 99 -5.43 6.20 -11.62
N ASN A 100 -4.49 5.56 -10.88
CA ASN A 100 -3.47 6.28 -10.09
C ASN A 100 -2.66 7.15 -11.05
N SER A 101 -2.99 8.45 -11.10
CA SER A 101 -2.34 9.41 -11.98
C SER A 101 -0.83 9.49 -11.62
N PRO A 102 0.07 8.97 -12.50
CA PRO A 102 1.50 8.85 -12.19
C PRO A 102 2.19 10.22 -12.10
N ASP A 103 3.21 10.28 -11.24
CA ASP A 103 4.06 11.46 -11.07
C ASP A 103 4.82 11.79 -12.38
N THR A 104 5.10 10.73 -13.18
CA THR A 104 5.68 10.84 -14.54
C THR A 104 7.10 11.48 -14.49
N ALA A 105 7.79 11.29 -13.33
CA ALA A 105 9.17 11.79 -13.12
C ALA A 105 10.13 11.19 -14.16
N ASN A 106 10.02 9.85 -14.34
CA ASN A 106 10.84 9.05 -15.28
C ASN A 106 12.34 9.23 -14.96
N ASP A 107 12.59 9.42 -13.65
CA ASP A 107 13.91 9.67 -13.06
C ASP A 107 14.77 8.38 -13.08
N GLY A 108 14.12 7.24 -12.79
CA GLY A 108 14.74 5.91 -12.91
C GLY A 108 14.45 5.01 -11.71
N SER A 1 6.29 3.86 -9.64
CA SER A 1 6.43 5.01 -8.74
C SER A 1 7.35 6.07 -9.40
N HIS A 2 6.74 6.94 -10.22
CA HIS A 2 7.44 8.03 -10.92
C HIS A 2 6.71 9.36 -10.64
N MET A 3 5.74 9.33 -9.71
CA MET A 3 5.00 10.52 -9.22
C MET A 3 5.64 11.05 -7.94
N GLY A 4 6.83 10.52 -7.61
CA GLY A 4 7.49 10.80 -6.34
C GLY A 4 6.97 9.86 -5.27
N GLY A 5 5.93 10.30 -4.55
CA GLY A 5 5.35 9.51 -3.48
C GLY A 5 6.07 9.66 -2.15
N GLU A 6 6.45 10.92 -1.84
CA GLU A 6 7.03 11.28 -0.53
C GLU A 6 5.90 11.45 0.50
N GLY A 7 5.39 10.30 0.94
CA GLY A 7 4.36 10.21 1.97
C GLY A 7 4.70 9.16 3.01
N PHE A 8 3.87 9.07 4.04
CA PHE A 8 3.99 8.04 5.10
C PHE A 8 3.25 6.73 4.71
N VAL A 9 2.64 6.70 3.50
CA VAL A 9 1.86 5.54 3.00
C VAL A 9 2.62 4.86 1.84
N VAL A 10 2.62 3.52 1.83
CA VAL A 10 3.03 2.72 0.65
C VAL A 10 1.79 2.07 0.01
N LYS A 11 1.94 1.62 -1.24
CA LYS A 11 0.88 0.90 -1.97
C LYS A 11 1.36 -0.53 -2.19
N VAL A 12 0.61 -1.50 -1.67
CA VAL A 12 1.04 -2.90 -1.60
C VAL A 12 0.18 -3.71 -2.57
N ARG A 13 0.85 -4.32 -3.55
CA ARG A 13 0.25 -5.05 -4.68
C ARG A 13 0.81 -6.47 -4.64
N GLY A 14 0.01 -7.46 -5.06
CA GLY A 14 0.41 -8.87 -4.96
C GLY A 14 -0.20 -9.55 -3.75
N LEU A 15 -1.28 -8.92 -3.23
CA LEU A 15 -2.03 -9.42 -2.09
C LEU A 15 -3.19 -10.30 -2.59
N PRO A 16 -3.20 -11.63 -2.24
CA PRO A 16 -4.31 -12.56 -2.62
C PRO A 16 -5.70 -12.02 -2.21
N TRP A 17 -6.74 -12.54 -2.90
CA TRP A 17 -8.15 -12.20 -2.61
C TRP A 17 -8.57 -12.64 -1.18
N SER A 18 -7.80 -13.56 -0.58
CA SER A 18 -8.07 -14.10 0.77
C SER A 18 -7.02 -13.64 1.80
N CYS A 19 -6.22 -12.60 1.47
CA CYS A 19 -5.21 -12.05 2.42
C CYS A 19 -5.88 -11.38 3.63
N SER A 20 -5.08 -11.02 4.64
CA SER A 20 -5.58 -10.38 5.88
C SER A 20 -4.61 -9.28 6.31
N ALA A 21 -5.13 -8.30 7.08
CA ALA A 21 -4.32 -7.20 7.65
C ALA A 21 -3.18 -7.75 8.53
N ASP A 22 -3.52 -8.73 9.39
CA ASP A 22 -2.53 -9.48 10.21
C ASP A 22 -1.42 -10.11 9.35
N GLU A 23 -1.80 -10.70 8.20
CA GLU A 23 -0.84 -11.33 7.25
C GLU A 23 0.13 -10.29 6.64
N VAL A 24 -0.41 -9.10 6.32
CA VAL A 24 0.38 -7.97 5.78
C VAL A 24 1.32 -7.41 6.87
N GLN A 25 0.84 -7.43 8.13
CA GLN A 25 1.60 -6.97 9.29
C GLN A 25 2.83 -7.88 9.52
N ARG A 26 2.62 -9.22 9.34
CA ARG A 26 3.72 -10.21 9.37
C ARG A 26 4.75 -9.92 8.27
N PHE A 27 4.25 -9.67 7.04
CA PHE A 27 5.09 -9.40 5.87
C PHE A 27 5.97 -8.16 6.06
N PHE A 28 5.43 -7.16 6.78
CA PHE A 28 6.11 -5.88 7.05
C PHE A 28 6.55 -5.77 8.51
N SER A 29 6.78 -6.91 9.21
CA SER A 29 7.20 -6.91 10.63
C SER A 29 8.70 -6.48 10.71
N ASP A 30 8.91 -5.16 10.84
CA ASP A 30 10.17 -4.47 10.54
C ASP A 30 9.87 -2.98 10.49
N CYS A 31 8.87 -2.62 9.65
CA CYS A 31 8.32 -1.25 9.59
C CYS A 31 7.39 -1.02 10.80
N LYS A 32 6.73 0.14 10.86
CA LYS A 32 5.78 0.49 11.93
C LYS A 32 4.50 0.95 11.26
N ILE A 33 3.55 0.02 11.13
CA ILE A 33 2.26 0.32 10.48
C ILE A 33 1.39 1.11 11.47
N GLN A 34 0.69 2.12 10.95
CA GLN A 34 -0.04 3.11 11.74
C GLN A 34 -1.21 2.43 12.49
N ASN A 35 -1.10 2.33 13.84
CA ASN A 35 -2.07 1.61 14.70
C ASN A 35 -2.18 0.12 14.31
N GLY A 36 -1.05 -0.44 13.82
CA GLY A 36 -0.96 -1.82 13.38
C GLY A 36 -1.87 -2.12 12.19
N ALA A 37 -2.73 -3.14 12.33
CA ALA A 37 -3.71 -3.54 11.30
C ALA A 37 -4.63 -2.38 10.85
N GLN A 38 -4.80 -1.37 11.72
CA GLN A 38 -5.72 -0.25 11.46
C GLN A 38 -5.18 0.71 10.36
N GLY A 39 -3.86 0.62 10.07
CA GLY A 39 -3.24 1.36 8.98
C GLY A 39 -3.31 0.63 7.64
N ILE A 40 -3.59 -0.69 7.69
CA ILE A 40 -3.66 -1.54 6.49
C ILE A 40 -5.07 -1.46 5.87
N ARG A 41 -5.14 -0.81 4.71
CA ARG A 41 -6.39 -0.43 4.03
C ARG A 41 -6.44 -1.03 2.62
N PHE A 42 -7.17 -2.15 2.46
CA PHE A 42 -7.30 -2.84 1.17
C PHE A 42 -8.32 -2.13 0.27
N ILE A 43 -8.00 -2.01 -1.03
CA ILE A 43 -8.98 -1.54 -2.02
C ILE A 43 -9.96 -2.68 -2.29
N TYR A 44 -11.14 -2.63 -1.65
CA TYR A 44 -12.18 -3.65 -1.85
C TYR A 44 -12.97 -3.38 -3.14
N THR A 45 -13.54 -4.46 -3.73
CA THR A 45 -14.36 -4.38 -4.95
C THR A 45 -15.81 -4.08 -4.58
N ARG A 46 -16.71 -4.13 -5.57
CA ARG A 46 -18.15 -3.99 -5.35
C ARG A 46 -18.77 -5.29 -4.77
N GLU A 47 -17.93 -6.33 -4.56
CA GLU A 47 -18.29 -7.56 -3.83
C GLU A 47 -17.71 -7.49 -2.40
N GLY A 48 -16.68 -6.63 -2.22
CA GLY A 48 -15.93 -6.55 -0.97
C GLY A 48 -14.74 -7.50 -0.96
N ARG A 49 -14.00 -7.51 -2.08
CA ARG A 49 -12.83 -8.40 -2.30
C ARG A 49 -11.57 -7.52 -2.51
N PRO A 50 -10.38 -7.89 -1.92
CA PRO A 50 -9.09 -7.22 -2.22
C PRO A 50 -8.81 -7.20 -3.73
N SER A 51 -8.66 -6.00 -4.30
CA SER A 51 -8.49 -5.79 -5.76
C SER A 51 -7.03 -5.98 -6.21
N GLY A 52 -6.26 -6.78 -5.44
CA GLY A 52 -4.84 -7.02 -5.71
C GLY A 52 -3.93 -6.00 -5.04
N GLU A 53 -4.44 -4.74 -4.95
CA GLU A 53 -3.72 -3.60 -4.37
C GLU A 53 -4.37 -3.17 -3.05
N ALA A 54 -3.54 -2.51 -2.24
CA ALA A 54 -3.91 -1.93 -0.94
C ALA A 54 -3.01 -0.74 -0.65
N PHE A 55 -3.34 0.03 0.37
CA PHE A 55 -2.49 1.09 0.93
C PHE A 55 -2.22 0.80 2.41
N VAL A 56 -0.95 0.55 2.74
CA VAL A 56 -0.50 0.35 4.11
C VAL A 56 0.14 1.64 4.60
N GLU A 57 -0.52 2.29 5.57
CA GLU A 57 -0.07 3.55 6.16
C GLU A 57 0.95 3.25 7.25
N LEU A 58 1.98 4.10 7.34
CA LEU A 58 3.18 3.87 8.16
C LEU A 58 3.48 5.10 9.01
N GLU A 59 4.36 4.90 10.01
CA GLU A 59 4.69 5.91 11.02
C GLU A 59 5.44 7.12 10.42
N SER A 60 6.36 6.84 9.49
CA SER A 60 7.26 7.86 8.93
C SER A 60 7.92 7.34 7.64
N GLU A 61 8.69 8.23 6.96
CA GLU A 61 9.32 7.95 5.64
C GLU A 61 10.30 6.76 5.70
N ASP A 62 10.89 6.54 6.89
CA ASP A 62 11.87 5.44 7.09
C ASP A 62 11.15 4.09 7.00
N GLU A 63 10.05 3.97 7.78
CA GLU A 63 9.12 2.82 7.73
C GLU A 63 8.65 2.52 6.30
N VAL A 64 8.45 3.59 5.52
CA VAL A 64 8.14 3.51 4.08
C VAL A 64 9.27 2.83 3.31
N LYS A 65 10.51 3.30 3.49
CA LYS A 65 11.72 2.72 2.86
C LYS A 65 11.90 1.23 3.22
N LEU A 66 11.61 0.87 4.49
CA LEU A 66 11.63 -0.53 4.99
C LEU A 66 10.63 -1.40 4.18
N ALA A 67 9.43 -0.83 4.00
CA ALA A 67 8.35 -1.45 3.21
C ALA A 67 8.76 -1.64 1.73
N LEU A 68 9.33 -0.58 1.13
CA LEU A 68 9.80 -0.56 -0.29
C LEU A 68 10.85 -1.64 -0.56
N LYS A 69 11.73 -1.89 0.42
CA LYS A 69 12.83 -2.87 0.29
C LYS A 69 12.32 -4.33 0.31
N LYS A 70 11.01 -4.51 0.56
CA LYS A 70 10.30 -5.80 0.47
C LYS A 70 9.54 -5.99 -0.87
N ASP A 71 9.74 -5.07 -1.86
CA ASP A 71 9.09 -5.17 -3.21
C ASP A 71 9.58 -6.38 -4.07
N ARG A 72 10.34 -7.31 -3.48
CA ARG A 72 10.77 -8.55 -4.15
C ARG A 72 10.32 -9.80 -3.37
N GLU A 73 10.08 -9.61 -2.06
CA GLU A 73 9.59 -10.67 -1.17
C GLU A 73 8.19 -11.19 -1.60
N THR A 74 7.98 -12.48 -1.34
CA THR A 74 6.78 -13.22 -1.73
C THR A 74 5.80 -13.36 -0.54
N MET A 75 4.51 -13.17 -0.84
CA MET A 75 3.40 -13.32 0.11
C MET A 75 2.19 -13.95 -0.61
N GLY A 76 1.88 -15.21 -0.26
CA GLY A 76 0.69 -15.90 -0.74
C GLY A 76 0.76 -16.23 -2.22
N HIS A 77 1.81 -16.99 -2.61
CA HIS A 77 2.05 -17.50 -3.99
C HIS A 77 2.48 -16.38 -4.98
N ARG A 78 2.44 -15.12 -4.53
CA ARG A 78 2.65 -13.93 -5.35
C ARG A 78 3.88 -13.16 -4.87
N TYR A 79 4.56 -12.49 -5.81
CA TYR A 79 5.57 -11.47 -5.48
C TYR A 79 4.82 -10.17 -5.16
N VAL A 80 5.26 -9.44 -4.14
CA VAL A 80 4.58 -8.22 -3.69
C VAL A 80 5.33 -7.01 -4.25
N GLU A 81 4.61 -6.16 -4.99
CA GLU A 81 5.13 -4.89 -5.50
C GLU A 81 4.72 -3.79 -4.50
N VAL A 82 5.72 -3.10 -3.92
CA VAL A 82 5.51 -2.06 -2.91
C VAL A 82 5.94 -0.71 -3.50
N PHE A 83 4.97 0.19 -3.68
CA PHE A 83 5.15 1.49 -4.34
C PHE A 83 5.20 2.61 -3.29
N LYS A 84 5.53 3.83 -3.75
CA LYS A 84 5.57 5.03 -2.92
C LYS A 84 4.27 5.79 -3.08
N SER A 85 3.42 5.69 -2.07
CA SER A 85 2.08 6.30 -2.07
C SER A 85 2.06 7.55 -1.15
N ASN A 86 0.85 8.09 -0.93
CA ASN A 86 0.61 9.32 -0.15
C ASN A 86 -0.72 9.17 0.60
N ASN A 87 -0.93 10.02 1.61
CA ASN A 87 -2.19 10.11 2.39
C ASN A 87 -3.36 10.49 1.47
N VAL A 88 -3.05 11.39 0.53
CA VAL A 88 -3.99 11.91 -0.47
C VAL A 88 -4.38 10.80 -1.46
N GLU A 89 -3.36 10.10 -2.01
CA GLU A 89 -3.58 9.04 -3.02
C GLU A 89 -4.35 7.85 -2.39
N MET A 90 -3.97 7.49 -1.15
CA MET A 90 -4.60 6.42 -0.38
C MET A 90 -6.11 6.62 -0.28
N ASP A 91 -6.52 7.79 0.25
CA ASP A 91 -7.93 8.09 0.53
C ASP A 91 -8.77 8.15 -0.76
N TRP A 92 -8.25 8.85 -1.78
CA TRP A 92 -8.98 9.15 -3.03
C TRP A 92 -9.20 7.89 -3.90
N VAL A 93 -8.15 7.06 -4.06
CA VAL A 93 -8.26 5.78 -4.82
C VAL A 93 -9.23 4.81 -4.12
N LEU A 94 -9.12 4.72 -2.78
CA LEU A 94 -9.93 3.81 -1.96
C LEU A 94 -11.43 4.23 -1.99
N LYS A 95 -11.65 5.56 -1.97
CA LYS A 95 -13.02 6.16 -1.97
C LYS A 95 -13.59 6.14 -3.42
N HIS A 96 -12.70 5.99 -4.41
CA HIS A 96 -13.08 5.79 -5.82
C HIS A 96 -13.21 4.27 -6.11
N THR A 97 -12.87 3.44 -5.08
CA THR A 97 -12.88 1.95 -5.08
C THR A 97 -11.99 1.35 -6.19
N GLY A 98 -11.02 2.15 -6.66
CA GLY A 98 -10.14 1.78 -7.76
C GLY A 98 -9.74 3.03 -8.56
N PRO A 99 -8.53 3.08 -9.16
CA PRO A 99 -8.11 4.23 -10.01
C PRO A 99 -8.72 4.15 -11.44
N ASN A 100 -9.43 5.21 -11.84
CA ASN A 100 -9.95 5.37 -13.21
C ASN A 100 -8.85 5.86 -14.18
N SER A 101 -7.65 6.17 -13.61
CA SER A 101 -6.47 6.76 -14.30
C SER A 101 -6.70 8.28 -14.58
N PRO A 102 -5.62 9.15 -14.50
CA PRO A 102 -5.76 10.62 -14.66
C PRO A 102 -6.38 10.98 -16.03
N ASP A 103 -7.69 11.27 -16.01
CA ASP A 103 -8.51 11.43 -17.23
C ASP A 103 -8.07 12.67 -18.03
N THR A 104 -7.71 13.75 -17.32
CA THR A 104 -7.14 14.95 -17.91
C THR A 104 -5.66 14.71 -18.27
N ALA A 105 -5.43 14.37 -19.56
CA ALA A 105 -4.10 14.02 -20.07
C ALA A 105 -3.93 14.52 -21.52
N ASN A 106 -3.95 15.85 -21.67
CA ASN A 106 -3.74 16.52 -22.96
C ASN A 106 -2.32 17.12 -22.99
N ASP A 107 -1.45 16.56 -23.83
CA ASP A 107 -0.07 17.07 -24.02
C ASP A 107 -0.11 18.21 -25.05
N GLY A 108 0.34 19.39 -24.65
CA GLY A 108 0.30 20.59 -25.50
C GLY A 108 -0.73 21.58 -24.98
N SER A 1 7.97 15.67 -12.75
CA SER A 1 9.26 15.01 -12.47
C SER A 1 9.18 14.32 -11.10
N HIS A 2 8.02 13.65 -10.88
CA HIS A 2 7.57 13.12 -9.57
C HIS A 2 7.16 14.26 -8.63
N MET A 3 6.13 14.02 -7.83
CA MET A 3 5.71 14.96 -6.78
C MET A 3 6.26 14.47 -5.43
N GLY A 4 6.99 15.35 -4.72
CA GLY A 4 7.48 15.05 -3.38
C GLY A 4 6.39 15.24 -2.33
N GLY A 5 5.29 14.46 -2.47
CA GLY A 5 4.18 14.48 -1.51
C GLY A 5 4.58 13.92 -0.16
N GLU A 6 5.42 12.88 -0.22
CA GLU A 6 6.05 12.21 0.94
C GLU A 6 5.04 11.76 1.99
N GLY A 7 3.89 11.29 1.48
CA GLY A 7 2.87 10.68 2.31
C GLY A 7 3.38 9.43 3.00
N PHE A 8 3.02 9.24 4.27
CA PHE A 8 3.54 8.12 5.10
C PHE A 8 2.93 6.75 4.70
N VAL A 9 2.12 6.75 3.63
CA VAL A 9 1.44 5.59 3.11
C VAL A 9 2.23 5.02 1.92
N VAL A 10 2.34 3.68 1.85
CA VAL A 10 2.77 2.95 0.66
C VAL A 10 1.57 2.23 0.06
N LYS A 11 1.76 1.62 -1.12
CA LYS A 11 0.73 0.78 -1.75
C LYS A 11 1.32 -0.61 -1.94
N VAL A 12 0.59 -1.63 -1.49
CA VAL A 12 1.08 -3.02 -1.48
C VAL A 12 0.30 -3.83 -2.51
N ARG A 13 1.02 -4.34 -3.50
CA ARG A 13 0.45 -5.02 -4.68
C ARG A 13 0.81 -6.51 -4.56
N GLY A 14 0.04 -7.38 -5.24
CA GLY A 14 0.25 -8.82 -5.18
C GLY A 14 -0.20 -9.43 -3.86
N LEU A 15 -1.25 -8.83 -3.31
CA LEU A 15 -1.97 -9.35 -2.15
C LEU A 15 -3.06 -10.31 -2.64
N PRO A 16 -3.18 -11.52 -2.01
CA PRO A 16 -4.32 -12.43 -2.26
C PRO A 16 -5.69 -11.75 -2.02
N TRP A 17 -6.67 -12.16 -2.83
CA TRP A 17 -8.08 -11.73 -2.69
C TRP A 17 -8.64 -12.11 -1.29
N SER A 18 -8.11 -13.21 -0.74
CA SER A 18 -8.55 -13.78 0.54
C SER A 18 -7.52 -13.52 1.66
N CYS A 19 -6.64 -12.51 1.47
CA CYS A 19 -5.58 -12.16 2.45
C CYS A 19 -6.19 -11.56 3.73
N SER A 20 -5.36 -11.40 4.76
CA SER A 20 -5.75 -10.72 6.01
C SER A 20 -4.75 -9.60 6.30
N ALA A 21 -5.20 -8.61 7.09
CA ALA A 21 -4.32 -7.57 7.63
C ALA A 21 -3.16 -8.21 8.44
N ASP A 22 -3.47 -9.33 9.13
CA ASP A 22 -2.49 -10.18 9.84
C ASP A 22 -1.33 -10.66 8.93
N GLU A 23 -1.64 -11.05 7.67
CA GLU A 23 -0.61 -11.47 6.70
C GLU A 23 0.34 -10.30 6.36
N VAL A 24 -0.23 -9.10 6.21
CA VAL A 24 0.53 -7.88 5.88
C VAL A 24 1.29 -7.36 7.13
N GLN A 25 0.76 -7.70 8.33
CA GLN A 25 1.41 -7.41 9.63
C GLN A 25 2.72 -8.20 9.75
N ARG A 26 2.61 -9.52 9.53
CA ARG A 26 3.74 -10.45 9.56
C ARG A 26 4.81 -10.05 8.52
N PHE A 27 4.35 -9.76 7.29
CA PHE A 27 5.23 -9.51 6.16
C PHE A 27 6.00 -8.18 6.33
N PHE A 28 5.28 -7.15 6.78
CA PHE A 28 5.84 -5.81 7.04
C PHE A 28 6.15 -5.64 8.54
N SER A 29 6.62 -6.74 9.19
CA SER A 29 7.11 -6.71 10.58
C SER A 29 8.30 -5.73 10.77
N ASP A 30 9.04 -5.44 9.67
CA ASP A 30 10.08 -4.39 9.65
C ASP A 30 9.46 -3.02 9.94
N CYS A 31 8.39 -2.72 9.20
CA CYS A 31 7.74 -1.41 9.18
C CYS A 31 6.75 -1.28 10.36
N LYS A 32 6.82 -0.17 11.11
CA LYS A 32 5.81 0.16 12.13
C LYS A 32 4.59 0.74 11.42
N ILE A 33 3.53 -0.07 11.33
CA ILE A 33 2.29 0.28 10.63
C ILE A 33 1.38 1.11 11.58
N GLN A 34 0.61 2.06 10.98
CA GLN A 34 -0.12 3.17 11.66
C GLN A 34 -0.83 2.76 12.98
N ASN A 35 -1.91 1.96 12.89
CA ASN A 35 -2.52 1.28 14.06
C ASN A 35 -2.45 -0.24 13.85
N GLY A 36 -1.24 -0.70 13.47
CA GLY A 36 -1.00 -2.11 13.17
C GLY A 36 -1.88 -2.59 12.03
N ALA A 37 -2.70 -3.60 12.30
CA ALA A 37 -3.66 -4.16 11.31
C ALA A 37 -4.70 -3.11 10.86
N GLN A 38 -5.05 -2.20 11.78
CA GLN A 38 -6.03 -1.13 11.51
C GLN A 38 -5.43 -0.01 10.64
N GLY A 39 -4.07 0.07 10.59
CA GLY A 39 -3.36 0.98 9.69
C GLY A 39 -3.29 0.47 8.26
N ILE A 40 -3.56 -0.84 8.08
CA ILE A 40 -3.62 -1.51 6.78
C ILE A 40 -5.03 -1.34 6.17
N ARG A 41 -5.06 -0.86 4.91
CA ARG A 41 -6.30 -0.47 4.21
C ARG A 41 -6.34 -1.12 2.82
N PHE A 42 -7.06 -2.23 2.69
CA PHE A 42 -7.15 -2.98 1.41
C PHE A 42 -8.08 -2.26 0.43
N ILE A 43 -7.74 -2.28 -0.87
CA ILE A 43 -8.59 -1.75 -1.93
C ILE A 43 -9.57 -2.85 -2.36
N TYR A 44 -10.72 -2.86 -1.68
CA TYR A 44 -11.80 -3.80 -1.95
C TYR A 44 -12.48 -3.46 -3.27
N THR A 45 -13.11 -4.47 -3.88
CA THR A 45 -13.85 -4.34 -5.15
C THR A 45 -15.29 -3.85 -4.89
N ARG A 46 -16.10 -3.83 -5.96
CA ARG A 46 -17.55 -3.62 -5.86
C ARG A 46 -18.22 -4.78 -5.08
N GLU A 47 -17.49 -5.90 -4.96
CA GLU A 47 -17.93 -7.12 -4.27
C GLU A 47 -17.58 -7.08 -2.77
N GLY A 48 -16.85 -6.04 -2.35
CA GLY A 48 -16.42 -5.88 -0.95
C GLY A 48 -15.35 -6.88 -0.52
N ARG A 49 -14.45 -7.19 -1.47
CA ARG A 49 -13.33 -8.14 -1.27
C ARG A 49 -12.05 -7.59 -1.91
N PRO A 50 -10.84 -7.75 -1.25
CA PRO A 50 -9.55 -7.20 -1.76
C PRO A 50 -9.27 -7.64 -3.21
N SER A 51 -8.96 -6.67 -4.07
CA SER A 51 -8.76 -6.91 -5.50
C SER A 51 -7.40 -7.59 -5.70
N GLY A 52 -6.32 -6.83 -5.44
CA GLY A 52 -4.94 -7.33 -5.55
C GLY A 52 -3.91 -6.36 -4.98
N GLU A 53 -4.34 -5.12 -4.71
CA GLU A 53 -3.51 -4.07 -4.11
C GLU A 53 -4.21 -3.44 -2.90
N ALA A 54 -3.42 -2.66 -2.15
CA ALA A 54 -3.85 -1.98 -0.91
C ALA A 54 -3.02 -0.72 -0.70
N PHE A 55 -3.41 0.08 0.30
CA PHE A 55 -2.60 1.18 0.86
C PHE A 55 -2.37 0.92 2.36
N VAL A 56 -1.10 0.85 2.76
CA VAL A 56 -0.69 0.58 4.15
C VAL A 56 0.06 1.81 4.68
N GLU A 57 -0.47 2.47 5.72
CA GLU A 57 0.15 3.68 6.29
C GLU A 57 1.19 3.26 7.34
N LEU A 58 2.24 4.07 7.44
CA LEU A 58 3.45 3.75 8.22
C LEU A 58 3.81 4.93 9.14
N GLU A 59 4.54 4.62 10.23
CA GLU A 59 4.85 5.56 11.33
C GLU A 59 5.82 6.67 10.86
N SER A 60 6.62 6.34 9.85
CA SER A 60 7.63 7.26 9.30
C SER A 60 7.82 7.00 7.80
N GLU A 61 8.38 8.00 7.12
CA GLU A 61 8.80 7.88 5.72
C GLU A 61 10.08 6.99 5.64
N ASP A 62 10.75 6.77 6.79
CA ASP A 62 11.84 5.79 6.93
C ASP A 62 11.27 4.35 6.89
N GLU A 63 10.11 4.15 7.53
CA GLU A 63 9.34 2.89 7.40
C GLU A 63 8.91 2.66 5.93
N VAL A 64 8.63 3.77 5.21
CA VAL A 64 8.29 3.74 3.77
C VAL A 64 9.49 3.20 2.97
N LYS A 65 10.73 3.56 3.39
CA LYS A 65 11.98 2.96 2.82
C LYS A 65 12.00 1.42 3.02
N LEU A 66 11.69 0.97 4.25
CA LEU A 66 11.65 -0.47 4.61
C LEU A 66 10.56 -1.24 3.82
N ALA A 67 9.54 -0.50 3.41
CA ALA A 67 8.46 -1.02 2.57
C ALA A 67 8.91 -1.11 1.09
N LEU A 68 9.58 -0.05 0.59
CA LEU A 68 10.08 0.01 -0.81
C LEU A 68 11.20 -1.01 -1.09
N LYS A 69 11.99 -1.36 -0.06
CA LYS A 69 13.05 -2.40 -0.21
C LYS A 69 12.41 -3.80 -0.18
N LYS A 70 11.15 -3.86 0.29
CA LYS A 70 10.32 -5.08 0.32
C LYS A 70 9.57 -5.28 -1.02
N ASP A 71 9.64 -4.24 -1.91
CA ASP A 71 9.17 -4.34 -3.31
C ASP A 71 10.04 -5.39 -4.06
N ARG A 72 9.53 -6.65 -4.08
CA ARG A 72 10.17 -7.86 -4.67
C ARG A 72 9.65 -9.11 -3.94
N GLU A 73 9.76 -9.08 -2.60
CA GLU A 73 9.58 -10.23 -1.70
C GLU A 73 8.23 -10.95 -1.92
N THR A 74 8.27 -12.29 -1.82
CA THR A 74 7.14 -13.18 -2.14
C THR A 74 6.16 -13.33 -0.97
N MET A 75 4.86 -13.06 -1.23
CA MET A 75 3.78 -13.17 -0.21
C MET A 75 3.34 -14.65 -0.11
N GLY A 76 4.05 -15.44 0.71
CA GLY A 76 3.79 -16.89 0.86
C GLY A 76 4.21 -17.66 -0.38
N HIS A 77 3.39 -17.56 -1.45
CA HIS A 77 3.72 -18.08 -2.78
C HIS A 77 3.86 -16.91 -3.77
N ARG A 78 2.90 -15.95 -3.70
CA ARG A 78 2.75 -14.80 -4.63
C ARG A 78 3.93 -13.80 -4.50
N TYR A 79 3.69 -12.48 -4.67
CA TYR A 79 4.76 -11.52 -5.01
C TYR A 79 4.28 -10.13 -4.67
N VAL A 80 5.00 -9.42 -3.79
CA VAL A 80 4.61 -8.10 -3.30
C VAL A 80 5.38 -7.00 -4.06
N GLU A 81 4.63 -6.01 -4.56
CA GLU A 81 5.18 -4.79 -5.16
C GLU A 81 4.72 -3.59 -4.35
N VAL A 82 5.67 -2.82 -3.83
CA VAL A 82 5.40 -1.70 -2.92
C VAL A 82 5.90 -0.42 -3.58
N PHE A 83 5.00 0.57 -3.76
CA PHE A 83 5.34 1.85 -4.39
C PHE A 83 5.09 3.01 -3.39
N LYS A 84 5.99 4.02 -3.43
CA LYS A 84 5.85 5.26 -2.64
C LYS A 84 4.52 5.95 -2.98
N SER A 85 3.64 6.05 -1.98
CA SER A 85 2.31 6.62 -2.15
C SER A 85 2.17 7.92 -1.36
N ASN A 86 0.95 8.45 -1.37
CA ASN A 86 0.58 9.68 -0.66
C ASN A 86 -0.71 9.39 0.13
N ASN A 87 -0.91 10.10 1.24
CA ASN A 87 -2.17 10.06 2.03
C ASN A 87 -3.34 10.60 1.18
N VAL A 88 -3.01 11.59 0.32
CA VAL A 88 -3.94 12.20 -0.66
C VAL A 88 -4.41 11.14 -1.68
N GLU A 89 -3.44 10.40 -2.21
CA GLU A 89 -3.66 9.35 -3.23
C GLU A 89 -4.39 8.14 -2.62
N MET A 90 -4.09 7.86 -1.34
CA MET A 90 -4.69 6.74 -0.58
C MET A 90 -6.22 6.89 -0.54
N ASP A 91 -6.68 8.06 -0.07
CA ASP A 91 -8.11 8.39 0.03
C ASP A 91 -8.77 8.40 -1.36
N TRP A 92 -8.02 8.94 -2.34
CA TRP A 92 -8.45 9.03 -3.75
C TRP A 92 -8.80 7.63 -4.34
N VAL A 93 -7.94 6.63 -4.02
CA VAL A 93 -8.10 5.27 -4.55
C VAL A 93 -9.16 4.47 -3.76
N LEU A 94 -9.17 4.61 -2.43
CA LEU A 94 -10.16 3.91 -1.57
C LEU A 94 -11.59 4.48 -1.77
N LYS A 95 -11.67 5.68 -2.36
CA LYS A 95 -12.95 6.35 -2.70
C LYS A 95 -13.71 5.62 -3.85
N HIS A 96 -12.95 5.13 -4.87
CA HIS A 96 -13.53 4.63 -6.15
C HIS A 96 -12.38 4.16 -7.07
N THR A 97 -11.58 3.21 -6.52
CA THR A 97 -10.34 2.67 -7.16
C THR A 97 -9.39 3.80 -7.66
N GLY A 98 -8.34 3.42 -8.37
CA GLY A 98 -7.43 4.39 -9.00
C GLY A 98 -7.67 4.44 -10.51
N PRO A 99 -8.53 5.38 -11.02
CA PRO A 99 -8.72 5.56 -12.48
C PRO A 99 -7.38 5.93 -13.16
N ASN A 100 -6.78 4.93 -13.83
CA ASN A 100 -5.47 5.04 -14.49
C ASN A 100 -5.59 5.98 -15.69
N SER A 101 -5.06 7.20 -15.54
CA SER A 101 -5.00 8.21 -16.61
C SER A 101 -3.51 8.51 -16.92
N PRO A 102 -2.86 7.73 -17.85
CA PRO A 102 -1.43 7.91 -18.18
C PRO A 102 -1.23 9.00 -19.27
N ASP A 103 -0.01 9.05 -19.85
CA ASP A 103 0.34 9.93 -20.99
C ASP A 103 0.33 11.43 -20.60
N THR A 104 0.08 11.75 -19.33
CA THR A 104 0.14 13.12 -18.81
C THR A 104 1.60 13.44 -18.48
N ALA A 105 2.32 13.91 -19.47
CA ALA A 105 3.76 14.20 -19.37
C ALA A 105 4.04 15.70 -19.54
N ASN A 106 5.18 16.15 -19.04
CA ASN A 106 5.58 17.57 -19.08
C ASN A 106 7.06 17.71 -19.49
N ASP A 107 7.29 18.18 -20.72
CA ASP A 107 8.63 18.55 -21.18
C ASP A 107 9.02 19.91 -20.60
N GLY A 108 10.12 19.93 -19.84
CA GLY A 108 10.59 21.14 -19.15
C GLY A 108 10.75 20.92 -17.65
N SER A 1 5.52 16.48 -12.22
CA SER A 1 4.68 17.62 -11.81
C SER A 1 3.80 17.18 -10.63
N HIS A 2 4.06 17.76 -9.45
CA HIS A 2 3.50 17.32 -8.16
C HIS A 2 3.93 15.87 -7.88
N MET A 3 5.18 15.75 -7.41
CA MET A 3 5.85 14.46 -7.09
C MET A 3 5.13 13.70 -5.96
N GLY A 4 4.28 14.42 -5.22
CA GLY A 4 3.52 13.87 -4.12
C GLY A 4 3.93 14.52 -2.81
N GLY A 5 5.01 13.97 -2.19
CA GLY A 5 5.52 14.46 -0.90
C GLY A 5 4.65 14.00 0.27
N GLU A 6 3.42 14.55 0.33
CA GLU A 6 2.40 14.20 1.33
C GLU A 6 2.02 12.71 1.24
N GLY A 7 2.67 11.87 2.05
CA GLY A 7 2.40 10.44 2.05
C GLY A 7 3.35 9.65 2.93
N PHE A 8 2.86 9.20 4.09
CA PHE A 8 3.56 8.23 4.95
C PHE A 8 2.96 6.83 4.74
N VAL A 9 2.40 6.62 3.54
CA VAL A 9 1.67 5.42 3.15
C VAL A 9 2.46 4.70 2.04
N VAL A 10 2.43 3.37 2.03
CA VAL A 10 2.80 2.54 0.85
C VAL A 10 1.56 1.81 0.30
N LYS A 11 1.73 1.11 -0.82
CA LYS A 11 0.69 0.24 -1.37
C LYS A 11 1.29 -1.15 -1.60
N VAL A 12 0.50 -2.18 -1.30
CA VAL A 12 0.94 -3.56 -1.34
C VAL A 12 0.19 -4.29 -2.45
N ARG A 13 0.92 -4.71 -3.48
CA ARG A 13 0.36 -5.39 -4.65
C ARG A 13 0.86 -6.84 -4.64
N GLY A 14 0.05 -7.79 -5.13
CA GLY A 14 0.42 -9.21 -5.15
C GLY A 14 0.00 -9.94 -3.90
N LEU A 15 -1.06 -9.42 -3.28
CA LEU A 15 -1.73 -10.06 -2.13
C LEU A 15 -2.73 -11.10 -2.65
N PRO A 16 -2.92 -12.24 -1.91
CA PRO A 16 -4.07 -13.14 -2.14
C PRO A 16 -5.42 -12.37 -2.14
N TRP A 17 -6.39 -12.89 -2.91
CA TRP A 17 -7.73 -12.28 -3.05
C TRP A 17 -8.47 -12.17 -1.70
N SER A 18 -8.13 -13.08 -0.77
CA SER A 18 -8.71 -13.15 0.58
C SER A 18 -7.61 -12.94 1.64
N CYS A 19 -6.64 -12.04 1.34
CA CYS A 19 -5.51 -11.74 2.25
C CYS A 19 -6.02 -11.05 3.52
N SER A 20 -5.30 -11.24 4.63
CA SER A 20 -5.68 -10.69 5.95
C SER A 20 -4.67 -9.62 6.35
N ALA A 21 -5.16 -8.58 7.07
CA ALA A 21 -4.32 -7.47 7.56
C ALA A 21 -3.15 -8.00 8.43
N ASP A 22 -3.42 -9.09 9.18
CA ASP A 22 -2.40 -9.83 9.95
C ASP A 22 -1.23 -10.30 9.06
N GLU A 23 -1.56 -10.92 7.91
CA GLU A 23 -0.54 -11.52 7.01
C GLU A 23 0.31 -10.43 6.33
N VAL A 24 -0.33 -9.29 6.03
CA VAL A 24 0.35 -8.10 5.49
C VAL A 24 1.27 -7.49 6.58
N GLN A 25 0.79 -7.51 7.82
CA GLN A 25 1.50 -6.98 9.00
C GLN A 25 2.79 -7.79 9.29
N ARG A 26 2.67 -9.14 9.22
CA ARG A 26 3.81 -10.06 9.39
C ARG A 26 4.87 -9.84 8.28
N PHE A 27 4.39 -9.61 7.04
CA PHE A 27 5.25 -9.29 5.88
C PHE A 27 6.01 -7.97 6.14
N PHE A 28 5.33 -7.01 6.78
CA PHE A 28 5.91 -5.68 7.06
C PHE A 28 6.37 -5.56 8.53
N SER A 29 6.77 -6.69 9.15
CA SER A 29 7.40 -6.68 10.47
C SER A 29 8.90 -6.33 10.27
N ASP A 30 9.15 -5.00 10.18
CA ASP A 30 10.39 -4.42 9.61
C ASP A 30 10.19 -2.90 9.49
N CYS A 31 8.97 -2.56 9.06
CA CYS A 31 8.48 -1.18 8.93
C CYS A 31 7.35 -0.97 9.94
N LYS A 32 7.48 0.07 10.75
CA LYS A 32 6.58 0.30 11.89
C LYS A 32 5.26 0.88 11.39
N ILE A 33 4.25 -0.01 11.30
CA ILE A 33 2.95 0.30 10.71
C ILE A 33 2.12 1.19 11.65
N GLN A 34 1.64 2.30 11.11
CA GLN A 34 0.77 3.26 11.83
C GLN A 34 -0.55 2.56 12.21
N ASN A 35 -0.84 2.52 13.53
CA ASN A 35 -2.06 1.90 14.11
C ASN A 35 -2.07 0.36 13.97
N GLY A 36 -0.90 -0.21 13.61
CA GLY A 36 -0.77 -1.66 13.37
C GLY A 36 -1.62 -2.13 12.20
N ALA A 37 -2.34 -3.25 12.38
CA ALA A 37 -3.23 -3.83 11.35
C ALA A 37 -4.40 -2.86 10.99
N GLN A 38 -4.69 -1.89 11.88
CA GLN A 38 -5.78 -0.90 11.67
C GLN A 38 -5.41 0.16 10.60
N GLY A 39 -4.10 0.26 10.30
CA GLY A 39 -3.60 1.18 9.26
C GLY A 39 -3.59 0.54 7.86
N ILE A 40 -3.91 -0.77 7.81
CA ILE A 40 -3.97 -1.55 6.56
C ILE A 40 -5.41 -1.54 5.98
N ARG A 41 -5.51 -1.09 4.72
CA ARG A 41 -6.78 -0.96 3.96
C ARG A 41 -6.61 -1.57 2.57
N PHE A 42 -7.18 -2.75 2.34
CA PHE A 42 -7.18 -3.37 1.01
C PHE A 42 -8.07 -2.55 0.06
N ILE A 43 -7.67 -2.44 -1.21
CA ILE A 43 -8.50 -1.77 -2.23
C ILE A 43 -9.67 -2.70 -2.56
N TYR A 44 -10.80 -2.47 -1.86
CA TYR A 44 -12.03 -3.24 -2.05
C TYR A 44 -12.74 -2.75 -3.32
N THR A 45 -13.19 -3.69 -4.15
CA THR A 45 -13.86 -3.39 -5.42
C THR A 45 -15.30 -2.89 -5.19
N ARG A 46 -16.06 -2.73 -6.28
CA ARG A 46 -17.50 -2.41 -6.21
C ARG A 46 -18.26 -3.61 -5.57
N GLU A 47 -17.63 -4.82 -5.61
CA GLU A 47 -18.18 -6.05 -5.01
C GLU A 47 -17.68 -6.21 -3.54
N GLY A 48 -16.88 -5.23 -3.07
CA GLY A 48 -16.33 -5.24 -1.71
C GLY A 48 -15.23 -6.28 -1.50
N ARG A 49 -14.53 -6.63 -2.58
CA ARG A 49 -13.47 -7.67 -2.57
C ARG A 49 -12.06 -7.04 -2.70
N PRO A 50 -11.05 -7.48 -1.87
CA PRO A 50 -9.64 -7.06 -2.04
C PRO A 50 -9.12 -7.44 -3.44
N SER A 51 -8.67 -6.42 -4.20
CA SER A 51 -8.25 -6.58 -5.60
C SER A 51 -6.88 -7.30 -5.73
N GLY A 52 -6.21 -7.51 -4.58
CA GLY A 52 -4.82 -7.96 -4.54
C GLY A 52 -3.88 -6.81 -4.22
N GLU A 53 -4.44 -5.59 -4.22
CA GLU A 53 -3.74 -4.35 -3.85
C GLU A 53 -4.29 -3.85 -2.50
N ALA A 54 -3.45 -3.09 -1.77
CA ALA A 54 -3.79 -2.46 -0.47
C ALA A 54 -3.01 -1.16 -0.27
N PHE A 55 -3.38 -0.38 0.75
CA PHE A 55 -2.59 0.74 1.29
C PHE A 55 -2.25 0.46 2.76
N VAL A 56 -0.97 0.54 3.12
CA VAL A 56 -0.49 0.35 4.50
C VAL A 56 0.17 1.65 4.96
N GLU A 57 -0.36 2.24 6.04
CA GLU A 57 0.21 3.46 6.64
C GLU A 57 1.40 3.07 7.52
N LEU A 58 2.39 3.96 7.57
CA LEU A 58 3.65 3.77 8.28
C LEU A 58 3.97 5.08 9.02
N GLU A 59 4.42 4.98 10.29
CA GLU A 59 4.52 6.15 11.22
C GLU A 59 5.57 7.20 10.79
N SER A 60 6.40 6.86 9.81
CA SER A 60 7.37 7.80 9.20
C SER A 60 7.69 7.39 7.75
N GLU A 61 8.23 8.35 6.97
CA GLU A 61 8.66 8.11 5.58
C GLU A 61 9.92 7.23 5.52
N ASP A 62 10.63 7.12 6.65
CA ASP A 62 11.79 6.21 6.79
C ASP A 62 11.31 4.75 6.79
N GLU A 63 10.27 4.48 7.63
CA GLU A 63 9.55 3.18 7.60
C GLU A 63 9.01 2.85 6.19
N VAL A 64 8.60 3.89 5.45
CA VAL A 64 8.14 3.76 4.06
C VAL A 64 9.25 3.18 3.17
N LYS A 65 10.45 3.76 3.26
CA LYS A 65 11.64 3.32 2.49
C LYS A 65 12.02 1.85 2.80
N LEU A 66 11.86 1.44 4.08
CA LEU A 66 12.06 0.03 4.52
C LEU A 66 11.04 -0.92 3.85
N ALA A 67 9.79 -0.49 3.80
CA ALA A 67 8.72 -1.19 3.05
C ALA A 67 9.08 -1.31 1.54
N LEU A 68 9.54 -0.19 0.95
CA LEU A 68 9.92 -0.09 -0.49
C LEU A 68 11.09 -0.99 -0.87
N LYS A 69 12.01 -1.25 0.07
CA LYS A 69 13.19 -2.10 -0.21
C LYS A 69 12.81 -3.60 -0.19
N LYS A 70 11.61 -3.92 0.33
CA LYS A 70 11.04 -5.28 0.34
C LYS A 70 10.12 -5.50 -0.89
N ASP A 71 10.04 -4.48 -1.78
CA ASP A 71 9.41 -4.60 -3.11
C ASP A 71 10.18 -5.64 -3.96
N ARG A 72 9.74 -6.92 -3.87
CA ARG A 72 10.41 -8.10 -4.47
C ARG A 72 9.88 -9.42 -3.87
N GLU A 73 9.91 -9.52 -2.53
CA GLU A 73 9.73 -10.81 -1.81
C GLU A 73 8.27 -11.28 -1.82
N THR A 74 8.08 -12.54 -1.37
CA THR A 74 6.87 -13.33 -1.62
C THR A 74 6.05 -13.62 -0.34
N MET A 75 4.71 -13.52 -0.50
CA MET A 75 3.71 -13.94 0.49
C MET A 75 3.10 -15.29 0.03
N GLY A 76 3.93 -16.35 0.06
CA GLY A 76 3.50 -17.71 -0.27
C GLY A 76 3.36 -17.92 -1.77
N HIS A 77 4.48 -17.70 -2.49
CA HIS A 77 4.58 -17.71 -3.98
C HIS A 77 3.92 -16.47 -4.64
N ARG A 78 3.22 -15.65 -3.84
CA ARG A 78 2.68 -14.37 -4.28
C ARG A 78 3.80 -13.35 -4.31
N TYR A 79 4.28 -13.00 -5.52
CA TYR A 79 5.30 -11.97 -5.70
C TYR A 79 4.69 -10.62 -5.29
N VAL A 80 5.18 -10.03 -4.19
CA VAL A 80 4.58 -8.82 -3.61
C VAL A 80 5.46 -7.61 -3.97
N GLU A 81 4.78 -6.54 -4.42
CA GLU A 81 5.38 -5.30 -4.88
C GLU A 81 4.89 -4.15 -3.99
N VAL A 82 5.83 -3.34 -3.51
CA VAL A 82 5.56 -2.25 -2.57
C VAL A 82 5.94 -0.93 -3.23
N PHE A 83 4.96 -0.04 -3.45
CA PHE A 83 5.18 1.28 -4.11
C PHE A 83 4.69 2.36 -3.16
N LYS A 84 5.44 3.46 -3.03
CA LYS A 84 5.08 4.53 -2.10
C LYS A 84 3.79 5.21 -2.57
N SER A 85 2.91 5.46 -1.62
CA SER A 85 1.59 6.06 -1.86
C SER A 85 1.44 7.35 -1.06
N ASN A 86 0.55 8.21 -1.55
CA ASN A 86 0.21 9.46 -0.88
C ASN A 86 -0.98 9.23 0.03
N ASN A 87 -1.14 10.12 1.03
CA ASN A 87 -2.39 10.20 1.81
C ASN A 87 -3.55 10.66 0.91
N VAL A 88 -3.18 11.48 -0.10
CA VAL A 88 -4.10 12.00 -1.13
C VAL A 88 -4.61 10.86 -2.03
N GLU A 89 -3.68 9.98 -2.45
CA GLU A 89 -4.01 8.81 -3.28
C GLU A 89 -4.82 7.79 -2.45
N MET A 90 -4.36 7.52 -1.23
CA MET A 90 -5.01 6.57 -0.29
C MET A 90 -6.49 6.95 -0.07
N ASP A 91 -6.71 8.25 0.16
CA ASP A 91 -8.05 8.86 0.30
C ASP A 91 -8.88 8.62 -0.96
N TRP A 92 -8.28 8.98 -2.12
CA TRP A 92 -8.92 8.91 -3.44
C TRP A 92 -9.46 7.49 -3.77
N VAL A 93 -8.57 6.50 -3.65
CA VAL A 93 -8.84 5.12 -4.14
C VAL A 93 -9.82 4.36 -3.23
N LEU A 94 -9.73 4.58 -1.90
CA LEU A 94 -10.63 3.92 -0.92
C LEU A 94 -12.07 4.47 -1.04
N LYS A 95 -12.20 5.76 -1.37
CA LYS A 95 -13.50 6.45 -1.54
C LYS A 95 -14.01 6.35 -3.00
N HIS A 96 -13.07 6.15 -3.94
CA HIS A 96 -13.34 6.08 -5.38
C HIS A 96 -12.31 5.13 -6.02
N THR A 97 -12.70 3.85 -6.13
CA THR A 97 -11.84 2.76 -6.60
C THR A 97 -11.17 3.04 -7.97
N GLY A 98 -9.89 3.42 -7.90
CA GLY A 98 -9.08 3.68 -9.09
C GLY A 98 -7.72 4.27 -8.71
N PRO A 99 -6.64 3.43 -8.57
CA PRO A 99 -5.26 3.92 -8.29
C PRO A 99 -4.76 4.87 -9.41
N ASN A 100 -4.91 6.19 -9.16
CA ASN A 100 -4.57 7.25 -10.13
C ASN A 100 -3.05 7.29 -10.41
N SER A 101 -2.26 7.56 -9.34
CA SER A 101 -0.79 7.63 -9.45
C SER A 101 -0.16 7.52 -8.04
N PRO A 102 0.85 6.61 -7.83
CA PRO A 102 1.61 6.54 -6.55
C PRO A 102 2.50 7.78 -6.35
N ASP A 103 3.08 7.92 -5.15
CA ASP A 103 4.05 8.98 -4.85
C ASP A 103 5.30 8.74 -5.73
N THR A 104 5.35 9.48 -6.84
CA THR A 104 6.40 9.36 -7.84
C THR A 104 7.67 10.06 -7.36
N ALA A 105 8.61 9.26 -6.82
CA ALA A 105 9.92 9.74 -6.36
C ALA A 105 10.77 10.22 -7.56
N ASN A 106 10.52 11.47 -7.97
CA ASN A 106 11.23 12.11 -9.10
C ASN A 106 12.74 12.24 -8.82
N ASP A 107 13.56 11.83 -9.80
CA ASP A 107 15.03 11.84 -9.71
C ASP A 107 15.59 12.67 -10.87
N GLY A 108 16.32 13.74 -10.53
CA GLY A 108 16.91 14.63 -11.52
C GLY A 108 18.15 15.34 -10.96
N SER A 1 5.41 13.61 -9.24
CA SER A 1 6.16 13.96 -8.04
C SER A 1 5.24 14.25 -6.83
N HIS A 2 4.69 15.51 -6.78
CA HIS A 2 3.91 16.01 -5.64
C HIS A 2 4.76 15.98 -4.35
N MET A 3 4.10 16.10 -3.18
CA MET A 3 4.74 15.83 -1.89
C MET A 3 4.90 14.31 -1.74
N GLY A 4 6.03 13.80 -2.25
CA GLY A 4 6.35 12.38 -2.18
C GLY A 4 6.59 11.91 -0.75
N GLY A 5 5.69 11.04 -0.26
CA GLY A 5 5.74 10.57 1.14
C GLY A 5 4.77 11.32 2.04
N GLU A 6 3.76 11.97 1.43
CA GLU A 6 2.68 12.68 2.14
C GLU A 6 1.89 11.66 2.99
N GLY A 7 1.78 11.91 4.30
CA GLY A 7 1.09 11.01 5.23
C GLY A 7 1.79 9.67 5.47
N PHE A 8 2.96 9.47 4.81
CA PHE A 8 3.84 8.31 4.98
C PHE A 8 3.12 6.98 4.66
N VAL A 9 2.42 6.95 3.52
CA VAL A 9 1.63 5.78 3.08
C VAL A 9 2.32 5.10 1.88
N VAL A 10 2.34 3.76 1.87
CA VAL A 10 2.73 2.95 0.69
C VAL A 10 1.51 2.21 0.13
N LYS A 11 1.72 1.47 -0.96
CA LYS A 11 0.66 0.66 -1.59
C LYS A 11 1.26 -0.71 -1.93
N VAL A 12 0.61 -1.77 -1.44
CA VAL A 12 1.16 -3.12 -1.40
C VAL A 12 0.35 -4.01 -2.35
N ARG A 13 1.05 -4.73 -3.24
CA ARG A 13 0.45 -5.52 -4.33
C ARG A 13 0.91 -6.98 -4.18
N GLY A 14 0.10 -7.93 -4.66
CA GLY A 14 0.40 -9.37 -4.52
C GLY A 14 -0.19 -9.96 -3.26
N LEU A 15 -1.23 -9.27 -2.76
CA LEU A 15 -2.02 -9.69 -1.60
C LEU A 15 -3.22 -10.49 -2.11
N PRO A 16 -3.26 -11.84 -1.85
CA PRO A 16 -4.39 -12.71 -2.29
C PRO A 16 -5.77 -12.19 -1.83
N TRP A 17 -6.79 -12.51 -2.64
CA TRP A 17 -8.21 -12.17 -2.37
C TRP A 17 -8.66 -12.70 -0.98
N SER A 18 -8.08 -13.83 -0.55
CA SER A 18 -8.45 -14.53 0.70
C SER A 18 -7.33 -14.38 1.77
N CYS A 19 -6.51 -13.30 1.66
CA CYS A 19 -5.47 -12.97 2.66
C CYS A 19 -6.10 -12.27 3.87
N SER A 20 -5.28 -11.97 4.89
CA SER A 20 -5.72 -11.29 6.12
C SER A 20 -4.82 -10.08 6.40
N ALA A 21 -5.38 -9.06 7.07
CA ALA A 21 -4.59 -7.92 7.57
C ALA A 21 -3.49 -8.37 8.54
N ASP A 22 -3.76 -9.45 9.30
CA ASP A 22 -2.76 -10.13 10.15
C ASP A 22 -1.54 -10.62 9.34
N GLU A 23 -1.81 -11.17 8.15
CA GLU A 23 -0.76 -11.69 7.25
C GLU A 23 0.15 -10.55 6.78
N VAL A 24 -0.47 -9.42 6.38
CA VAL A 24 0.24 -8.23 5.85
C VAL A 24 1.03 -7.54 6.97
N GLN A 25 0.44 -7.51 8.17
CA GLN A 25 1.03 -6.89 9.37
C GLN A 25 2.32 -7.64 9.77
N ARG A 26 2.19 -8.96 9.88
CA ARG A 26 3.30 -9.85 10.25
C ARG A 26 4.42 -9.82 9.20
N PHE A 27 4.02 -9.80 7.91
CA PHE A 27 4.95 -9.76 6.77
C PHE A 27 5.82 -8.48 6.79
N PHE A 28 5.18 -7.35 7.15
CA PHE A 28 5.84 -6.04 7.27
C PHE A 28 6.41 -5.82 8.69
N SER A 29 6.95 -6.91 9.31
CA SER A 29 7.76 -6.80 10.52
C SER A 29 9.16 -6.32 10.11
N ASP A 30 9.27 -4.99 9.95
CA ASP A 30 10.34 -4.30 9.21
C ASP A 30 9.96 -2.82 9.10
N CYS A 31 8.67 -2.60 8.86
CA CYS A 31 8.06 -1.27 8.83
C CYS A 31 7.27 -1.04 10.14
N LYS A 32 6.82 0.20 10.37
CA LYS A 32 6.02 0.56 11.56
C LYS A 32 4.68 1.04 11.04
N ILE A 33 3.77 0.07 10.82
CA ILE A 33 2.44 0.34 10.31
C ILE A 33 1.66 1.18 11.35
N GLN A 34 1.12 2.32 10.87
CA GLN A 34 0.68 3.47 11.68
C GLN A 34 -0.10 3.07 12.96
N ASN A 35 -1.32 2.52 12.80
CA ASN A 35 -2.15 2.07 13.94
C ASN A 35 -2.13 0.54 14.06
N GLY A 36 -0.93 -0.03 13.88
CA GLY A 36 -0.77 -1.49 13.83
C GLY A 36 -1.46 -2.07 12.61
N ALA A 37 -2.17 -3.20 12.77
CA ALA A 37 -2.93 -3.84 11.69
C ALA A 37 -4.18 -3.02 11.27
N GLN A 38 -4.45 -1.91 11.99
CA GLN A 38 -5.52 -0.96 11.63
C GLN A 38 -5.03 0.06 10.58
N GLY A 39 -3.76 -0.04 10.18
CA GLY A 39 -3.20 0.77 9.08
C GLY A 39 -3.05 -0.02 7.79
N ILE A 40 -4.01 -0.95 7.54
CA ILE A 40 -3.99 -1.87 6.37
C ILE A 40 -5.37 -1.86 5.69
N ARG A 41 -5.43 -1.19 4.54
CA ARG A 41 -6.69 -0.91 3.79
C ARG A 41 -6.66 -1.61 2.44
N PHE A 42 -7.25 -2.82 2.37
CA PHE A 42 -7.40 -3.58 1.12
C PHE A 42 -8.36 -2.83 0.19
N ILE A 43 -7.89 -2.53 -1.02
CA ILE A 43 -8.69 -1.83 -2.04
C ILE A 43 -9.78 -2.78 -2.54
N TYR A 44 -10.95 -2.72 -1.88
CA TYR A 44 -12.11 -3.53 -2.23
C TYR A 44 -12.80 -2.95 -3.46
N THR A 45 -13.29 -3.83 -4.32
CA THR A 45 -14.05 -3.47 -5.52
C THR A 45 -15.48 -3.04 -5.13
N ARG A 46 -16.33 -2.74 -6.14
CA ARG A 46 -17.75 -2.41 -5.89
C ARG A 46 -18.56 -3.64 -5.42
N GLU A 47 -17.92 -4.83 -5.46
CA GLU A 47 -18.53 -6.09 -4.97
C GLU A 47 -17.80 -6.58 -3.70
N GLY A 48 -16.99 -5.68 -3.09
CA GLY A 48 -16.33 -5.94 -1.81
C GLY A 48 -15.27 -7.04 -1.86
N ARG A 49 -14.53 -7.12 -2.98
CA ARG A 49 -13.45 -8.11 -3.17
C ARG A 49 -12.09 -7.40 -3.25
N PRO A 50 -11.02 -7.89 -2.54
CA PRO A 50 -9.67 -7.28 -2.62
C PRO A 50 -9.12 -7.34 -4.07
N SER A 51 -8.69 -6.19 -4.61
CA SER A 51 -8.23 -6.06 -6.01
C SER A 51 -6.75 -6.53 -6.18
N GLY A 52 -6.28 -7.39 -5.24
CA GLY A 52 -4.89 -7.86 -5.23
C GLY A 52 -3.93 -6.90 -4.54
N GLU A 53 -4.44 -5.71 -4.17
CA GLU A 53 -3.64 -4.66 -3.52
C GLU A 53 -4.40 -3.94 -2.39
N ALA A 54 -3.60 -3.15 -1.66
CA ALA A 54 -4.01 -2.39 -0.47
C ALA A 54 -3.14 -1.13 -0.34
N PHE A 55 -3.53 -0.20 0.54
CA PHE A 55 -2.66 0.88 1.03
C PHE A 55 -2.31 0.58 2.49
N VAL A 56 -1.05 0.75 2.86
CA VAL A 56 -0.56 0.55 4.22
C VAL A 56 0.07 1.85 4.71
N GLU A 57 -0.54 2.47 5.73
CA GLU A 57 -0.03 3.71 6.34
C GLU A 57 1.12 3.33 7.28
N LEU A 58 2.10 4.24 7.41
CA LEU A 58 3.35 3.99 8.16
C LEU A 58 3.66 5.19 9.07
N GLU A 59 4.67 5.00 9.94
CA GLU A 59 5.03 6.00 10.97
C GLU A 59 5.78 7.20 10.37
N SER A 60 6.66 6.93 9.40
CA SER A 60 7.54 7.94 8.78
C SER A 60 8.04 7.39 7.43
N GLU A 61 8.75 8.25 6.67
CA GLU A 61 9.29 7.88 5.36
C GLU A 61 10.49 6.92 5.48
N ASP A 62 11.03 6.78 6.71
CA ASP A 62 12.04 5.76 7.03
C ASP A 62 11.42 4.36 6.93
N GLU A 63 10.18 4.25 7.42
CA GLU A 63 9.31 3.07 7.22
C GLU A 63 9.00 2.83 5.74
N VAL A 64 8.72 3.94 5.00
CA VAL A 64 8.37 3.87 3.57
C VAL A 64 9.50 3.22 2.74
N LYS A 65 10.73 3.77 2.86
CA LYS A 65 11.92 3.26 2.13
C LYS A 65 12.16 1.74 2.35
N LEU A 66 11.94 1.27 3.59
CA LEU A 66 12.13 -0.14 3.97
C LEU A 66 11.00 -1.02 3.42
N ALA A 67 9.78 -0.46 3.39
CA ALA A 67 8.63 -1.07 2.69
C ALA A 67 8.97 -1.30 1.20
N LEU A 68 9.49 -0.25 0.55
CA LEU A 68 9.88 -0.28 -0.87
C LEU A 68 10.96 -1.35 -1.14
N LYS A 69 11.98 -1.40 -0.26
CA LYS A 69 13.14 -2.29 -0.45
C LYS A 69 12.73 -3.77 -0.24
N LYS A 70 11.66 -4.02 0.56
CA LYS A 70 11.19 -5.40 0.85
C LYS A 70 10.14 -5.85 -0.18
N ASP A 71 10.13 -5.18 -1.35
CA ASP A 71 9.27 -5.58 -2.47
C ASP A 71 9.86 -6.82 -3.19
N ARG A 72 11.18 -7.03 -3.04
CA ARG A 72 11.94 -8.10 -3.73
C ARG A 72 11.34 -9.49 -3.40
N GLU A 73 11.03 -9.68 -2.10
CA GLU A 73 10.60 -10.98 -1.53
C GLU A 73 9.14 -11.35 -1.88
N THR A 74 8.73 -12.53 -1.40
CA THR A 74 7.43 -13.16 -1.70
C THR A 74 6.53 -13.23 -0.45
N MET A 75 5.23 -12.91 -0.63
CA MET A 75 4.18 -13.06 0.41
C MET A 75 4.12 -14.52 0.87
N GLY A 76 3.71 -15.41 -0.05
CA GLY A 76 3.89 -16.86 0.07
C GLY A 76 4.50 -17.43 -1.20
N HIS A 77 4.12 -16.83 -2.34
CA HIS A 77 4.62 -17.22 -3.68
C HIS A 77 4.71 -15.97 -4.57
N ARG A 78 3.64 -15.16 -4.53
CA ARG A 78 3.58 -13.85 -5.22
C ARG A 78 4.65 -12.89 -4.67
N TYR A 79 5.36 -12.21 -5.57
CA TYR A 79 6.32 -11.16 -5.21
C TYR A 79 5.52 -9.90 -4.83
N VAL A 80 5.78 -9.35 -3.65
CA VAL A 80 4.99 -8.25 -3.09
C VAL A 80 5.50 -6.93 -3.64
N GLU A 81 4.66 -6.19 -4.39
CA GLU A 81 5.08 -4.93 -5.02
C GLU A 81 4.65 -3.78 -4.11
N VAL A 82 5.63 -3.02 -3.61
CA VAL A 82 5.39 -1.92 -2.66
C VAL A 82 5.80 -0.61 -3.32
N PHE A 83 4.82 0.26 -3.57
CA PHE A 83 5.00 1.54 -4.27
C PHE A 83 4.88 2.70 -3.28
N LYS A 84 5.82 3.64 -3.35
CA LYS A 84 5.79 4.90 -2.58
C LYS A 84 4.53 5.70 -2.96
N SER A 85 3.60 5.81 -2.01
CA SER A 85 2.30 6.46 -2.23
C SER A 85 2.15 7.69 -1.33
N ASN A 86 0.92 8.22 -1.25
CA ASN A 86 0.58 9.43 -0.51
C ASN A 86 -0.77 9.22 0.17
N ASN A 87 -1.02 9.98 1.24
CA ASN A 87 -2.27 9.94 2.01
C ASN A 87 -3.42 10.57 1.19
N VAL A 88 -3.04 11.57 0.36
CA VAL A 88 -3.93 12.17 -0.67
C VAL A 88 -4.46 11.06 -1.61
N GLU A 89 -3.54 10.21 -2.06
CA GLU A 89 -3.81 9.10 -2.99
C GLU A 89 -4.68 8.01 -2.33
N MET A 90 -4.25 7.59 -1.12
CA MET A 90 -4.90 6.54 -0.33
C MET A 90 -6.38 6.84 -0.10
N ASP A 91 -6.65 8.09 0.34
CA ASP A 91 -8.01 8.56 0.64
C ASP A 91 -8.87 8.60 -0.63
N TRP A 92 -8.26 9.08 -1.73
CA TRP A 92 -8.93 9.21 -3.03
C TRP A 92 -9.34 7.83 -3.57
N VAL A 93 -8.49 6.81 -3.34
CA VAL A 93 -8.76 5.43 -3.82
C VAL A 93 -9.79 4.70 -2.91
N LEU A 94 -9.84 5.04 -1.62
CA LEU A 94 -10.88 4.49 -0.71
C LEU A 94 -12.26 5.12 -0.99
N LYS A 95 -12.25 6.27 -1.70
CA LYS A 95 -13.47 6.93 -2.23
C LYS A 95 -13.72 6.49 -3.68
N HIS A 96 -12.65 6.25 -4.45
CA HIS A 96 -12.70 5.90 -5.87
C HIS A 96 -11.75 4.72 -6.10
N THR A 97 -12.27 3.50 -5.85
CA THR A 97 -11.48 2.26 -5.85
C THR A 97 -11.06 1.87 -7.27
N GLY A 98 -10.03 2.57 -7.75
CA GLY A 98 -9.45 2.35 -9.08
C GLY A 98 -8.00 2.83 -9.08
N PRO A 99 -7.08 2.10 -8.38
CA PRO A 99 -5.67 2.51 -8.22
C PRO A 99 -4.89 2.46 -9.56
N ASN A 100 -4.73 3.64 -10.17
CA ASN A 100 -3.84 3.86 -11.32
C ASN A 100 -2.46 4.37 -10.83
N SER A 101 -2.42 4.82 -9.54
CA SER A 101 -1.22 5.31 -8.83
C SER A 101 -0.81 6.73 -9.30
N PRO A 102 -0.21 7.59 -8.41
CA PRO A 102 0.21 8.95 -8.78
C PRO A 102 1.55 8.95 -9.54
N ASP A 103 2.36 7.89 -9.30
CA ASP A 103 3.73 7.76 -9.80
C ASP A 103 4.57 8.97 -9.35
N THR A 104 5.05 8.89 -8.09
CA THR A 104 5.76 9.98 -7.41
C THR A 104 7.25 9.98 -7.78
N ALA A 105 7.52 10.13 -9.10
CA ALA A 105 8.87 10.29 -9.63
C ALA A 105 9.35 11.72 -9.35
N ASN A 106 10.02 11.88 -8.19
CA ASN A 106 10.44 13.18 -7.67
C ASN A 106 11.69 13.68 -8.41
N ASP A 107 11.45 14.33 -9.57
CA ASP A 107 12.50 14.95 -10.41
C ASP A 107 12.98 16.28 -9.80
N GLY A 108 12.04 16.96 -9.13
CA GLY A 108 12.32 18.24 -8.47
C GLY A 108 11.05 19.07 -8.30
N SER A 1 10.42 7.72 -6.34
CA SER A 1 10.87 8.89 -5.58
C SER A 1 10.16 10.16 -6.10
N HIS A 2 9.03 9.95 -6.81
CA HIS A 2 8.27 11.03 -7.51
C HIS A 2 7.79 12.09 -6.50
N MET A 3 8.18 13.36 -6.78
CA MET A 3 8.00 14.54 -5.88
C MET A 3 9.05 14.52 -4.75
N GLY A 4 9.01 13.44 -3.97
CA GLY A 4 9.90 13.23 -2.84
C GLY A 4 9.24 12.30 -1.87
N GLY A 5 8.22 12.83 -1.16
CA GLY A 5 7.38 12.03 -0.31
C GLY A 5 6.61 12.85 0.71
N GLU A 6 7.00 12.68 2.00
CA GLU A 6 6.27 13.14 3.19
C GLU A 6 4.85 12.53 3.26
N GLY A 7 4.64 11.47 2.46
CA GLY A 7 3.37 10.76 2.38
C GLY A 7 3.61 9.31 2.73
N PHE A 8 3.49 9.02 4.04
CA PHE A 8 3.93 7.74 4.63
C PHE A 8 2.92 6.59 4.45
N VAL A 9 2.07 6.68 3.42
CA VAL A 9 1.24 5.56 2.96
C VAL A 9 1.91 4.92 1.73
N VAL A 10 2.01 3.59 1.72
CA VAL A 10 2.48 2.80 0.57
C VAL A 10 1.36 1.89 0.04
N LYS A 11 1.57 1.31 -1.17
CA LYS A 11 0.60 0.42 -1.82
C LYS A 11 1.23 -0.95 -1.94
N VAL A 12 0.52 -1.96 -1.44
CA VAL A 12 0.98 -3.34 -1.34
C VAL A 12 0.27 -4.15 -2.41
N ARG A 13 1.00 -4.55 -3.44
CA ARG A 13 0.46 -5.11 -4.68
C ARG A 13 1.01 -6.54 -4.86
N GLY A 14 0.19 -7.47 -5.36
CA GLY A 14 0.58 -8.88 -5.47
C GLY A 14 0.17 -9.67 -4.24
N LEU A 15 -0.91 -9.20 -3.61
CA LEU A 15 -1.55 -9.87 -2.48
C LEU A 15 -2.59 -10.87 -3.01
N PRO A 16 -2.76 -12.07 -2.38
CA PRO A 16 -3.90 -12.95 -2.66
C PRO A 16 -5.24 -12.27 -2.26
N TRP A 17 -6.30 -12.56 -3.03
CA TRP A 17 -7.66 -12.03 -2.79
C TRP A 17 -8.12 -12.31 -1.33
N SER A 18 -7.89 -13.54 -0.88
CA SER A 18 -8.29 -14.03 0.45
C SER A 18 -7.17 -13.85 1.50
N CYS A 19 -6.38 -12.76 1.41
CA CYS A 19 -5.36 -12.39 2.42
C CYS A 19 -6.04 -11.85 3.70
N SER A 20 -5.24 -11.31 4.63
CA SER A 20 -5.71 -10.62 5.84
C SER A 20 -4.74 -9.48 6.18
N ALA A 21 -5.25 -8.45 6.88
CA ALA A 21 -4.46 -7.30 7.33
C ALA A 21 -3.30 -7.73 8.25
N ASP A 22 -3.57 -8.74 9.11
CA ASP A 22 -2.55 -9.34 9.99
C ASP A 22 -1.40 -9.97 9.18
N GLU A 23 -1.75 -10.61 8.05
CA GLU A 23 -0.79 -11.28 7.16
C GLU A 23 0.12 -10.24 6.47
N VAL A 24 -0.48 -9.11 6.05
CA VAL A 24 0.23 -8.00 5.40
C VAL A 24 1.13 -7.30 6.44
N GLN A 25 0.64 -7.23 7.69
CA GLN A 25 1.39 -6.68 8.84
C GLN A 25 2.66 -7.50 9.08
N ARG A 26 2.53 -8.84 9.07
CA ARG A 26 3.65 -9.77 9.25
C ARG A 26 4.67 -9.64 8.11
N PHE A 27 4.17 -9.41 6.87
CA PHE A 27 5.02 -9.12 5.70
C PHE A 27 5.87 -7.85 5.94
N PHE A 28 5.24 -6.84 6.57
CA PHE A 28 5.92 -5.57 6.94
C PHE A 28 6.54 -5.65 8.35
N SER A 29 7.14 -6.81 8.70
CA SER A 29 7.94 -6.94 9.92
C SER A 29 9.29 -6.23 9.74
N ASP A 30 9.28 -4.92 10.04
CA ASP A 30 10.34 -3.91 9.77
C ASP A 30 9.70 -2.54 9.98
N CYS A 31 8.57 -2.33 9.29
CA CYS A 31 7.90 -1.04 9.16
C CYS A 31 6.89 -0.82 10.31
N LYS A 32 6.99 0.33 11.01
CA LYS A 32 6.03 0.71 12.07
C LYS A 32 4.73 1.16 11.40
N ILE A 33 3.77 0.24 11.26
CA ILE A 33 2.44 0.54 10.70
C ILE A 33 1.62 1.31 11.74
N GLN A 34 0.72 2.22 11.27
CA GLN A 34 -0.06 3.19 12.09
C GLN A 34 -0.56 2.57 13.42
N ASN A 35 -1.50 1.61 13.33
CA ASN A 35 -1.93 0.79 14.48
C ASN A 35 -1.86 -0.70 14.09
N GLY A 36 -0.68 -1.10 13.54
CA GLY A 36 -0.45 -2.48 13.12
C GLY A 36 -1.35 -2.88 11.94
N ALA A 37 -2.06 -4.02 12.06
CA ALA A 37 -3.01 -4.49 11.03
C ALA A 37 -4.21 -3.53 10.86
N GLN A 38 -4.49 -2.74 11.91
CA GLN A 38 -5.58 -1.73 11.89
C GLN A 38 -5.18 -0.48 11.06
N GLY A 39 -3.86 -0.33 10.80
CA GLY A 39 -3.33 0.74 9.92
C GLY A 39 -3.13 0.26 8.48
N ILE A 40 -3.95 -0.73 8.08
CA ILE A 40 -3.92 -1.38 6.76
C ILE A 40 -5.35 -1.38 6.18
N ARG A 41 -5.47 -0.96 4.91
CA ARG A 41 -6.78 -0.75 4.24
C ARG A 41 -6.69 -1.24 2.78
N PHE A 42 -7.25 -2.41 2.50
CA PHE A 42 -7.24 -3.01 1.14
C PHE A 42 -8.13 -2.20 0.20
N ILE A 43 -7.73 -2.10 -1.08
CA ILE A 43 -8.54 -1.41 -2.11
C ILE A 43 -9.75 -2.30 -2.43
N TYR A 44 -10.85 -2.07 -1.70
CA TYR A 44 -12.08 -2.85 -1.85
C TYR A 44 -12.85 -2.37 -3.08
N THR A 45 -13.52 -3.30 -3.73
CA THR A 45 -14.49 -3.01 -4.79
C THR A 45 -15.86 -2.69 -4.15
N ARG A 46 -16.86 -2.42 -4.98
CA ARG A 46 -18.26 -2.25 -4.53
C ARG A 46 -18.91 -3.60 -4.17
N GLU A 47 -18.13 -4.70 -4.21
CA GLU A 47 -18.55 -6.01 -3.70
C GLU A 47 -17.87 -6.27 -2.33
N GLY A 48 -16.98 -5.34 -1.92
CA GLY A 48 -16.22 -5.46 -0.66
C GLY A 48 -15.08 -6.46 -0.78
N ARG A 49 -14.43 -6.47 -1.96
CA ARG A 49 -13.38 -7.47 -2.31
C ARG A 49 -12.04 -6.77 -2.62
N PRO A 50 -10.89 -7.24 -2.02
CA PRO A 50 -9.53 -6.72 -2.32
C PRO A 50 -9.16 -6.91 -3.81
N SER A 51 -8.65 -5.85 -4.44
CA SER A 51 -8.27 -5.82 -5.86
C SER A 51 -6.89 -6.48 -6.14
N GLY A 52 -6.34 -7.20 -5.13
CA GLY A 52 -4.98 -7.75 -5.20
C GLY A 52 -3.94 -6.77 -4.69
N GLU A 53 -4.39 -5.53 -4.39
CA GLU A 53 -3.55 -4.48 -3.81
C GLU A 53 -4.28 -3.77 -2.63
N ALA A 54 -3.47 -3.07 -1.83
CA ALA A 54 -3.87 -2.47 -0.53
C ALA A 54 -3.09 -1.20 -0.26
N PHE A 55 -3.52 -0.43 0.74
CA PHE A 55 -2.79 0.72 1.26
C PHE A 55 -2.43 0.51 2.75
N VAL A 56 -1.13 0.35 3.03
CA VAL A 56 -0.57 0.32 4.38
C VAL A 56 -0.06 1.72 4.72
N GLU A 57 -0.13 2.11 5.99
CA GLU A 57 0.25 3.46 6.44
C GLU A 57 1.24 3.31 7.57
N LEU A 58 2.23 4.20 7.65
CA LEU A 58 3.41 4.02 8.51
C LEU A 58 3.62 5.29 9.35
N GLU A 59 4.11 5.14 10.59
CA GLU A 59 4.25 6.27 11.54
C GLU A 59 5.41 7.22 11.17
N SER A 60 6.34 6.73 10.33
CA SER A 60 7.49 7.53 9.84
C SER A 60 7.85 7.07 8.42
N GLU A 61 8.41 7.99 7.61
CA GLU A 61 8.77 7.67 6.22
C GLU A 61 10.12 6.92 6.14
N ASP A 62 10.79 6.72 7.30
CA ASP A 62 11.93 5.78 7.41
C ASP A 62 11.42 4.37 7.11
N GLU A 63 10.32 4.04 7.80
CA GLU A 63 9.56 2.79 7.63
C GLU A 63 9.09 2.59 6.17
N VAL A 64 8.79 3.70 5.47
CA VAL A 64 8.38 3.66 4.04
C VAL A 64 9.53 3.18 3.16
N LYS A 65 10.75 3.64 3.44
CA LYS A 65 11.97 3.17 2.76
C LYS A 65 12.14 1.63 2.92
N LEU A 66 11.85 1.13 4.14
CA LEU A 66 11.87 -0.33 4.46
C LEU A 66 10.72 -1.07 3.74
N ALA A 67 9.59 -0.36 3.56
CA ALA A 67 8.39 -0.87 2.87
C ALA A 67 8.67 -1.06 1.37
N LEU A 68 9.17 0.01 0.71
CA LEU A 68 9.55 0.02 -0.73
C LEU A 68 10.64 -1.01 -1.02
N LYS A 69 11.48 -1.28 0.00
CA LYS A 69 12.56 -2.27 -0.07
C LYS A 69 12.00 -3.71 -0.21
N LYS A 70 10.75 -3.90 0.27
CA LYS A 70 10.04 -5.19 0.21
C LYS A 70 9.33 -5.45 -1.13
N ASP A 71 9.56 -4.58 -2.13
CA ASP A 71 9.01 -4.74 -3.51
C ASP A 71 9.46 -6.04 -4.24
N ARG A 72 10.32 -6.85 -3.59
CA ARG A 72 10.77 -8.15 -4.12
C ARG A 72 10.42 -9.31 -3.19
N GLU A 73 10.26 -9.03 -1.88
CA GLU A 73 9.94 -10.06 -0.85
C GLU A 73 8.62 -10.81 -1.15
N THR A 74 8.58 -12.09 -0.74
CA THR A 74 7.43 -12.98 -0.97
C THR A 74 6.54 -13.05 0.29
N MET A 75 5.23 -12.79 0.12
CA MET A 75 4.25 -12.90 1.21
C MET A 75 4.07 -14.40 1.59
N GLY A 76 3.28 -15.14 0.78
CA GLY A 76 3.17 -16.60 0.89
C GLY A 76 3.36 -17.23 -0.47
N HIS A 77 4.63 -17.53 -0.81
CA HIS A 77 5.09 -18.04 -2.13
C HIS A 77 5.14 -16.91 -3.18
N ARG A 78 4.02 -16.19 -3.36
CA ARG A 78 3.88 -15.10 -4.34
C ARG A 78 4.71 -13.87 -3.93
N TYR A 79 5.22 -13.15 -4.94
CA TYR A 79 6.04 -11.94 -4.78
C TYR A 79 5.12 -10.72 -4.65
N VAL A 80 5.49 -9.77 -3.78
CA VAL A 80 4.70 -8.55 -3.52
C VAL A 80 5.54 -7.32 -3.87
N GLU A 81 4.92 -6.41 -4.64
CA GLU A 81 5.48 -5.10 -5.03
C GLU A 81 4.97 -4.05 -4.04
N VAL A 82 5.82 -3.10 -3.68
CA VAL A 82 5.43 -1.98 -2.79
C VAL A 82 5.89 -0.65 -3.43
N PHE A 83 4.92 0.27 -3.65
CA PHE A 83 5.17 1.59 -4.30
C PHE A 83 4.67 2.69 -3.37
N LYS A 84 5.33 3.87 -3.36
CA LYS A 84 4.90 5.01 -2.52
C LYS A 84 3.56 5.58 -3.05
N SER A 85 2.56 5.57 -2.16
CA SER A 85 1.21 6.04 -2.47
C SER A 85 1.09 7.55 -2.23
N ASN A 86 1.31 7.96 -0.95
CA ASN A 86 0.94 9.28 -0.38
C ASN A 86 -0.54 9.24 0.04
N ASN A 87 -0.88 9.99 1.11
CA ASN A 87 -2.23 9.99 1.75
C ASN A 87 -3.35 10.35 0.76
N VAL A 88 -3.02 11.25 -0.19
CA VAL A 88 -3.97 11.73 -1.22
C VAL A 88 -4.38 10.57 -2.15
N GLU A 89 -3.38 9.74 -2.52
CA GLU A 89 -3.57 8.57 -3.42
C GLU A 89 -4.40 7.49 -2.72
N MET A 90 -4.08 7.25 -1.44
CA MET A 90 -4.79 6.29 -0.57
C MET A 90 -6.30 6.59 -0.55
N ASP A 91 -6.61 7.86 -0.23
CA ASP A 91 -7.98 8.36 -0.07
C ASP A 91 -8.76 8.25 -1.39
N TRP A 92 -8.16 8.79 -2.46
CA TRP A 92 -8.80 8.96 -3.78
C TRP A 92 -9.16 7.59 -4.42
N VAL A 93 -8.16 6.71 -4.49
CA VAL A 93 -8.26 5.39 -5.16
C VAL A 93 -9.21 4.43 -4.43
N LEU A 94 -9.03 4.32 -3.09
CA LEU A 94 -9.75 3.32 -2.27
C LEU A 94 -11.26 3.66 -2.22
N LYS A 95 -11.57 4.96 -2.06
CA LYS A 95 -12.96 5.47 -2.01
C LYS A 95 -13.65 5.41 -3.40
N HIS A 96 -12.87 5.05 -4.43
CA HIS A 96 -13.41 4.71 -5.75
C HIS A 96 -13.54 3.18 -5.83
N THR A 97 -12.48 2.49 -6.34
CA THR A 97 -12.44 1.01 -6.48
C THR A 97 -11.21 0.57 -7.30
N GLY A 98 -10.83 1.39 -8.29
CA GLY A 98 -9.73 1.08 -9.21
C GLY A 98 -8.49 1.96 -9.01
N PRO A 99 -7.26 1.49 -9.39
CA PRO A 99 -6.00 2.23 -9.14
C PRO A 99 -5.81 3.45 -10.07
N ASN A 100 -5.34 4.56 -9.48
CA ASN A 100 -4.86 5.74 -10.22
C ASN A 100 -3.37 5.57 -10.57
N SER A 101 -2.70 4.67 -9.80
CA SER A 101 -1.27 4.34 -9.91
C SER A 101 -0.83 4.17 -11.39
N PRO A 102 0.13 5.02 -11.90
CA PRO A 102 0.61 4.95 -13.30
C PRO A 102 1.45 3.67 -13.51
N ASP A 103 0.75 2.54 -13.69
CA ASP A 103 1.35 1.21 -13.75
C ASP A 103 2.06 1.01 -15.09
N THR A 104 3.33 1.44 -15.12
CA THR A 104 4.22 1.37 -16.28
C THR A 104 5.66 1.28 -15.76
N ALA A 105 6.17 0.04 -15.66
CA ALA A 105 7.56 -0.24 -15.24
C ALA A 105 8.20 -1.14 -16.31
N ASN A 106 7.85 -2.44 -16.29
CA ASN A 106 8.27 -3.45 -17.30
C ASN A 106 9.78 -3.41 -17.60
N ASP A 107 10.59 -4.07 -16.76
CA ASP A 107 12.07 -4.03 -16.85
C ASP A 107 12.64 -5.45 -17.00
N GLY A 108 13.39 -5.68 -18.09
CA GLY A 108 14.03 -6.97 -18.36
C GLY A 108 14.51 -7.09 -19.80
N SER A 1 -3.65 17.61 -4.75
CA SER A 1 -2.98 18.57 -3.86
C SER A 1 -1.64 17.96 -3.41
N HIS A 2 -0.78 18.83 -2.82
CA HIS A 2 0.56 18.47 -2.29
C HIS A 2 1.58 18.20 -3.41
N MET A 3 2.77 18.82 -3.29
CA MET A 3 3.89 18.69 -4.25
C MET A 3 5.20 18.53 -3.47
N GLY A 4 6.30 18.30 -4.21
CA GLY A 4 7.60 18.02 -3.62
C GLY A 4 7.84 16.52 -3.49
N GLY A 5 6.99 15.87 -2.69
CA GLY A 5 7.03 14.42 -2.52
C GLY A 5 6.30 13.95 -1.25
N GLU A 6 7.08 13.44 -0.27
CA GLU A 6 6.58 12.72 0.93
C GLU A 6 5.76 11.45 0.54
N GLY A 7 5.31 10.72 1.55
CA GLY A 7 4.52 9.53 1.35
C GLY A 7 3.83 9.10 2.64
N PHE A 8 4.63 8.62 3.61
CA PHE A 8 4.17 8.16 4.95
C PHE A 8 3.12 7.01 4.89
N VAL A 9 2.89 6.48 3.67
CA VAL A 9 1.97 5.38 3.36
C VAL A 9 2.56 4.67 2.14
N VAL A 10 2.63 3.34 2.17
CA VAL A 10 2.98 2.55 0.98
C VAL A 10 1.75 1.80 0.45
N LYS A 11 1.88 1.34 -0.77
CA LYS A 11 0.83 0.61 -1.48
C LYS A 11 1.40 -0.74 -1.86
N VAL A 12 0.68 -1.78 -1.47
CA VAL A 12 1.14 -3.15 -1.51
C VAL A 12 0.36 -3.90 -2.58
N ARG A 13 1.07 -4.53 -3.50
CA ARG A 13 0.47 -5.30 -4.60
C ARG A 13 1.19 -6.64 -4.69
N GLY A 14 0.41 -7.72 -4.85
CA GLY A 14 0.93 -9.09 -4.71
C GLY A 14 0.33 -9.81 -3.50
N LEU A 15 -0.73 -9.23 -2.94
CA LEU A 15 -1.49 -9.85 -1.84
C LEU A 15 -2.55 -10.76 -2.46
N PRO A 16 -2.60 -12.08 -2.09
CA PRO A 16 -3.71 -12.97 -2.49
C PRO A 16 -5.07 -12.45 -1.97
N TRP A 17 -6.17 -12.80 -2.67
CA TRP A 17 -7.54 -12.39 -2.31
C TRP A 17 -7.84 -12.82 -0.85
N SER A 18 -7.49 -14.06 -0.54
CA SER A 18 -7.84 -14.72 0.73
C SER A 18 -6.82 -14.43 1.86
N CYS A 19 -5.97 -13.38 1.69
CA CYS A 19 -4.98 -13.01 2.73
C CYS A 19 -5.64 -12.06 3.74
N SER A 20 -5.36 -12.27 5.04
CA SER A 20 -5.93 -11.46 6.13
C SER A 20 -5.03 -10.24 6.42
N ALA A 21 -5.58 -9.24 7.14
CA ALA A 21 -4.82 -8.08 7.65
C ALA A 21 -3.63 -8.54 8.50
N ASP A 22 -3.86 -9.59 9.31
CA ASP A 22 -2.83 -10.25 10.16
C ASP A 22 -1.70 -10.87 9.30
N GLU A 23 -2.07 -11.47 8.14
CA GLU A 23 -1.09 -12.10 7.21
C GLU A 23 -0.18 -11.03 6.58
N VAL A 24 -0.79 -9.90 6.18
CA VAL A 24 -0.07 -8.76 5.57
C VAL A 24 0.82 -8.07 6.61
N GLN A 25 0.31 -7.97 7.85
CA GLN A 25 1.01 -7.33 8.98
C GLN A 25 2.22 -8.16 9.41
N ARG A 26 2.04 -9.50 9.41
CA ARG A 26 3.09 -10.49 9.69
C ARG A 26 4.24 -10.32 8.68
N PHE A 27 3.90 -10.22 7.37
CA PHE A 27 4.90 -10.00 6.31
C PHE A 27 5.62 -8.65 6.54
N PHE A 28 4.85 -7.60 6.89
CA PHE A 28 5.37 -6.23 7.14
C PHE A 28 5.81 -6.05 8.62
N SER A 29 6.27 -7.13 9.27
CA SER A 29 6.93 -7.06 10.58
C SER A 29 8.41 -6.65 10.38
N ASP A 30 8.64 -5.32 10.40
CA ASP A 30 9.88 -4.64 9.98
C ASP A 30 9.56 -3.13 9.89
N CYS A 31 8.49 -2.82 9.14
CA CYS A 31 7.96 -1.46 9.01
C CYS A 31 6.98 -1.18 10.17
N LYS A 32 7.16 -0.05 10.85
CA LYS A 32 6.27 0.38 11.94
C LYS A 32 4.96 0.86 11.31
N ILE A 33 4.01 -0.08 11.15
CA ILE A 33 2.66 0.23 10.63
C ILE A 33 1.93 1.06 11.70
N GLN A 34 1.36 2.19 11.27
CA GLN A 34 0.97 3.32 12.16
C GLN A 34 0.17 2.87 13.41
N ASN A 35 -0.97 2.21 13.20
CA ASN A 35 -1.73 1.54 14.29
C ASN A 35 -2.01 0.07 13.89
N GLY A 36 -0.99 -0.58 13.30
CA GLY A 36 -1.06 -2.00 12.92
C GLY A 36 -2.07 -2.25 11.80
N ALA A 37 -2.98 -3.22 12.02
CA ALA A 37 -4.06 -3.55 11.05
C ALA A 37 -5.00 -2.35 10.78
N GLN A 38 -5.06 -1.40 11.75
CA GLN A 38 -5.86 -0.16 11.60
C GLN A 38 -5.24 0.77 10.52
N GLY A 39 -3.94 0.57 10.24
CA GLY A 39 -3.25 1.21 9.12
C GLY A 39 -2.93 0.22 8.00
N ILE A 40 -3.85 -0.73 7.76
CA ILE A 40 -3.80 -1.64 6.60
C ILE A 40 -5.16 -1.55 5.90
N ARG A 41 -5.16 -0.93 4.71
CA ARG A 41 -6.39 -0.48 4.04
C ARG A 41 -6.53 -1.20 2.68
N PHE A 42 -7.24 -2.34 2.66
CA PHE A 42 -7.44 -3.11 1.42
C PHE A 42 -8.36 -2.34 0.47
N ILE A 43 -7.99 -2.30 -0.82
CA ILE A 43 -8.83 -1.67 -1.84
C ILE A 43 -10.02 -2.59 -2.14
N TYR A 44 -11.13 -2.35 -1.43
CA TYR A 44 -12.39 -3.05 -1.67
C TYR A 44 -13.12 -2.36 -2.82
N THR A 45 -13.60 -3.15 -3.76
CA THR A 45 -14.31 -2.66 -4.95
C THR A 45 -15.78 -2.37 -4.63
N ARG A 46 -16.54 -1.99 -5.67
CA ARG A 46 -17.99 -1.77 -5.57
C ARG A 46 -18.76 -3.10 -5.33
N GLU A 47 -18.08 -4.24 -5.54
CA GLU A 47 -18.62 -5.59 -5.21
C GLU A 47 -18.31 -5.94 -3.72
N GLY A 48 -17.39 -5.18 -3.13
CA GLY A 48 -16.84 -5.49 -1.80
C GLY A 48 -15.71 -6.51 -1.84
N ARG A 49 -15.01 -6.57 -2.99
CA ARG A 49 -13.92 -7.52 -3.22
C ARG A 49 -12.57 -6.80 -3.04
N PRO A 50 -11.64 -7.30 -2.17
CA PRO A 50 -10.25 -6.80 -2.13
C PRO A 50 -9.52 -7.17 -3.43
N SER A 51 -8.89 -6.16 -4.05
CA SER A 51 -8.26 -6.28 -5.38
C SER A 51 -6.92 -7.02 -5.33
N GLY A 52 -6.49 -7.39 -4.10
CA GLY A 52 -5.15 -7.91 -3.86
C GLY A 52 -4.14 -6.81 -3.62
N GLU A 53 -4.64 -5.56 -3.53
CA GLU A 53 -3.86 -4.39 -3.18
C GLU A 53 -4.36 -3.81 -1.84
N ALA A 54 -3.45 -3.17 -1.11
CA ALA A 54 -3.74 -2.49 0.17
C ALA A 54 -2.86 -1.26 0.34
N PHE A 55 -3.25 -0.35 1.22
CA PHE A 55 -2.42 0.78 1.64
C PHE A 55 -1.99 0.54 3.07
N VAL A 56 -0.71 0.18 3.26
CA VAL A 56 -0.12 0.00 4.57
C VAL A 56 0.50 1.34 4.97
N GLU A 57 -0.23 2.02 5.85
CA GLU A 57 0.08 3.35 6.36
C GLU A 57 1.16 3.21 7.44
N LEU A 58 2.19 4.05 7.35
CA LEU A 58 3.42 3.88 8.15
C LEU A 58 3.67 5.10 9.05
N GLU A 59 4.33 4.84 10.17
CA GLU A 59 4.60 5.84 11.23
C GLU A 59 5.57 6.95 10.77
N SER A 60 6.55 6.56 9.94
CA SER A 60 7.68 7.44 9.58
C SER A 60 8.07 7.23 8.11
N GLU A 61 8.64 8.29 7.50
CA GLU A 61 9.08 8.30 6.08
C GLU A 61 10.27 7.34 5.84
N ASP A 62 11.08 7.07 6.90
CA ASP A 62 12.20 6.11 6.80
C ASP A 62 11.67 4.67 6.74
N GLU A 63 10.57 4.40 7.50
CA GLU A 63 9.79 3.14 7.33
C GLU A 63 9.33 2.92 5.87
N VAL A 64 8.92 4.02 5.21
CA VAL A 64 8.36 3.99 3.85
C VAL A 64 9.41 3.57 2.81
N LYS A 65 10.56 4.28 2.81
CA LYS A 65 11.67 4.00 1.86
C LYS A 65 12.14 2.52 1.94
N LEU A 66 12.17 1.96 3.16
CA LEU A 66 12.56 0.56 3.42
C LEU A 66 11.48 -0.42 2.92
N ALA A 67 10.20 -0.02 3.09
CA ALA A 67 9.04 -0.75 2.55
C ALA A 67 9.09 -0.82 1.00
N LEU A 68 9.57 0.27 0.36
CA LEU A 68 9.82 0.30 -1.10
C LEU A 68 10.94 -0.68 -1.50
N LYS A 69 11.90 -0.86 -0.60
CA LYS A 69 13.04 -1.81 -0.78
C LYS A 69 12.58 -3.26 -0.50
N LYS A 70 11.44 -3.38 0.19
CA LYS A 70 10.76 -4.65 0.50
C LYS A 70 9.93 -5.15 -0.71
N ASP A 71 9.92 -4.36 -1.82
CA ASP A 71 9.16 -4.69 -3.06
C ASP A 71 9.63 -6.01 -3.72
N ARG A 72 10.82 -6.47 -3.33
CA ARG A 72 11.49 -7.60 -3.95
C ARG A 72 11.03 -8.94 -3.32
N GLU A 73 10.82 -8.91 -1.99
CA GLU A 73 10.47 -10.08 -1.17
C GLU A 73 9.11 -10.73 -1.53
N THR A 74 8.98 -12.02 -1.17
CA THR A 74 7.77 -12.83 -1.37
C THR A 74 6.99 -12.93 -0.05
N MET A 75 5.67 -12.72 -0.11
CA MET A 75 4.77 -12.90 1.06
C MET A 75 4.82 -14.37 1.52
N GLY A 76 4.25 -15.27 0.71
CA GLY A 76 4.33 -16.73 0.93
C GLY A 76 4.97 -17.42 -0.28
N HIS A 77 4.60 -16.97 -1.49
CA HIS A 77 5.10 -17.52 -2.76
C HIS A 77 5.12 -16.41 -3.82
N ARG A 78 4.01 -15.67 -3.90
CA ARG A 78 3.87 -14.47 -4.75
C ARG A 78 4.90 -13.38 -4.34
N TYR A 79 5.48 -12.71 -5.34
CA TYR A 79 6.38 -11.57 -5.14
C TYR A 79 5.51 -10.34 -4.91
N VAL A 80 5.74 -9.65 -3.80
CA VAL A 80 4.91 -8.53 -3.36
C VAL A 80 5.68 -7.23 -3.58
N GLU A 81 5.24 -6.47 -4.59
CA GLU A 81 5.86 -5.22 -4.98
C GLU A 81 5.12 -4.05 -4.34
N VAL A 82 5.91 -3.10 -3.86
CA VAL A 82 5.47 -2.03 -2.95
C VAL A 82 5.86 -0.68 -3.55
N PHE A 83 4.86 0.15 -3.82
CA PHE A 83 5.00 1.45 -4.50
C PHE A 83 4.60 2.56 -3.52
N LYS A 84 5.34 3.68 -3.54
CA LYS A 84 5.01 4.85 -2.70
C LYS A 84 3.64 5.42 -3.06
N SER A 85 2.79 5.48 -2.05
CA SER A 85 1.51 6.17 -2.11
C SER A 85 1.58 7.41 -1.20
N ASN A 86 0.43 8.05 -1.04
CA ASN A 86 0.29 9.32 -0.31
C ASN A 86 -1.05 9.31 0.39
N ASN A 87 -1.26 10.29 1.29
CA ASN A 87 -2.55 10.52 1.93
C ASN A 87 -3.60 10.86 0.86
N VAL A 88 -3.20 11.72 -0.10
CA VAL A 88 -4.06 12.13 -1.24
C VAL A 88 -4.44 10.92 -2.10
N GLU A 89 -3.44 10.07 -2.40
CA GLU A 89 -3.63 8.89 -3.26
C GLU A 89 -4.57 7.88 -2.59
N MET A 90 -4.24 7.47 -1.33
CA MET A 90 -4.97 6.40 -0.62
C MET A 90 -6.44 6.77 -0.39
N ASP A 91 -6.70 8.05 -0.10
CA ASP A 91 -8.08 8.57 0.07
C ASP A 91 -8.88 8.43 -1.23
N TRP A 92 -8.23 8.82 -2.34
CA TRP A 92 -8.84 8.81 -3.68
C TRP A 92 -9.20 7.39 -4.14
N VAL A 93 -8.21 6.49 -4.10
CA VAL A 93 -8.31 5.15 -4.69
C VAL A 93 -9.32 4.27 -3.91
N LEU A 94 -9.35 4.43 -2.58
CA LEU A 94 -10.30 3.70 -1.72
C LEU A 94 -11.73 4.23 -1.88
N LYS A 95 -11.88 5.57 -1.95
CA LYS A 95 -13.20 6.23 -1.99
C LYS A 95 -13.85 6.09 -3.40
N HIS A 96 -13.00 6.06 -4.44
CA HIS A 96 -13.45 6.01 -5.85
C HIS A 96 -13.45 4.57 -6.38
N THR A 97 -12.74 3.67 -5.66
CA THR A 97 -12.58 2.24 -6.00
C THR A 97 -12.15 2.04 -7.46
N GLY A 98 -10.97 2.55 -7.78
CA GLY A 98 -10.43 2.52 -9.14
C GLY A 98 -8.93 2.26 -9.15
N PRO A 99 -8.42 1.25 -9.93
CA PRO A 99 -6.97 0.94 -10.00
C PRO A 99 -6.21 2.05 -10.77
N ASN A 100 -5.88 3.12 -10.03
CA ASN A 100 -5.22 4.33 -10.54
C ASN A 100 -4.32 4.90 -9.45
N SER A 101 -3.19 5.51 -9.82
CA SER A 101 -2.24 6.11 -8.89
C SER A 101 -1.86 7.53 -9.36
N PRO A 102 -2.40 8.59 -8.71
CA PRO A 102 -1.87 9.96 -8.83
C PRO A 102 -0.37 10.03 -8.39
N ASP A 103 0.48 10.65 -9.26
CA ASP A 103 1.96 10.74 -9.07
C ASP A 103 2.31 11.30 -7.67
N THR A 104 1.86 12.54 -7.43
CA THR A 104 1.95 13.25 -6.13
C THR A 104 3.42 13.30 -5.60
N ALA A 105 4.32 13.80 -6.46
CA ALA A 105 5.72 14.05 -6.11
C ALA A 105 6.17 15.39 -6.73
N ASN A 106 6.83 15.34 -7.91
CA ASN A 106 7.42 16.52 -8.58
C ASN A 106 8.42 17.27 -7.65
N ASP A 107 9.70 16.88 -7.70
CA ASP A 107 10.77 17.55 -6.97
C ASP A 107 11.27 18.77 -7.79
N GLY A 108 10.75 19.96 -7.45
CA GLY A 108 11.09 21.20 -8.17
C GLY A 108 12.45 21.77 -7.74
N SER A 1 14.43 5.24 -7.43
CA SER A 1 13.14 5.38 -6.75
C SER A 1 12.67 6.84 -6.81
N HIS A 2 11.34 7.04 -6.93
CA HIS A 2 10.74 8.36 -7.12
C HIS A 2 10.98 9.25 -5.88
N MET A 3 12.00 10.13 -6.00
CA MET A 3 12.42 11.04 -4.92
C MET A 3 11.33 12.08 -4.65
N GLY A 4 10.64 11.89 -3.52
CA GLY A 4 9.54 12.74 -3.08
C GLY A 4 8.56 11.93 -2.24
N GLY A 5 8.09 12.51 -1.13
CA GLY A 5 7.21 11.80 -0.21
C GLY A 5 6.27 12.73 0.53
N GLU A 6 5.22 13.15 -0.18
CA GLU A 6 4.10 13.92 0.40
C GLU A 6 3.20 12.98 1.25
N GLY A 7 3.34 11.66 1.01
CA GLY A 7 2.64 10.63 1.77
C GLY A 7 3.60 9.70 2.48
N PHE A 8 3.30 9.41 3.77
CA PHE A 8 4.03 8.43 4.58
C PHE A 8 3.25 7.10 4.62
N VAL A 9 2.38 6.92 3.62
CA VAL A 9 1.59 5.72 3.38
C VAL A 9 2.19 5.01 2.15
N VAL A 10 2.23 3.67 2.15
CA VAL A 10 2.63 2.87 0.96
C VAL A 10 1.41 2.17 0.37
N LYS A 11 1.63 1.34 -0.68
CA LYS A 11 0.62 0.41 -1.18
C LYS A 11 1.34 -0.86 -1.67
N VAL A 12 0.68 -1.99 -1.46
CA VAL A 12 1.25 -3.33 -1.60
C VAL A 12 0.46 -4.06 -2.69
N ARG A 13 1.16 -4.76 -3.58
CA ARG A 13 0.54 -5.50 -4.70
C ARG A 13 1.14 -6.91 -4.72
N GLY A 14 0.29 -7.93 -4.93
CA GLY A 14 0.71 -9.33 -4.77
C GLY A 14 -0.01 -10.00 -3.60
N LEU A 15 -1.08 -9.34 -3.13
CA LEU A 15 -1.90 -9.84 -2.02
C LEU A 15 -3.13 -10.57 -2.61
N PRO A 16 -3.36 -11.87 -2.29
CA PRO A 16 -4.59 -12.58 -2.70
C PRO A 16 -5.84 -12.05 -1.96
N TRP A 17 -7.01 -12.43 -2.47
CA TRP A 17 -8.32 -12.03 -1.93
C TRP A 17 -8.55 -12.71 -0.57
N SER A 18 -7.93 -13.90 -0.41
CA SER A 18 -8.05 -14.73 0.78
C SER A 18 -6.98 -14.41 1.87
N CYS A 19 -6.16 -13.32 1.69
CA CYS A 19 -5.11 -12.95 2.65
C CYS A 19 -5.71 -12.36 3.96
N SER A 20 -4.86 -12.24 5.00
CA SER A 20 -5.23 -11.63 6.29
C SER A 20 -4.33 -10.41 6.57
N ALA A 21 -4.88 -9.42 7.29
CA ALA A 21 -4.11 -8.26 7.77
C ALA A 21 -2.92 -8.70 8.65
N ASP A 22 -3.13 -9.80 9.40
CA ASP A 22 -2.08 -10.45 10.23
C ASP A 22 -0.82 -10.80 9.42
N GLU A 23 -1.00 -11.48 8.27
CA GLU A 23 0.14 -11.98 7.47
C GLU A 23 0.87 -10.82 6.76
N VAL A 24 0.10 -9.80 6.32
CA VAL A 24 0.67 -8.57 5.69
C VAL A 24 1.49 -7.77 6.73
N GLN A 25 1.00 -7.80 7.99
CA GLN A 25 1.65 -7.11 9.11
C GLN A 25 2.94 -7.84 9.53
N ARG A 26 2.98 -9.19 9.32
CA ARG A 26 4.20 -10.00 9.50
C ARG A 26 5.25 -9.67 8.42
N PHE A 27 4.76 -9.34 7.20
CA PHE A 27 5.62 -8.93 6.08
C PHE A 27 6.24 -7.53 6.37
N PHE A 28 5.53 -6.74 7.19
CA PHE A 28 6.02 -5.42 7.67
C PHE A 28 6.34 -5.46 9.18
N SER A 29 6.69 -6.64 9.71
CA SER A 29 7.09 -6.78 11.13
C SER A 29 8.58 -6.40 11.24
N ASP A 30 8.81 -5.09 11.36
CA ASP A 30 10.10 -4.40 11.08
C ASP A 30 9.80 -2.92 10.87
N CYS A 31 8.72 -2.68 10.12
CA CYS A 31 8.13 -1.35 9.90
C CYS A 31 7.21 -0.99 11.10
N LYS A 32 6.66 0.23 11.12
CA LYS A 32 5.79 0.70 12.21
C LYS A 32 4.53 1.30 11.59
N ILE A 33 3.47 0.50 11.57
CA ILE A 33 2.17 0.88 11.04
C ILE A 33 1.41 1.68 12.12
N GLN A 34 0.79 2.81 11.72
CA GLN A 34 0.22 3.81 12.66
C GLN A 34 -1.20 3.41 13.16
N ASN A 35 -1.39 2.08 13.33
CA ASN A 35 -2.71 1.42 13.55
C ASN A 35 -2.55 -0.14 13.53
N GLY A 36 -1.35 -0.63 13.16
CA GLY A 36 -1.08 -2.08 13.06
C GLY A 36 -1.83 -2.73 11.89
N ALA A 37 -2.61 -3.77 12.20
CA ALA A 37 -3.48 -4.44 11.21
C ALA A 37 -4.53 -3.47 10.64
N GLN A 38 -4.97 -2.52 11.49
CA GLN A 38 -6.03 -1.55 11.16
C GLN A 38 -5.50 -0.43 10.25
N GLY A 39 -4.16 -0.33 10.11
CA GLY A 39 -3.52 0.67 9.22
C GLY A 39 -3.29 0.14 7.82
N ILE A 40 -3.44 -1.20 7.65
CA ILE A 40 -3.39 -1.85 6.35
C ILE A 40 -4.75 -1.68 5.66
N ARG A 41 -4.87 -0.60 4.90
CA ARG A 41 -6.14 -0.16 4.31
C ARG A 41 -6.38 -0.90 2.98
N PHE A 42 -7.09 -2.06 3.06
CA PHE A 42 -7.35 -2.91 1.88
C PHE A 42 -8.26 -2.20 0.88
N ILE A 43 -7.82 -2.14 -0.39
CA ILE A 43 -8.59 -1.49 -1.47
C ILE A 43 -9.80 -2.36 -1.80
N TYR A 44 -10.95 -2.02 -1.21
CA TYR A 44 -12.21 -2.70 -1.52
C TYR A 44 -12.80 -2.08 -2.80
N THR A 45 -13.25 -2.96 -3.71
CA THR A 45 -13.80 -2.59 -5.01
C THR A 45 -15.25 -2.07 -4.89
N ARG A 46 -15.91 -1.89 -6.06
CA ARG A 46 -17.34 -1.57 -6.15
C ARG A 46 -18.23 -2.61 -5.42
N GLU A 47 -17.74 -3.87 -5.34
CA GLU A 47 -18.46 -4.99 -4.70
C GLU A 47 -17.85 -5.30 -3.30
N GLY A 48 -16.87 -4.47 -2.89
CA GLY A 48 -16.20 -4.64 -1.59
C GLY A 48 -15.22 -5.82 -1.56
N ARG A 49 -14.59 -6.10 -2.69
CA ARG A 49 -13.61 -7.19 -2.85
C ARG A 49 -12.18 -6.65 -2.65
N PRO A 50 -11.26 -7.42 -1.98
CA PRO A 50 -9.83 -7.06 -1.94
C PRO A 50 -9.25 -7.07 -3.37
N SER A 51 -8.93 -5.87 -3.89
CA SER A 51 -8.52 -5.64 -5.29
C SER A 51 -7.20 -6.37 -5.67
N GLY A 52 -6.53 -6.95 -4.67
CA GLY A 52 -5.19 -7.51 -4.81
C GLY A 52 -4.15 -6.60 -4.19
N GLU A 53 -4.58 -5.35 -3.93
CA GLU A 53 -3.76 -4.30 -3.33
C GLU A 53 -4.35 -3.77 -2.02
N ALA A 54 -3.49 -3.14 -1.23
CA ALA A 54 -3.82 -2.52 0.06
C ALA A 54 -2.81 -1.42 0.36
N PHE A 55 -3.24 -0.38 1.07
CA PHE A 55 -2.34 0.69 1.53
C PHE A 55 -1.84 0.29 2.93
N VAL A 56 -0.68 0.81 3.35
CA VAL A 56 -0.15 0.59 4.72
C VAL A 56 0.39 1.94 5.25
N GLU A 57 -0.34 2.51 6.20
CA GLU A 57 -0.04 3.81 6.81
C GLU A 57 1.10 3.66 7.82
N LEU A 58 2.22 4.35 7.59
CA LEU A 58 3.46 4.16 8.37
C LEU A 58 3.80 5.46 9.13
N GLU A 59 4.53 5.29 10.26
CA GLU A 59 4.89 6.38 11.18
C GLU A 59 5.84 7.41 10.51
N SER A 60 6.66 6.94 9.56
CA SER A 60 7.69 7.75 8.90
C SER A 60 8.04 7.15 7.52
N GLU A 61 8.70 7.97 6.66
CA GLU A 61 9.16 7.54 5.34
C GLU A 61 10.34 6.55 5.43
N ASP A 62 10.95 6.44 6.61
CA ASP A 62 12.00 5.43 6.86
C ASP A 62 11.41 4.03 6.65
N GLU A 63 10.30 3.75 7.35
CA GLU A 63 9.53 2.50 7.20
C GLU A 63 9.02 2.30 5.77
N VAL A 64 8.70 3.42 5.08
CA VAL A 64 8.32 3.41 3.67
C VAL A 64 9.47 2.87 2.80
N LYS A 65 10.69 3.40 3.00
CA LYS A 65 11.94 2.94 2.33
C LYS A 65 12.15 1.42 2.50
N LEU A 66 11.93 0.94 3.74
CA LEU A 66 12.04 -0.49 4.09
C LEU A 66 11.04 -1.32 3.27
N ALA A 67 9.80 -0.81 3.23
CA ALA A 67 8.68 -1.41 2.47
C ALA A 67 9.00 -1.48 0.96
N LEU A 68 9.52 -0.36 0.40
CA LEU A 68 9.99 -0.26 -1.00
C LEU A 68 11.07 -1.31 -1.32
N LYS A 69 11.93 -1.60 -0.35
CA LYS A 69 13.01 -2.58 -0.49
C LYS A 69 12.49 -4.03 -0.39
N LYS A 70 11.29 -4.19 0.17
CA LYS A 70 10.61 -5.50 0.26
C LYS A 70 9.75 -5.76 -0.99
N ASP A 71 9.86 -4.87 -2.01
CA ASP A 71 9.20 -5.05 -3.31
C ASP A 71 9.78 -6.28 -4.07
N ARG A 72 10.95 -6.75 -3.61
CA ARG A 72 11.62 -7.96 -4.12
C ARG A 72 11.16 -9.21 -3.33
N GLU A 73 10.84 -9.05 -2.04
CA GLU A 73 10.41 -10.15 -1.15
C GLU A 73 9.10 -10.82 -1.62
N THR A 74 8.96 -12.11 -1.27
CA THR A 74 7.83 -12.94 -1.68
C THR A 74 7.00 -13.40 -0.47
N MET A 75 5.67 -13.20 -0.57
CA MET A 75 4.70 -13.82 0.36
C MET A 75 4.49 -15.28 -0.07
N GLY A 76 5.41 -16.14 0.40
CA GLY A 76 5.51 -17.53 -0.04
C GLY A 76 6.35 -17.61 -1.31
N HIS A 77 5.66 -17.63 -2.45
CA HIS A 77 6.29 -17.46 -3.78
C HIS A 77 5.60 -16.32 -4.56
N ARG A 78 4.64 -15.65 -3.89
CA ARG A 78 3.95 -14.47 -4.46
C ARG A 78 4.92 -13.30 -4.50
N TYR A 79 5.34 -12.90 -5.71
CA TYR A 79 6.22 -11.75 -5.90
C TYR A 79 5.44 -10.47 -5.57
N VAL A 80 5.79 -9.82 -4.45
CA VAL A 80 5.02 -8.73 -3.88
C VAL A 80 5.83 -7.44 -3.94
N GLU A 81 5.31 -6.48 -4.73
CA GLU A 81 5.91 -5.14 -4.89
C GLU A 81 5.17 -4.15 -4.02
N VAL A 82 5.92 -3.16 -3.51
CA VAL A 82 5.40 -2.11 -2.62
C VAL A 82 5.85 -0.75 -3.18
N PHE A 83 4.88 0.14 -3.42
CA PHE A 83 5.10 1.49 -3.98
C PHE A 83 4.89 2.52 -2.87
N LYS A 84 5.08 3.82 -3.16
CA LYS A 84 4.85 4.89 -2.18
C LYS A 84 3.57 5.62 -2.56
N SER A 85 2.66 5.75 -1.60
CA SER A 85 1.33 6.36 -1.78
C SER A 85 1.23 7.67 -0.97
N ASN A 86 -0.02 8.13 -0.80
CA ASN A 86 -0.38 9.33 -0.03
C ASN A 86 -1.75 9.07 0.59
N ASN A 87 -2.11 9.82 1.64
CA ASN A 87 -3.45 9.78 2.24
C ASN A 87 -4.49 10.29 1.22
N VAL A 88 -4.09 11.29 0.40
CA VAL A 88 -4.92 11.86 -0.67
C VAL A 88 -5.11 10.83 -1.80
N GLU A 89 -4.01 10.11 -2.16
CA GLU A 89 -4.09 9.03 -3.17
C GLU A 89 -5.02 7.92 -2.68
N MET A 90 -4.86 7.56 -1.39
CA MET A 90 -5.67 6.52 -0.73
C MET A 90 -7.16 6.89 -0.77
N ASP A 91 -7.44 8.20 -0.66
CA ASP A 91 -8.81 8.73 -0.76
C ASP A 91 -9.38 8.50 -2.16
N TRP A 92 -8.66 8.98 -3.19
CA TRP A 92 -9.12 8.98 -4.61
C TRP A 92 -9.30 7.54 -5.16
N VAL A 93 -8.47 6.59 -4.67
CA VAL A 93 -8.53 5.18 -5.10
C VAL A 93 -9.72 4.45 -4.45
N LEU A 94 -9.95 4.70 -3.14
CA LEU A 94 -11.08 4.09 -2.39
C LEU A 94 -12.42 4.74 -2.79
N LYS A 95 -12.36 5.97 -3.32
CA LYS A 95 -13.54 6.75 -3.72
C LYS A 95 -13.87 6.48 -5.19
N HIS A 96 -12.83 6.19 -5.99
CA HIS A 96 -12.96 5.83 -7.42
C HIS A 96 -12.03 4.65 -7.73
N THR A 97 -12.53 3.42 -7.52
CA THR A 97 -11.80 2.18 -7.80
C THR A 97 -11.86 1.85 -9.32
N GLY A 98 -10.96 2.51 -10.08
CA GLY A 98 -10.89 2.37 -11.53
C GLY A 98 -9.97 3.40 -12.15
N PRO A 99 -10.36 4.06 -13.29
CA PRO A 99 -9.54 5.12 -13.95
C PRO A 99 -9.36 6.36 -13.05
N ASN A 100 -10.45 6.75 -12.35
CA ASN A 100 -10.51 7.91 -11.42
C ASN A 100 -10.46 9.27 -12.18
N SER A 101 -11.23 10.27 -11.65
CA SER A 101 -11.34 11.65 -12.18
C SER A 101 -12.16 11.71 -13.51
N PRO A 102 -13.09 12.73 -13.65
CA PRO A 102 -13.85 12.95 -14.92
C PRO A 102 -12.94 13.37 -16.11
N ASP A 103 -13.59 13.53 -17.29
CA ASP A 103 -12.91 13.82 -18.58
C ASP A 103 -11.98 15.04 -18.49
N THR A 104 -12.54 16.14 -17.92
CA THR A 104 -11.87 17.45 -17.75
C THR A 104 -11.65 18.15 -19.11
N ALA A 105 -10.78 17.56 -19.93
CA ALA A 105 -10.49 17.99 -21.31
C ALA A 105 -10.21 16.76 -22.18
N ASN A 106 -10.45 16.87 -23.51
CA ASN A 106 -10.28 15.75 -24.45
C ASN A 106 -8.79 15.57 -24.81
N ASP A 107 -8.05 14.94 -23.89
CA ASP A 107 -6.62 14.59 -24.07
C ASP A 107 -6.27 13.35 -23.23
N GLY A 108 -7.33 12.65 -22.75
CA GLY A 108 -7.20 11.43 -21.95
C GLY A 108 -7.78 10.23 -22.71
N SER A 1 0.85 15.92 -12.09
CA SER A 1 2.18 16.24 -11.57
C SER A 1 2.06 16.84 -10.16
N HIS A 2 3.21 16.97 -9.45
CA HIS A 2 3.26 17.40 -8.03
C HIS A 2 2.46 16.35 -7.17
N MET A 3 1.72 16.79 -6.12
CA MET A 3 0.94 15.90 -5.20
C MET A 3 1.90 15.01 -4.36
N GLY A 4 2.47 13.98 -5.00
CA GLY A 4 3.36 13.00 -4.36
C GLY A 4 4.61 13.62 -3.70
N GLY A 5 4.45 14.00 -2.42
CA GLY A 5 5.52 14.59 -1.62
C GLY A 5 5.54 14.02 -0.23
N GLU A 6 4.36 14.04 0.43
CA GLU A 6 4.14 13.41 1.72
C GLU A 6 3.69 11.96 1.49
N GLY A 7 4.64 11.03 1.58
CA GLY A 7 4.35 9.62 1.47
C GLY A 7 3.86 9.06 2.79
N PHE A 8 4.82 8.55 3.59
CA PHE A 8 4.58 7.96 4.93
C PHE A 8 3.60 6.75 4.87
N VAL A 9 3.35 6.25 3.65
CA VAL A 9 2.45 5.14 3.36
C VAL A 9 3.05 4.37 2.18
N VAL A 10 2.93 3.03 2.17
CA VAL A 10 3.26 2.21 0.98
C VAL A 10 2.02 1.55 0.39
N LYS A 11 2.22 0.92 -0.79
CA LYS A 11 1.21 0.07 -1.44
C LYS A 11 1.73 -1.35 -1.50
N VAL A 12 0.88 -2.30 -1.16
CA VAL A 12 1.21 -3.72 -1.20
C VAL A 12 0.42 -4.37 -2.32
N ARG A 13 1.12 -4.91 -3.33
CA ARG A 13 0.50 -5.58 -4.48
C ARG A 13 1.12 -6.96 -4.64
N GLY A 14 0.34 -7.89 -5.21
CA GLY A 14 0.69 -9.32 -5.16
C GLY A 14 -0.09 -10.02 -4.06
N LEU A 15 -1.22 -9.40 -3.69
CA LEU A 15 -2.13 -9.88 -2.66
C LEU A 15 -3.29 -10.65 -3.31
N PRO A 16 -3.65 -11.86 -2.79
CA PRO A 16 -4.89 -12.56 -3.17
C PRO A 16 -6.16 -11.75 -2.84
N TRP A 17 -7.28 -12.16 -3.47
CA TRP A 17 -8.61 -11.55 -3.22
C TRP A 17 -9.18 -12.01 -1.85
N SER A 18 -8.49 -12.97 -1.21
CA SER A 18 -8.83 -13.48 0.13
C SER A 18 -7.75 -13.11 1.17
N CYS A 19 -6.86 -12.14 0.84
CA CYS A 19 -5.79 -11.67 1.74
C CYS A 19 -6.37 -10.95 2.97
N SER A 20 -5.59 -10.95 4.08
CA SER A 20 -6.00 -10.44 5.40
C SER A 20 -4.90 -9.53 6.00
N ALA A 21 -5.32 -8.58 6.86
CA ALA A 21 -4.43 -7.59 7.50
C ALA A 21 -3.24 -8.23 8.23
N ASP A 22 -3.52 -9.32 8.97
CA ASP A 22 -2.53 -10.08 9.76
C ASP A 22 -1.30 -10.51 8.96
N GLU A 23 -1.51 -11.09 7.77
CA GLU A 23 -0.41 -11.63 6.93
C GLU A 23 0.44 -10.51 6.30
N VAL A 24 -0.22 -9.39 5.93
CA VAL A 24 0.45 -8.21 5.34
C VAL A 24 1.33 -7.52 6.40
N GLN A 25 0.75 -7.32 7.60
CA GLN A 25 1.40 -6.67 8.73
C GLN A 25 2.62 -7.48 9.21
N ARG A 26 2.46 -8.81 9.26
CA ARG A 26 3.55 -9.74 9.54
C ARG A 26 4.71 -9.57 8.54
N PHE A 27 4.37 -9.51 7.24
CA PHE A 27 5.37 -9.40 6.16
C PHE A 27 6.10 -8.04 6.25
N PHE A 28 5.39 -6.99 6.69
CA PHE A 28 5.94 -5.62 6.87
C PHE A 28 6.17 -5.32 8.37
N SER A 29 6.57 -6.35 9.13
CA SER A 29 6.91 -6.23 10.56
C SER A 29 8.09 -5.24 10.81
N ASP A 30 8.99 -5.08 9.82
CA ASP A 30 10.17 -4.16 9.91
C ASP A 30 9.76 -2.68 10.00
N CYS A 31 8.52 -2.38 9.61
CA CYS A 31 8.01 -0.99 9.53
C CYS A 31 6.95 -0.77 10.62
N LYS A 32 7.03 0.39 11.31
CA LYS A 32 6.08 0.79 12.36
C LYS A 32 4.79 1.27 11.68
N ILE A 33 3.82 0.34 11.58
CA ILE A 33 2.53 0.61 10.93
C ILE A 33 1.62 1.40 11.87
N GLN A 34 1.16 2.57 11.40
CA GLN A 34 0.37 3.54 12.19
C GLN A 34 -0.98 2.92 12.62
N ASN A 35 -1.24 2.97 13.96
CA ASN A 35 -2.44 2.38 14.60
C ASN A 35 -2.54 0.85 14.39
N GLY A 36 -1.36 0.24 14.11
CA GLY A 36 -1.27 -1.20 13.79
C GLY A 36 -2.04 -1.55 12.52
N ALA A 37 -2.81 -2.66 12.55
CA ALA A 37 -3.65 -3.13 11.44
C ALA A 37 -4.64 -2.06 10.94
N GLN A 38 -4.98 -1.07 11.80
CA GLN A 38 -5.95 0.00 11.45
C GLN A 38 -5.36 0.93 10.35
N GLY A 39 -4.02 0.94 10.24
CA GLY A 39 -3.31 1.72 9.21
C GLY A 39 -3.35 1.05 7.83
N ILE A 40 -3.68 -0.26 7.80
CA ILE A 40 -3.79 -1.02 6.55
C ILE A 40 -5.21 -0.87 5.96
N ARG A 41 -5.27 -0.32 4.74
CA ARG A 41 -6.51 -0.13 3.98
C ARG A 41 -6.40 -0.83 2.63
N PHE A 42 -6.94 -2.05 2.54
CA PHE A 42 -7.01 -2.82 1.27
C PHE A 42 -7.94 -2.11 0.29
N ILE A 43 -7.58 -2.13 -1.01
CA ILE A 43 -8.49 -1.67 -2.06
C ILE A 43 -9.53 -2.77 -2.28
N TYR A 44 -10.60 -2.72 -1.49
CA TYR A 44 -11.75 -3.61 -1.68
C TYR A 44 -12.53 -3.12 -2.90
N THR A 45 -12.92 -4.03 -3.81
CA THR A 45 -13.74 -3.65 -4.98
C THR A 45 -15.22 -3.50 -4.52
N ARG A 46 -16.13 -3.26 -5.48
CA ARG A 46 -17.58 -3.09 -5.19
C ARG A 46 -18.22 -4.44 -4.74
N GLU A 47 -17.43 -5.53 -4.79
CA GLU A 47 -17.82 -6.88 -4.36
C GLU A 47 -17.25 -7.20 -2.95
N GLY A 48 -16.47 -6.26 -2.39
CA GLY A 48 -15.93 -6.35 -1.02
C GLY A 48 -14.72 -7.28 -0.87
N ARG A 49 -13.83 -7.29 -1.89
CA ARG A 49 -12.62 -8.16 -1.90
C ARG A 49 -11.37 -7.34 -2.29
N PRO A 50 -10.18 -7.55 -1.61
CA PRO A 50 -8.89 -6.93 -2.01
C PRO A 50 -8.55 -7.20 -3.49
N SER A 51 -8.46 -6.13 -4.28
CA SER A 51 -8.37 -6.20 -5.74
C SER A 51 -6.90 -6.20 -6.21
N GLY A 52 -6.06 -6.94 -5.45
CA GLY A 52 -4.63 -7.07 -5.75
C GLY A 52 -3.76 -6.15 -4.92
N GLU A 53 -4.26 -4.92 -4.67
CA GLU A 53 -3.50 -3.87 -3.95
C GLU A 53 -4.08 -3.58 -2.55
N ALA A 54 -3.23 -2.96 -1.74
CA ALA A 54 -3.56 -2.42 -0.41
C ALA A 54 -2.70 -1.19 -0.13
N PHE A 55 -3.10 -0.44 0.88
CA PHE A 55 -2.29 0.63 1.48
C PHE A 55 -1.88 0.18 2.89
N VAL A 56 -0.68 0.56 3.32
CA VAL A 56 -0.17 0.32 4.67
C VAL A 56 0.47 1.64 5.14
N GLU A 57 -0.21 2.35 6.05
CA GLU A 57 0.26 3.64 6.55
C GLU A 57 1.29 3.41 7.65
N LEU A 58 2.34 4.23 7.63
CA LEU A 58 3.55 4.07 8.44
C LEU A 58 3.85 5.39 9.17
N GLU A 59 4.32 5.29 10.43
CA GLU A 59 4.58 6.46 11.29
C GLU A 59 5.72 7.33 10.72
N SER A 60 6.63 6.71 9.98
CA SER A 60 7.83 7.38 9.44
C SER A 60 8.04 6.96 7.99
N GLU A 61 8.63 7.84 7.16
CA GLU A 61 9.01 7.49 5.78
C GLU A 61 10.31 6.65 5.76
N ASP A 62 10.96 6.53 6.92
CA ASP A 62 12.06 5.56 7.15
C ASP A 62 11.49 4.13 7.04
N GLU A 63 10.37 3.92 7.75
CA GLU A 63 9.54 2.70 7.67
C GLU A 63 9.16 2.39 6.21
N VAL A 64 8.86 3.45 5.43
CA VAL A 64 8.51 3.33 4.01
C VAL A 64 9.69 2.79 3.20
N LYS A 65 10.90 3.33 3.44
CA LYS A 65 12.15 2.86 2.78
C LYS A 65 12.38 1.34 2.99
N LEU A 66 12.12 0.87 4.22
CA LEU A 66 12.21 -0.55 4.58
C LEU A 66 11.18 -1.39 3.80
N ALA A 67 9.92 -0.92 3.83
CA ALA A 67 8.78 -1.57 3.15
C ALA A 67 9.00 -1.68 1.62
N LEU A 68 9.49 -0.59 1.00
CA LEU A 68 9.83 -0.50 -0.45
C LEU A 68 10.85 -1.57 -0.90
N LYS A 69 11.66 -2.07 0.04
CA LYS A 69 12.73 -3.06 -0.26
C LYS A 69 12.16 -4.49 -0.39
N LYS A 70 10.89 -4.65 -0.01
CA LYS A 70 10.15 -5.92 -0.16
C LYS A 70 9.42 -5.97 -1.52
N ASP A 71 9.67 -4.96 -2.39
CA ASP A 71 9.25 -4.93 -3.82
C ASP A 71 9.78 -6.13 -4.65
N ARG A 72 10.70 -6.91 -4.06
CA ARG A 72 11.36 -8.05 -4.72
C ARG A 72 11.01 -9.38 -4.02
N GLU A 73 10.96 -9.36 -2.67
CA GLU A 73 10.72 -10.55 -1.84
C GLU A 73 9.30 -11.16 -2.03
N THR A 74 9.15 -12.41 -1.58
CA THR A 74 7.91 -13.19 -1.70
C THR A 74 7.18 -13.28 -0.35
N MET A 75 5.86 -12.98 -0.36
CA MET A 75 4.97 -13.36 0.75
C MET A 75 4.88 -14.90 0.84
N GLY A 76 4.05 -15.53 -0.01
CA GLY A 76 4.06 -17.00 -0.13
C GLY A 76 4.93 -17.43 -1.30
N HIS A 77 4.27 -17.82 -2.39
CA HIS A 77 4.92 -18.15 -3.68
C HIS A 77 4.89 -16.91 -4.61
N ARG A 78 4.28 -15.81 -4.10
CA ARG A 78 3.99 -14.60 -4.88
C ARG A 78 4.95 -13.49 -4.47
N TYR A 79 5.52 -12.82 -5.47
CA TYR A 79 6.41 -11.67 -5.30
C TYR A 79 5.55 -10.44 -5.05
N VAL A 80 5.92 -9.61 -4.07
CA VAL A 80 5.14 -8.43 -3.69
C VAL A 80 5.74 -7.19 -4.37
N GLU A 81 4.89 -6.38 -5.01
CA GLU A 81 5.27 -5.10 -5.59
C GLU A 81 4.90 -4.00 -4.60
N VAL A 82 5.91 -3.27 -4.10
CA VAL A 82 5.71 -2.22 -3.10
C VAL A 82 6.04 -0.86 -3.69
N PHE A 83 5.06 0.05 -3.71
CA PHE A 83 5.25 1.45 -4.16
C PHE A 83 5.04 2.37 -2.95
N LYS A 84 5.22 3.68 -3.14
CA LYS A 84 5.00 4.66 -2.07
C LYS A 84 3.64 5.31 -2.30
N SER A 85 2.72 5.10 -1.37
CA SER A 85 1.38 5.67 -1.42
C SER A 85 1.36 7.06 -0.79
N ASN A 86 0.30 7.78 -1.15
CA ASN A 86 0.02 9.14 -0.66
C ASN A 86 -1.40 9.19 -0.11
N ASN A 87 -1.69 10.18 0.76
CA ASN A 87 -3.04 10.39 1.33
C ASN A 87 -4.05 10.77 0.24
N VAL A 88 -3.56 11.52 -0.77
CA VAL A 88 -4.37 11.95 -1.92
C VAL A 88 -4.90 10.72 -2.70
N GLU A 89 -4.02 9.73 -2.86
CA GLU A 89 -4.34 8.46 -3.51
C GLU A 89 -5.30 7.62 -2.64
N MET A 90 -4.89 7.35 -1.38
CA MET A 90 -5.64 6.50 -0.44
C MET A 90 -7.11 6.98 -0.30
N ASP A 91 -7.28 8.28 -0.04
CA ASP A 91 -8.60 8.91 0.14
C ASP A 91 -9.44 8.80 -1.15
N TRP A 92 -8.78 9.05 -2.30
CA TRP A 92 -9.42 8.96 -3.63
C TRP A 92 -9.94 7.53 -3.91
N VAL A 93 -9.16 6.53 -3.47
CA VAL A 93 -9.44 5.12 -3.71
C VAL A 93 -10.46 4.55 -2.69
N LEU A 94 -10.49 5.07 -1.46
CA LEU A 94 -11.46 4.60 -0.44
C LEU A 94 -12.87 5.15 -0.73
N LYS A 95 -12.92 6.31 -1.41
CA LYS A 95 -14.18 6.93 -1.89
C LYS A 95 -14.54 6.44 -3.31
N HIS A 96 -13.52 6.01 -4.09
CA HIS A 96 -13.69 5.44 -5.45
C HIS A 96 -12.81 4.19 -5.57
N THR A 97 -13.36 3.06 -5.14
CA THR A 97 -12.62 1.79 -4.97
C THR A 97 -12.14 1.20 -6.31
N GLY A 98 -10.85 1.44 -6.60
CA GLY A 98 -10.19 0.94 -7.81
C GLY A 98 -8.68 1.17 -7.77
N PRO A 99 -7.90 0.54 -8.70
CA PRO A 99 -6.41 0.62 -8.71
C PRO A 99 -5.88 2.01 -9.14
N ASN A 100 -4.63 2.30 -8.74
CA ASN A 100 -3.93 3.56 -9.09
C ASN A 100 -2.42 3.33 -9.03
N SER A 101 -1.67 4.10 -9.84
CA SER A 101 -0.21 4.05 -9.88
C SER A 101 0.36 5.35 -9.28
N PRO A 102 1.04 5.30 -8.08
CA PRO A 102 1.61 6.49 -7.43
C PRO A 102 3.09 6.74 -7.81
N ASP A 103 3.47 6.35 -9.04
CA ASP A 103 4.84 6.49 -9.56
C ASP A 103 5.15 7.97 -9.85
N THR A 104 5.43 8.71 -8.76
CA THR A 104 5.49 10.18 -8.75
C THR A 104 6.30 10.63 -7.51
N ALA A 105 7.41 11.35 -7.74
CA ALA A 105 8.30 11.82 -6.67
C ALA A 105 9.06 13.08 -7.12
N ASN A 106 8.32 14.19 -7.21
CA ASN A 106 8.90 15.53 -7.49
C ASN A 106 9.41 16.11 -6.16
N ASP A 107 10.59 15.63 -5.76
CA ASP A 107 11.20 15.93 -4.47
C ASP A 107 12.06 17.21 -4.56
N GLY A 108 11.61 18.26 -3.88
CA GLY A 108 12.31 19.55 -3.87
C GLY A 108 13.49 19.59 -2.88
#